data_5JYU
#
_entry.id   5JYU
#
_entity_poly.entity_id   1
_entity_poly.type   'polypeptide(L)'
_entity_poly.pdbx_seq_one_letter_code
;EGRIVLVSEDEATSTLICSILTTAGYQVIWLVDGEVERLLALTPIAVLLAEPFSYGDVQELVDQLRQRCTPEQLKIFILG
SKGNYQGVDRYIPLPIHPESFLQQVTMGLTSLATSAQ
;
_entity_poly.pdbx_strand_id   A
#
# COMPACT_ATOMS: atom_id res chain seq x y z
N GLU A 1 -2.21 2.14 16.71
CA GLU A 1 -1.30 2.18 15.53
C GLU A 1 -1.78 1.20 14.45
N GLY A 2 -0.96 1.02 13.43
CA GLY A 2 -1.30 0.11 12.36
C GLY A 2 -0.08 -0.35 11.59
N ARG A 3 -0.23 -1.39 10.79
CA ARG A 3 0.90 -1.93 10.02
C ARG A 3 0.65 -1.81 8.52
N ILE A 4 1.62 -1.23 7.82
CA ILE A 4 1.55 -1.07 6.37
C ILE A 4 2.79 -1.67 5.71
N VAL A 5 2.62 -2.43 4.64
CA VAL A 5 3.74 -3.04 3.95
C VAL A 5 3.99 -2.35 2.62
N LEU A 6 5.23 -1.91 2.41
CA LEU A 6 5.60 -1.20 1.19
C LEU A 6 6.49 -2.08 0.33
N VAL A 7 6.12 -2.26 -0.93
CA VAL A 7 6.89 -3.07 -1.85
C VAL A 7 7.41 -2.23 -3.00
N SER A 8 8.74 -2.17 -3.10
CA SER A 8 9.41 -1.40 -4.11
C SER A 8 10.88 -1.76 -4.20
N GLU A 9 11.51 -1.38 -5.29
CA GLU A 9 12.93 -1.65 -5.47
C GLU A 9 13.79 -0.40 -5.25
N ASP A 10 13.14 0.77 -5.19
CA ASP A 10 13.87 2.03 -5.01
C ASP A 10 13.92 2.46 -3.55
N GLU A 11 15.12 2.39 -2.97
CA GLU A 11 15.35 2.76 -1.58
C GLU A 11 15.08 4.25 -1.31
N ALA A 12 15.50 5.10 -2.25
CA ALA A 12 15.35 6.55 -2.10
C ALA A 12 13.89 6.99 -1.95
N THR A 13 13.01 6.46 -2.78
CA THR A 13 11.60 6.82 -2.70
C THR A 13 11.00 6.27 -1.42
N SER A 14 11.42 5.06 -1.08
CA SER A 14 10.93 4.36 0.11
C SER A 14 11.24 5.14 1.39
N THR A 15 12.43 5.71 1.49
CA THR A 15 12.82 6.45 2.69
C THR A 15 11.94 7.69 2.93
N LEU A 16 11.61 8.39 1.86
CA LEU A 16 10.79 9.60 1.95
C LEU A 16 9.34 9.27 2.34
N ILE A 17 8.76 8.28 1.67
CA ILE A 17 7.37 7.90 1.92
C ILE A 17 7.17 7.21 3.28
N CYS A 18 8.13 6.39 3.70
CA CYS A 18 8.06 5.67 4.97
C CYS A 18 8.03 6.65 6.14
N SER A 19 8.83 7.71 6.01
CA SER A 19 8.91 8.73 7.07
C SER A 19 7.55 9.41 7.27
N ILE A 20 6.85 9.67 6.17
CA ILE A 20 5.54 10.30 6.23
C ILE A 20 4.54 9.43 7.00
N LEU A 21 4.49 8.15 6.62
CA LEU A 21 3.59 7.19 7.26
C LEU A 21 3.95 6.90 8.71
N THR A 22 5.25 6.80 9.00
CA THR A 22 5.71 6.51 10.35
C THR A 22 5.38 7.66 11.30
N THR A 23 5.56 8.90 10.81
CA THR A 23 5.27 10.10 11.60
C THR A 23 3.80 10.10 12.04
N ALA A 24 2.93 9.66 11.13
CA ALA A 24 1.50 9.59 11.41
C ALA A 24 1.19 8.58 12.52
N GLY A 25 2.16 7.70 12.81
CA GLY A 25 1.97 6.70 13.85
C GLY A 25 1.82 5.29 13.31
N TYR A 26 1.99 5.13 12.00
CA TYR A 26 1.86 3.82 11.38
C TYR A 26 3.23 3.18 11.12
N GLN A 27 3.31 1.86 11.31
CA GLN A 27 4.54 1.14 11.08
C GLN A 27 4.62 0.67 9.63
N VAL A 28 5.78 0.84 9.02
CA VAL A 28 5.95 0.45 7.63
C VAL A 28 7.01 -0.63 7.46
N ILE A 29 6.65 -1.68 6.72
CA ILE A 29 7.58 -2.78 6.44
C ILE A 29 7.95 -2.72 4.96
N TRP A 30 9.24 -2.54 4.66
CA TRP A 30 9.68 -2.42 3.27
C TRP A 30 10.12 -3.76 2.69
N LEU A 31 9.54 -4.10 1.54
CA LEU A 31 9.86 -5.34 0.83
C LEU A 31 10.32 -5.03 -0.59
N VAL A 32 11.36 -5.71 -1.04
CA VAL A 32 11.90 -5.50 -2.39
C VAL A 32 11.45 -6.59 -3.36
N ASP A 33 10.48 -7.39 -2.95
CA ASP A 33 9.98 -8.49 -3.79
C ASP A 33 8.46 -8.43 -3.98
N GLY A 34 7.73 -8.77 -2.92
CA GLY A 34 6.28 -8.74 -3.00
C GLY A 34 5.64 -10.12 -3.10
N GLU A 35 6.29 -11.13 -2.53
CA GLU A 35 5.76 -12.49 -2.55
C GLU A 35 4.51 -12.57 -1.69
N VAL A 36 3.49 -13.21 -2.25
CA VAL A 36 2.20 -13.35 -1.59
C VAL A 36 2.30 -14.18 -0.30
N GLU A 37 3.21 -15.15 -0.26
CA GLU A 37 3.37 -15.97 0.93
C GLU A 37 3.82 -15.12 2.11
N ARG A 38 4.80 -14.25 1.86
CA ARG A 38 5.31 -13.36 2.88
C ARG A 38 4.30 -12.25 3.19
N LEU A 39 3.66 -11.72 2.14
CA LEU A 39 2.66 -10.67 2.32
C LEU A 39 1.47 -11.17 3.11
N LEU A 40 1.04 -12.40 2.82
CA LEU A 40 -0.08 -13.01 3.54
C LEU A 40 0.27 -13.23 5.02
N ALA A 41 1.48 -13.73 5.26
CA ALA A 41 1.94 -13.99 6.63
C ALA A 41 2.04 -12.70 7.45
N LEU A 42 2.50 -11.65 6.80
CA LEU A 42 2.66 -10.34 7.44
C LEU A 42 1.50 -9.44 7.05
N THR A 43 0.36 -10.05 6.79
CA THR A 43 -0.86 -9.35 6.37
C THR A 43 -1.12 -8.07 7.16
N PRO A 44 -0.92 -6.91 6.50
CA PRO A 44 -1.14 -5.59 7.09
C PRO A 44 -2.55 -5.06 6.82
N ILE A 45 -2.79 -3.84 7.27
CA ILE A 45 -4.08 -3.19 7.05
C ILE A 45 -4.18 -2.83 5.57
N ALA A 46 -3.05 -2.40 5.03
CA ALA A 46 -2.94 -1.98 3.65
C ALA A 46 -1.55 -2.21 3.09
N VAL A 47 -1.47 -2.39 1.77
CA VAL A 47 -0.20 -2.61 1.11
C VAL A 47 0.05 -1.53 0.06
N LEU A 48 1.30 -1.12 -0.07
CA LEU A 48 1.68 -0.13 -1.05
C LEU A 48 2.60 -0.77 -2.08
N LEU A 49 2.12 -0.92 -3.30
CA LEU A 49 2.91 -1.56 -4.34
C LEU A 49 3.47 -0.51 -5.29
N ALA A 50 4.79 -0.38 -5.35
CA ALA A 50 5.40 0.61 -6.21
C ALA A 50 6.09 -0.02 -7.42
N GLU A 51 5.86 0.59 -8.58
CA GLU A 51 6.46 0.13 -9.82
C GLU A 51 7.94 0.55 -9.88
N PRO A 52 8.81 -0.26 -10.50
CA PRO A 52 8.43 -1.55 -11.12
C PRO A 52 8.10 -2.62 -10.09
N PHE A 53 7.07 -3.40 -10.39
CA PHE A 53 6.63 -4.49 -9.51
C PHE A 53 7.53 -5.72 -9.62
N SER A 54 8.26 -6.01 -8.54
CA SER A 54 9.15 -7.17 -8.48
C SER A 54 8.37 -8.49 -8.57
N TYR A 55 7.24 -8.54 -7.88
CA TYR A 55 6.37 -9.72 -7.86
C TYR A 55 5.85 -10.10 -9.26
N GLY A 56 5.93 -9.18 -10.21
CA GLY A 56 5.47 -9.48 -11.55
C GLY A 56 4.10 -8.91 -11.87
N ASP A 57 3.13 -9.79 -12.06
CA ASP A 57 1.77 -9.37 -12.40
C ASP A 57 0.98 -8.94 -11.16
N VAL A 58 0.72 -7.64 -11.06
CA VAL A 58 -0.01 -7.08 -9.93
C VAL A 58 -1.46 -7.57 -9.87
N GLN A 59 -2.08 -7.84 -11.03
CA GLN A 59 -3.47 -8.30 -11.06
C GLN A 59 -3.62 -9.63 -10.32
N GLU A 60 -2.68 -10.54 -10.55
CA GLU A 60 -2.70 -11.84 -9.90
C GLU A 60 -2.50 -11.69 -8.39
N LEU A 61 -1.59 -10.79 -8.01
CA LEU A 61 -1.30 -10.54 -6.60
C LEU A 61 -2.54 -9.97 -5.92
N VAL A 62 -3.18 -9.01 -6.57
CA VAL A 62 -4.38 -8.37 -6.04
C VAL A 62 -5.49 -9.41 -5.91
N ASP A 63 -5.64 -10.24 -6.94
CA ASP A 63 -6.64 -11.30 -6.94
C ASP A 63 -6.40 -12.26 -5.77
N GLN A 64 -5.13 -12.59 -5.52
CA GLN A 64 -4.79 -13.50 -4.43
C GLN A 64 -5.03 -12.84 -3.07
N LEU A 65 -4.65 -11.57 -2.97
CA LEU A 65 -4.83 -10.82 -1.72
C LEU A 65 -6.32 -10.62 -1.43
N ARG A 66 -7.07 -10.30 -2.49
CA ARG A 66 -8.52 -10.06 -2.38
C ARG A 66 -9.25 -11.35 -2.04
N GLN A 67 -8.79 -12.45 -2.64
CA GLN A 67 -9.38 -13.76 -2.43
C GLN A 67 -9.20 -14.20 -0.97
N ARG A 68 -8.04 -13.89 -0.40
CA ARG A 68 -7.75 -14.27 0.98
C ARG A 68 -8.33 -13.26 1.97
N CYS A 69 -8.18 -11.98 1.65
CA CYS A 69 -8.69 -10.92 2.49
C CYS A 69 -9.54 -9.97 1.69
N THR A 70 -10.70 -9.62 2.21
CA THR A 70 -11.61 -8.70 1.52
C THR A 70 -10.99 -7.31 1.47
N PRO A 71 -11.44 -6.46 0.53
CA PRO A 71 -10.90 -5.09 0.39
C PRO A 71 -11.08 -4.28 1.67
N GLU A 72 -12.08 -4.61 2.46
CA GLU A 72 -12.32 -3.92 3.72
C GLU A 72 -11.24 -4.30 4.73
N GLN A 73 -10.87 -5.58 4.72
CA GLN A 73 -9.84 -6.11 5.62
C GLN A 73 -8.44 -5.63 5.24
N LEU A 74 -8.16 -5.57 3.93
CA LEU A 74 -6.85 -5.16 3.46
C LEU A 74 -6.96 -4.19 2.28
N LYS A 75 -6.43 -2.98 2.46
CA LYS A 75 -6.45 -1.97 1.40
C LYS A 75 -5.23 -2.13 0.50
N ILE A 76 -5.41 -1.88 -0.78
CA ILE A 76 -4.32 -2.00 -1.74
C ILE A 76 -4.12 -0.69 -2.50
N PHE A 77 -2.91 -0.16 -2.41
CA PHE A 77 -2.55 1.07 -3.09
C PHE A 77 -1.37 0.83 -4.03
N ILE A 78 -1.33 1.55 -5.15
CA ILE A 78 -0.24 1.39 -6.12
C ILE A 78 0.46 2.72 -6.39
N LEU A 79 1.80 2.67 -6.45
CA LEU A 79 2.61 3.85 -6.69
C LEU A 79 3.29 3.77 -8.04
N GLY A 80 3.28 4.88 -8.77
CA GLY A 80 3.90 4.92 -10.07
C GLY A 80 3.52 6.18 -10.83
N SER A 81 4.01 6.31 -12.05
CA SER A 81 3.71 7.46 -12.88
C SER A 81 2.24 7.48 -13.28
N LYS A 82 1.70 6.29 -13.52
CA LYS A 82 0.30 6.15 -13.90
C LYS A 82 -0.37 5.12 -13.01
N GLY A 83 -1.57 5.46 -12.54
CA GLY A 83 -2.30 4.55 -11.69
C GLY A 83 -2.87 3.37 -12.44
N ASN A 84 -2.29 2.20 -12.20
CA ASN A 84 -2.74 0.97 -12.84
C ASN A 84 -3.87 0.34 -12.03
N TYR A 85 -5.10 0.70 -12.37
CA TYR A 85 -6.27 0.19 -11.66
C TYR A 85 -6.52 -1.29 -11.97
N GLN A 86 -6.05 -2.15 -11.09
CA GLN A 86 -6.22 -3.59 -11.21
C GLN A 86 -6.92 -4.13 -9.97
N GLY A 87 -7.84 -3.34 -9.43
CA GLY A 87 -8.54 -3.74 -8.23
C GLY A 87 -8.03 -3.01 -7.00
N VAL A 88 -7.19 -2.01 -7.22
CA VAL A 88 -6.63 -1.22 -6.14
C VAL A 88 -7.62 -0.16 -5.67
N ASP A 89 -7.53 0.19 -4.41
CA ASP A 89 -8.41 1.18 -3.80
C ASP A 89 -8.12 2.59 -4.31
N ARG A 90 -6.85 2.94 -4.46
CA ARG A 90 -6.48 4.28 -4.92
C ARG A 90 -5.08 4.29 -5.54
N TYR A 91 -4.86 5.18 -6.50
CA TYR A 91 -3.57 5.32 -7.15
C TYR A 91 -2.89 6.61 -6.71
N ILE A 92 -1.58 6.55 -6.52
CA ILE A 92 -0.82 7.72 -6.08
C ILE A 92 0.34 7.99 -7.06
N PRO A 93 0.04 8.75 -8.14
CA PRO A 93 1.02 9.10 -9.19
C PRO A 93 2.19 9.95 -8.70
N LEU A 94 3.36 9.70 -9.27
CA LEU A 94 4.57 10.45 -8.95
C LEU A 94 4.59 11.77 -9.71
N PRO A 95 5.14 12.85 -9.11
CA PRO A 95 5.69 12.80 -7.76
C PRO A 95 4.60 12.76 -6.69
N ILE A 96 4.83 11.99 -5.64
CA ILE A 96 3.87 11.89 -4.56
C ILE A 96 3.97 13.09 -3.63
N HIS A 97 2.88 13.84 -3.51
CA HIS A 97 2.85 15.02 -2.65
C HIS A 97 2.53 14.62 -1.21
N PRO A 98 3.42 14.97 -0.25
CA PRO A 98 3.24 14.63 1.17
C PRO A 98 1.99 15.22 1.80
N GLU A 99 1.58 16.40 1.33
CA GLU A 99 0.41 17.08 1.87
C GLU A 99 -0.89 16.32 1.58
N SER A 100 -1.00 15.79 0.36
CA SER A 100 -2.20 15.08 -0.05
C SER A 100 -2.08 13.56 0.16
N PHE A 101 -0.85 13.06 0.25
CA PHE A 101 -0.62 11.62 0.43
C PHE A 101 -1.26 11.12 1.71
N LEU A 102 -0.99 11.83 2.82
CA LEU A 102 -1.54 11.44 4.11
C LEU A 102 -3.06 11.58 4.08
N GLN A 103 -3.52 12.64 3.42
CA GLN A 103 -4.95 12.90 3.28
C GLN A 103 -5.64 11.76 2.52
N GLN A 104 -5.01 11.31 1.43
CA GLN A 104 -5.56 10.22 0.62
C GLN A 104 -5.63 8.93 1.42
N VAL A 105 -4.60 8.65 2.20
CA VAL A 105 -4.56 7.45 3.02
C VAL A 105 -5.68 7.49 4.06
N THR A 106 -5.84 8.65 4.71
CA THR A 106 -6.87 8.84 5.71
C THR A 106 -8.27 8.70 5.09
N MET A 107 -8.47 9.31 3.93
CA MET A 107 -9.76 9.24 3.24
C MET A 107 -10.08 7.80 2.84
N GLY A 108 -9.08 7.09 2.32
CA GLY A 108 -9.29 5.70 1.95
C GLY A 108 -9.59 4.83 3.17
N LEU A 109 -8.87 5.10 4.26
CA LEU A 109 -9.03 4.38 5.51
C LEU A 109 -10.41 4.62 6.15
N THR A 110 -10.86 5.88 6.13
CA THR A 110 -12.15 6.25 6.73
C THR A 110 -13.35 5.73 5.92
N SER A 111 -13.11 5.10 4.78
CA SER A 111 -14.19 4.56 3.96
C SER A 111 -14.87 3.37 4.66
N LEU A 112 -14.14 2.76 5.60
CA LEU A 112 -14.66 1.61 6.34
C LEU A 112 -15.88 1.97 7.19
N ALA A 113 -15.83 3.13 7.83
CA ALA A 113 -16.94 3.58 8.67
C ALA A 113 -16.93 5.10 8.83
N THR A 114 -18.12 5.68 8.97
CA THR A 114 -18.25 7.12 9.13
C THR A 114 -17.74 7.59 10.49
N SER A 115 -17.82 6.72 11.49
CA SER A 115 -17.36 7.05 12.83
C SER A 115 -15.87 6.75 12.99
N ALA A 116 -15.05 7.53 12.29
CA ALA A 116 -13.60 7.36 12.34
C ALA A 116 -13.06 7.62 13.74
N GLN A 117 -13.61 8.63 14.41
CA GLN A 117 -13.19 8.97 15.76
C GLN A 117 -14.32 8.72 16.76
N GLU A 1 -2.69 -2.02 15.37
CA GLU A 1 -3.04 -2.66 14.07
C GLU A 1 -2.67 -1.75 12.91
N GLY A 2 -1.97 -0.67 13.21
CA GLY A 2 -1.56 0.27 12.19
C GLY A 2 -0.29 -0.14 11.47
N ARG A 3 -0.36 -1.25 10.76
CA ARG A 3 0.79 -1.77 10.03
C ARG A 3 0.55 -1.74 8.53
N ILE A 4 1.51 -1.18 7.80
CA ILE A 4 1.43 -1.08 6.34
C ILE A 4 2.66 -1.73 5.71
N VAL A 5 2.44 -2.54 4.68
CA VAL A 5 3.56 -3.21 4.02
C VAL A 5 3.82 -2.56 2.66
N LEU A 6 5.07 -2.17 2.44
CA LEU A 6 5.46 -1.50 1.21
C LEU A 6 6.27 -2.43 0.32
N VAL A 7 5.85 -2.59 -0.92
CA VAL A 7 6.55 -3.45 -1.86
C VAL A 7 7.10 -2.62 -3.01
N SER A 8 8.42 -2.64 -3.15
CA SER A 8 9.07 -1.87 -4.21
C SER A 8 10.54 -2.24 -4.32
N GLU A 9 11.02 -2.34 -5.55
CA GLU A 9 12.41 -2.67 -5.83
C GLU A 9 13.32 -1.45 -5.58
N ASP A 10 12.77 -0.25 -5.76
CA ASP A 10 13.54 0.98 -5.61
C ASP A 10 13.62 1.42 -4.15
N GLU A 11 14.82 1.30 -3.60
CA GLU A 11 15.11 1.69 -2.21
C GLU A 11 14.89 3.19 -1.98
N ALA A 12 15.31 4.01 -2.94
CA ALA A 12 15.21 5.46 -2.81
C ALA A 12 13.77 5.95 -2.65
N THR A 13 12.85 5.43 -3.47
CA THR A 13 11.45 5.82 -3.39
C THR A 13 10.82 5.31 -2.09
N SER A 14 11.17 4.07 -1.76
CA SER A 14 10.65 3.43 -0.56
C SER A 14 11.05 4.18 0.71
N THR A 15 12.30 4.64 0.76
CA THR A 15 12.82 5.36 1.91
C THR A 15 12.06 6.66 2.19
N LEU A 16 11.81 7.44 1.14
CA LEU A 16 11.11 8.72 1.27
C LEU A 16 9.68 8.55 1.77
N ILE A 17 8.94 7.62 1.18
CA ILE A 17 7.54 7.41 1.57
C ILE A 17 7.39 6.77 2.96
N CYS A 18 8.32 5.87 3.31
CA CYS A 18 8.29 5.19 4.61
C CYS A 18 8.43 6.19 5.75
N SER A 19 9.30 7.18 5.57
CA SER A 19 9.53 8.19 6.58
C SER A 19 8.25 8.99 6.84
N ILE A 20 7.52 9.32 5.77
CA ILE A 20 6.28 10.08 5.88
C ILE A 20 5.24 9.29 6.68
N LEU A 21 5.07 8.02 6.33
CA LEU A 21 4.11 7.14 7.00
C LEU A 21 4.48 6.87 8.46
N THR A 22 5.76 6.66 8.72
CA THR A 22 6.23 6.38 10.07
C THR A 22 6.01 7.59 10.98
N THR A 23 6.27 8.79 10.44
CA THR A 23 6.08 10.03 11.18
C THR A 23 4.62 10.17 11.63
N ALA A 24 3.71 9.77 10.75
CA ALA A 24 2.27 9.82 11.04
C ALA A 24 1.90 8.87 12.18
N GLY A 25 2.78 7.92 12.49
CA GLY A 25 2.53 6.98 13.56
C GLY A 25 2.26 5.58 13.07
N TYR A 26 2.39 5.36 11.77
CA TYR A 26 2.14 4.04 11.19
C TYR A 26 3.45 3.29 10.94
N GLN A 27 3.42 1.98 11.17
CA GLN A 27 4.61 1.14 10.96
C GLN A 27 4.63 0.65 9.52
N VAL A 28 5.79 0.74 8.88
CA VAL A 28 5.92 0.29 7.51
C VAL A 28 6.93 -0.84 7.36
N ILE A 29 6.53 -1.90 6.67
CA ILE A 29 7.40 -3.04 6.43
C ILE A 29 7.78 -3.03 4.94
N TRP A 30 9.07 -2.90 4.65
CA TRP A 30 9.54 -2.85 3.26
C TRP A 30 9.86 -4.25 2.72
N LEU A 31 9.24 -4.58 1.60
CA LEU A 31 9.44 -5.86 0.94
C LEU A 31 9.99 -5.67 -0.47
N VAL A 32 11.01 -6.45 -0.82
CA VAL A 32 11.63 -6.36 -2.14
C VAL A 32 11.27 -7.55 -3.03
N ASP A 33 10.14 -8.20 -2.74
CA ASP A 33 9.73 -9.38 -3.51
C ASP A 33 8.21 -9.49 -3.67
N GLY A 34 7.46 -9.04 -2.67
CA GLY A 34 6.01 -9.12 -2.74
C GLY A 34 5.46 -10.52 -2.53
N GLU A 35 6.20 -11.36 -1.79
CA GLU A 35 5.76 -12.72 -1.53
C GLU A 35 4.47 -12.74 -0.71
N VAL A 36 3.45 -13.38 -1.26
CA VAL A 36 2.15 -13.47 -0.63
C VAL A 36 2.21 -14.26 0.67
N GLU A 37 3.13 -15.23 0.76
CA GLU A 37 3.25 -16.03 1.97
C GLU A 37 3.69 -15.13 3.13
N ARG A 38 4.66 -14.25 2.85
CA ARG A 38 5.15 -13.31 3.85
C ARG A 38 4.11 -12.23 4.12
N LEU A 39 3.45 -11.77 3.06
CA LEU A 39 2.42 -10.73 3.18
C LEU A 39 1.25 -11.26 4.00
N LEU A 40 0.88 -12.52 3.75
CA LEU A 40 -0.21 -13.17 4.48
C LEU A 40 0.13 -13.31 5.95
N ALA A 41 1.36 -13.74 6.25
CA ALA A 41 1.83 -13.91 7.62
C ALA A 41 1.85 -12.58 8.39
N LEU A 42 2.28 -11.53 7.69
CA LEU A 42 2.37 -10.19 8.27
C LEU A 42 1.18 -9.34 7.87
N THR A 43 0.06 -10.02 7.64
CA THR A 43 -1.20 -9.38 7.20
C THR A 43 -1.40 -7.95 7.72
N PRO A 44 -1.19 -6.96 6.83
CA PRO A 44 -1.38 -5.54 7.13
C PRO A 44 -2.80 -5.07 6.83
N ILE A 45 -3.09 -3.81 7.12
CA ILE A 45 -4.40 -3.25 6.83
C ILE A 45 -4.45 -2.79 5.40
N ALA A 46 -3.28 -2.46 4.86
CA ALA A 46 -3.16 -2.00 3.49
C ALA A 46 -1.75 -2.20 2.97
N VAL A 47 -1.61 -2.32 1.65
CA VAL A 47 -0.31 -2.50 1.04
C VAL A 47 -0.06 -1.43 -0.03
N LEU A 48 1.20 -1.07 -0.18
CA LEU A 48 1.60 -0.07 -1.17
C LEU A 48 2.52 -0.69 -2.21
N LEU A 49 2.10 -0.69 -3.47
CA LEU A 49 2.93 -1.25 -4.53
C LEU A 49 3.53 -0.11 -5.34
N ALA A 50 4.85 0.05 -5.26
CA ALA A 50 5.49 1.14 -5.98
C ALA A 50 6.34 0.68 -7.15
N GLU A 51 6.21 1.38 -8.27
CA GLU A 51 6.98 1.07 -9.47
C GLU A 51 8.47 1.44 -9.26
N PRO A 52 9.40 0.58 -9.70
CA PRO A 52 9.08 -0.69 -10.37
C PRO A 52 8.64 -1.77 -9.39
N PHE A 53 7.66 -2.57 -9.82
CA PHE A 53 7.13 -3.64 -8.98
C PHE A 53 8.07 -4.85 -8.98
N SER A 54 8.55 -5.20 -7.79
CA SER A 54 9.45 -6.34 -7.64
C SER A 54 8.75 -7.66 -7.93
N TYR A 55 7.49 -7.78 -7.52
CA TYR A 55 6.70 -8.99 -7.76
C TYR A 55 6.41 -9.19 -9.25
N GLY A 56 6.43 -8.11 -10.02
CA GLY A 56 6.16 -8.22 -11.44
C GLY A 56 4.75 -7.82 -11.81
N ASP A 57 3.90 -8.82 -12.09
CA ASP A 57 2.52 -8.55 -12.50
C ASP A 57 1.62 -8.24 -11.30
N VAL A 58 1.20 -6.98 -11.21
CA VAL A 58 0.36 -6.49 -10.13
C VAL A 58 -1.03 -7.14 -10.07
N GLN A 59 -1.67 -7.33 -11.23
CA GLN A 59 -3.02 -7.91 -11.25
C GLN A 59 -3.06 -9.31 -10.62
N GLU A 60 -1.99 -10.07 -10.79
CA GLU A 60 -1.92 -11.40 -10.18
C GLU A 60 -1.76 -11.29 -8.66
N LEU A 61 -0.95 -10.33 -8.23
CA LEU A 61 -0.69 -10.09 -6.81
C LEU A 61 -1.95 -9.62 -6.10
N VAL A 62 -2.67 -8.70 -6.72
CA VAL A 62 -3.91 -8.17 -6.13
C VAL A 62 -4.96 -9.27 -6.08
N ASP A 63 -4.99 -10.11 -7.11
CA ASP A 63 -5.93 -11.23 -7.16
C ASP A 63 -5.64 -12.19 -6.02
N GLN A 64 -4.35 -12.43 -5.77
CA GLN A 64 -3.96 -13.33 -4.69
C GLN A 64 -4.27 -12.74 -3.33
N LEU A 65 -4.01 -11.44 -3.18
CA LEU A 65 -4.28 -10.75 -1.92
C LEU A 65 -5.78 -10.65 -1.67
N ARG A 66 -6.54 -10.34 -2.72
CA ARG A 66 -8.00 -10.21 -2.63
C ARG A 66 -8.65 -11.55 -2.31
N GLN A 67 -8.11 -12.60 -2.90
CA GLN A 67 -8.61 -13.94 -2.70
C GLN A 67 -8.48 -14.36 -1.23
N ARG A 68 -7.36 -13.97 -0.60
CA ARG A 68 -7.13 -14.31 0.80
C ARG A 68 -7.80 -13.31 1.73
N CYS A 69 -7.70 -12.03 1.39
CA CYS A 69 -8.30 -10.99 2.21
C CYS A 69 -9.19 -10.09 1.36
N THR A 70 -10.41 -9.87 1.83
CA THR A 70 -11.36 -9.03 1.12
C THR A 70 -10.95 -7.56 1.17
N PRO A 71 -11.45 -6.71 0.25
CA PRO A 71 -11.11 -5.28 0.22
C PRO A 71 -11.48 -4.55 1.52
N GLU A 72 -12.44 -5.10 2.26
CA GLU A 72 -12.85 -4.50 3.53
C GLU A 72 -11.87 -4.86 4.63
N GLN A 73 -11.02 -5.86 4.35
CA GLN A 73 -10.02 -6.32 5.31
C GLN A 73 -8.63 -5.78 4.98
N LEU A 74 -8.34 -5.64 3.69
CA LEU A 74 -7.03 -5.16 3.24
C LEU A 74 -7.16 -4.21 2.07
N LYS A 75 -6.53 -3.04 2.17
CA LYS A 75 -6.56 -2.05 1.09
C LYS A 75 -5.30 -2.13 0.25
N ILE A 76 -5.44 -1.92 -1.03
CA ILE A 76 -4.31 -1.98 -1.95
C ILE A 76 -4.15 -0.66 -2.70
N PHE A 77 -2.98 -0.07 -2.55
CA PHE A 77 -2.66 1.20 -3.21
C PHE A 77 -1.46 1.03 -4.14
N ILE A 78 -1.44 1.77 -5.25
CA ILE A 78 -0.35 1.69 -6.22
C ILE A 78 0.30 3.06 -6.45
N LEU A 79 1.62 3.07 -6.51
CA LEU A 79 2.39 4.29 -6.72
C LEU A 79 3.07 4.29 -8.07
N GLY A 80 2.99 5.41 -8.77
CA GLY A 80 3.60 5.52 -10.07
C GLY A 80 3.12 6.75 -10.82
N SER A 81 3.59 6.91 -12.04
CA SER A 81 3.19 8.06 -12.88
C SER A 81 1.72 7.95 -13.26
N LYS A 82 1.28 6.73 -13.51
CA LYS A 82 -0.11 6.48 -13.87
C LYS A 82 -0.67 5.37 -13.00
N GLY A 83 -1.83 5.64 -12.40
CA GLY A 83 -2.45 4.66 -11.53
C GLY A 83 -3.10 3.53 -12.30
N ASN A 84 -2.61 2.31 -12.05
CA ASN A 84 -3.15 1.12 -12.70
C ASN A 84 -4.31 0.58 -11.88
N TYR A 85 -5.52 1.01 -12.21
CA TYR A 85 -6.73 0.61 -11.49
C TYR A 85 -7.11 -0.85 -11.74
N GLN A 86 -6.24 -1.77 -11.37
CA GLN A 86 -6.51 -3.19 -11.53
C GLN A 86 -6.36 -3.89 -10.18
N GLY A 87 -7.47 -3.99 -9.45
CA GLY A 87 -7.43 -4.63 -8.14
C GLY A 87 -6.96 -3.71 -7.02
N VAL A 88 -6.92 -2.41 -7.29
CA VAL A 88 -6.49 -1.45 -6.28
C VAL A 88 -7.62 -0.47 -5.97
N ASP A 89 -7.66 -0.02 -4.72
CA ASP A 89 -8.70 0.91 -4.27
C ASP A 89 -8.45 2.34 -4.75
N ARG A 90 -7.21 2.79 -4.69
CA ARG A 90 -6.87 4.16 -5.09
C ARG A 90 -5.49 4.22 -5.74
N TYR A 91 -5.19 5.33 -6.41
CA TYR A 91 -3.89 5.51 -7.05
C TYR A 91 -3.23 6.80 -6.57
N ILE A 92 -1.90 6.76 -6.45
CA ILE A 92 -1.14 7.92 -6.02
C ILE A 92 -0.04 8.23 -7.03
N PRO A 93 -0.31 9.20 -7.94
CA PRO A 93 0.64 9.58 -9.00
C PRO A 93 1.82 10.41 -8.51
N LEU A 94 2.94 10.27 -9.22
CA LEU A 94 4.17 11.00 -8.92
C LEU A 94 4.17 12.34 -9.65
N PRO A 95 4.74 13.40 -9.04
CA PRO A 95 5.33 13.34 -7.70
C PRO A 95 4.27 13.21 -6.60
N ILE A 96 4.53 12.38 -5.62
CA ILE A 96 3.58 12.19 -4.52
C ILE A 96 3.69 13.36 -3.54
N HIS A 97 2.60 14.10 -3.37
CA HIS A 97 2.57 15.24 -2.46
C HIS A 97 2.21 14.77 -1.05
N PRO A 98 3.09 15.03 -0.06
CA PRO A 98 2.89 14.63 1.34
C PRO A 98 1.56 15.10 1.95
N GLU A 99 1.14 16.32 1.62
CA GLU A 99 -0.09 16.88 2.16
C GLU A 99 -1.33 16.10 1.70
N SER A 100 -1.35 15.74 0.43
CA SER A 100 -2.48 15.00 -0.13
C SER A 100 -2.36 13.51 0.16
N PHE A 101 -1.12 13.03 0.27
CA PHE A 101 -0.88 11.61 0.53
C PHE A 101 -1.50 11.17 1.86
N LEU A 102 -1.22 11.93 2.93
CA LEU A 102 -1.77 11.60 4.24
C LEU A 102 -3.29 11.76 4.26
N GLN A 103 -3.78 12.81 3.60
CA GLN A 103 -5.22 13.05 3.52
C GLN A 103 -5.92 11.96 2.72
N GLN A 104 -5.29 11.54 1.63
CA GLN A 104 -5.84 10.49 0.77
C GLN A 104 -5.94 9.17 1.53
N VAL A 105 -4.90 8.84 2.30
CA VAL A 105 -4.90 7.62 3.10
C VAL A 105 -6.01 7.68 4.15
N THR A 106 -6.14 8.83 4.79
CA THR A 106 -7.16 9.06 5.80
C THR A 106 -8.56 8.91 5.21
N MET A 107 -8.77 9.50 4.03
CA MET A 107 -10.08 9.41 3.37
C MET A 107 -10.43 7.97 3.05
N GLY A 108 -9.45 7.21 2.56
CA GLY A 108 -9.68 5.80 2.26
C GLY A 108 -9.96 5.00 3.53
N LEU A 109 -9.18 5.29 4.58
CA LEU A 109 -9.32 4.62 5.86
C LEU A 109 -10.69 4.88 6.51
N THR A 110 -11.13 6.13 6.47
CA THR A 110 -12.42 6.51 7.06
C THR A 110 -13.61 6.03 6.23
N SER A 111 -13.33 5.54 5.02
CA SER A 111 -14.38 5.03 4.14
C SER A 111 -14.70 3.58 4.50
N LEU A 112 -13.95 3.01 5.43
CA LEU A 112 -14.16 1.63 5.86
C LEU A 112 -14.95 1.59 7.16
N ALA A 113 -16.10 0.92 7.14
CA ALA A 113 -16.94 0.81 8.32
C ALA A 113 -17.66 -0.54 8.32
N THR A 114 -18.00 -1.02 9.52
CA THR A 114 -18.68 -2.30 9.66
C THR A 114 -19.93 -2.14 10.53
N SER A 115 -20.86 -3.08 10.40
CA SER A 115 -22.10 -3.05 11.17
C SER A 115 -21.85 -3.35 12.65
N ALA A 116 -20.75 -4.04 12.94
CA ALA A 116 -20.39 -4.39 14.30
C ALA A 116 -18.87 -4.42 14.46
N GLN A 117 -18.40 -4.15 15.67
CA GLN A 117 -16.98 -4.15 15.96
C GLN A 117 -16.65 -5.09 17.11
N GLU A 1 -1.97 3.51 15.15
CA GLU A 1 -0.73 2.69 15.15
C GLU A 1 -0.94 1.41 14.35
N GLY A 2 -1.46 1.56 13.14
CA GLY A 2 -1.71 0.41 12.28
C GLY A 2 -0.46 -0.03 11.54
N ARG A 3 -0.58 -1.12 10.79
CA ARG A 3 0.55 -1.65 10.02
C ARG A 3 0.29 -1.57 8.53
N ILE A 4 1.28 -1.05 7.80
CA ILE A 4 1.21 -0.90 6.35
C ILE A 4 2.49 -1.46 5.73
N VAL A 5 2.38 -2.19 4.62
CA VAL A 5 3.58 -2.74 3.99
C VAL A 5 3.88 -2.05 2.66
N LEU A 6 5.15 -1.93 2.34
CA LEU A 6 5.58 -1.29 1.10
C LEU A 6 6.30 -2.29 0.21
N VAL A 7 5.86 -2.40 -1.02
CA VAL A 7 6.48 -3.31 -1.99
C VAL A 7 7.05 -2.52 -3.13
N SER A 8 8.37 -2.61 -3.29
CA SER A 8 9.05 -1.88 -4.35
C SER A 8 10.50 -2.33 -4.48
N GLU A 9 11.10 -1.99 -5.60
CA GLU A 9 12.50 -2.31 -5.86
C GLU A 9 13.40 -1.09 -5.68
N ASP A 10 12.79 0.07 -5.45
CA ASP A 10 13.56 1.31 -5.29
C ASP A 10 13.67 1.71 -3.81
N GLU A 11 14.87 1.54 -3.27
CA GLU A 11 15.16 1.87 -1.87
C GLU A 11 15.02 3.37 -1.58
N ALA A 12 15.46 4.20 -2.53
CA ALA A 12 15.42 5.66 -2.36
C ALA A 12 14.00 6.18 -2.20
N THR A 13 13.08 5.68 -3.01
CA THR A 13 11.68 6.11 -2.92
C THR A 13 11.07 5.62 -1.62
N SER A 14 11.44 4.39 -1.26
CA SER A 14 10.92 3.75 -0.06
C SER A 14 11.29 4.51 1.22
N THR A 15 12.52 5.03 1.28
CA THR A 15 12.97 5.75 2.48
C THR A 15 12.15 7.01 2.73
N LEU A 16 11.82 7.73 1.66
CA LEU A 16 11.04 8.97 1.77
C LEU A 16 9.60 8.70 2.24
N ILE A 17 8.96 7.71 1.63
CA ILE A 17 7.57 7.39 1.97
C ILE A 17 7.43 6.71 3.34
N CYS A 18 8.40 5.86 3.69
CA CYS A 18 8.36 5.16 4.99
C CYS A 18 8.42 6.15 6.15
N SER A 19 9.25 7.18 5.99
CA SER A 19 9.40 8.20 7.02
C SER A 19 8.08 8.94 7.24
N ILE A 20 7.38 9.25 6.15
CA ILE A 20 6.11 9.96 6.21
C ILE A 20 5.06 9.14 6.98
N LEU A 21 4.94 7.86 6.61
CA LEU A 21 3.98 6.96 7.23
C LEU A 21 4.33 6.66 8.69
N THR A 22 5.61 6.46 8.98
CA THR A 22 6.06 6.16 10.33
C THR A 22 5.82 7.36 11.27
N THR A 23 6.09 8.56 10.76
CA THR A 23 5.89 9.79 11.54
C THR A 23 4.43 9.93 11.95
N ALA A 24 3.53 9.56 11.04
CA ALA A 24 2.09 9.62 11.30
C ALA A 24 1.69 8.66 12.42
N GLY A 25 2.56 7.71 12.73
CA GLY A 25 2.27 6.74 13.79
C GLY A 25 2.00 5.35 13.26
N TYR A 26 2.19 5.16 11.96
CA TYR A 26 1.96 3.86 11.35
C TYR A 26 3.26 3.09 11.14
N GLN A 27 3.22 1.78 11.34
CA GLN A 27 4.39 0.94 11.16
C GLN A 27 4.46 0.45 9.73
N VAL A 28 5.64 0.55 9.12
CA VAL A 28 5.80 0.12 7.75
C VAL A 28 6.87 -0.95 7.58
N ILE A 29 6.56 -1.94 6.73
CA ILE A 29 7.48 -3.02 6.42
C ILE A 29 7.77 -2.99 4.91
N TRP A 30 9.04 -2.90 4.53
CA TRP A 30 9.40 -2.83 3.12
C TRP A 30 9.81 -4.20 2.56
N LEU A 31 9.19 -4.54 1.43
CA LEU A 31 9.45 -5.80 0.74
C LEU A 31 9.97 -5.52 -0.67
N VAL A 32 11.14 -6.06 -0.98
CA VAL A 32 11.75 -5.87 -2.29
C VAL A 32 11.39 -7.01 -3.26
N ASP A 33 10.53 -7.92 -2.81
CA ASP A 33 10.16 -9.08 -3.63
C ASP A 33 8.65 -9.22 -3.80
N GLY A 34 7.88 -8.76 -2.82
CA GLY A 34 6.43 -8.86 -2.92
C GLY A 34 5.89 -10.27 -2.70
N GLU A 35 6.59 -11.07 -1.92
CA GLU A 35 6.16 -12.44 -1.65
C GLU A 35 4.86 -12.46 -0.86
N VAL A 36 3.86 -13.12 -1.43
CA VAL A 36 2.54 -13.23 -0.83
C VAL A 36 2.59 -13.95 0.51
N GLU A 37 3.42 -14.98 0.62
CA GLU A 37 3.51 -15.73 1.87
C GLU A 37 3.98 -14.82 3.00
N ARG A 38 4.97 -13.99 2.71
CA ARG A 38 5.48 -13.05 3.70
C ARG A 38 4.47 -11.94 3.97
N LEU A 39 3.83 -11.45 2.91
CA LEU A 39 2.82 -10.39 3.03
C LEU A 39 1.60 -10.89 3.80
N LEU A 40 1.20 -12.12 3.52
CA LEU A 40 0.05 -12.74 4.20
C LEU A 40 0.32 -12.91 5.69
N ALA A 41 1.53 -13.37 6.02
CA ALA A 41 1.92 -13.58 7.42
C ALA A 41 1.92 -12.27 8.20
N LEU A 42 2.38 -11.20 7.55
CA LEU A 42 2.43 -9.88 8.15
C LEU A 42 1.27 -9.04 7.65
N THR A 43 0.15 -9.72 7.36
CA THR A 43 -1.06 -9.08 6.83
C THR A 43 -1.41 -7.76 7.53
N PRO A 44 -1.26 -6.65 6.79
CA PRO A 44 -1.54 -5.30 7.27
C PRO A 44 -2.97 -4.86 6.95
N ILE A 45 -3.29 -3.61 7.27
CA ILE A 45 -4.61 -3.06 6.97
C ILE A 45 -4.67 -2.58 5.53
N ALA A 46 -3.50 -2.26 5.00
CA ALA A 46 -3.39 -1.77 3.64
C ALA A 46 -2.00 -2.01 3.07
N VAL A 47 -1.91 -2.15 1.76
CA VAL A 47 -0.64 -2.37 1.09
C VAL A 47 -0.35 -1.29 0.05
N LEU A 48 0.93 -0.99 -0.10
CA LEU A 48 1.37 0.01 -1.08
C LEU A 48 2.25 -0.65 -2.13
N LEU A 49 1.80 -0.67 -3.37
CA LEU A 49 2.57 -1.28 -4.44
C LEU A 49 3.17 -0.20 -5.33
N ALA A 50 4.49 -0.10 -5.33
CA ALA A 50 5.16 0.93 -6.12
C ALA A 50 5.83 0.37 -7.37
N GLU A 51 5.57 1.00 -8.49
CA GLU A 51 6.17 0.61 -9.77
C GLU A 51 7.66 0.97 -9.80
N PRO A 52 8.52 0.09 -10.35
CA PRO A 52 8.10 -1.22 -10.89
C PRO A 52 7.75 -2.22 -9.80
N PHE A 53 6.72 -3.03 -10.05
CA PHE A 53 6.29 -4.03 -9.09
C PHE A 53 7.34 -5.12 -8.93
N SER A 54 7.75 -5.38 -7.69
CA SER A 54 8.75 -6.39 -7.38
C SER A 54 8.25 -7.78 -7.75
N TYR A 55 6.98 -8.04 -7.45
CA TYR A 55 6.36 -9.33 -7.74
C TYR A 55 6.19 -9.54 -9.26
N GLY A 56 6.20 -8.45 -10.02
CA GLY A 56 6.03 -8.55 -11.45
C GLY A 56 4.63 -8.16 -11.88
N ASP A 57 3.80 -9.15 -12.19
CA ASP A 57 2.42 -8.87 -12.61
C ASP A 57 1.56 -8.52 -11.42
N VAL A 58 1.20 -7.24 -11.33
CA VAL A 58 0.38 -6.72 -10.23
C VAL A 58 -1.01 -7.35 -10.18
N GLN A 59 -1.58 -7.71 -11.34
CA GLN A 59 -2.91 -8.30 -11.39
C GLN A 59 -2.96 -9.63 -10.66
N GLU A 60 -1.91 -10.44 -10.82
CA GLU A 60 -1.83 -11.72 -10.14
C GLU A 60 -1.68 -11.52 -8.64
N LEU A 61 -0.87 -10.53 -8.27
CA LEU A 61 -0.61 -10.20 -6.87
C LEU A 61 -1.89 -9.72 -6.17
N VAL A 62 -2.61 -8.82 -6.83
CA VAL A 62 -3.86 -8.29 -6.26
C VAL A 62 -4.91 -9.38 -6.19
N ASP A 63 -4.93 -10.26 -7.18
CA ASP A 63 -5.86 -11.38 -7.21
C ASP A 63 -5.58 -12.32 -6.04
N GLN A 64 -4.30 -12.55 -5.76
CA GLN A 64 -3.91 -13.44 -4.67
C GLN A 64 -4.23 -12.82 -3.32
N LEU A 65 -3.99 -11.53 -3.19
CA LEU A 65 -4.27 -10.81 -1.95
C LEU A 65 -5.77 -10.69 -1.71
N ARG A 66 -6.51 -10.37 -2.79
CA ARG A 66 -7.97 -10.23 -2.70
C ARG A 66 -8.63 -11.57 -2.36
N GLN A 67 -8.08 -12.63 -2.93
CA GLN A 67 -8.59 -13.98 -2.70
C GLN A 67 -8.47 -14.37 -1.24
N ARG A 68 -7.35 -13.98 -0.61
CA ARG A 68 -7.13 -14.31 0.80
C ARG A 68 -7.80 -13.29 1.72
N CYS A 69 -7.69 -12.02 1.38
CA CYS A 69 -8.29 -10.97 2.17
C CYS A 69 -9.17 -10.09 1.30
N THR A 70 -10.40 -9.85 1.76
CA THR A 70 -11.34 -9.03 1.01
C THR A 70 -10.89 -7.58 1.00
N PRO A 71 -11.38 -6.78 0.02
CA PRO A 71 -11.02 -5.35 -0.09
C PRO A 71 -11.28 -4.59 1.20
N GLU A 72 -12.31 -5.01 1.93
CA GLU A 72 -12.66 -4.35 3.19
C GLU A 72 -11.62 -4.65 4.27
N GLN A 73 -11.14 -5.89 4.27
CA GLN A 73 -10.14 -6.34 5.23
C GLN A 73 -8.76 -5.74 4.94
N LEU A 74 -8.41 -5.70 3.66
CA LEU A 74 -7.11 -5.18 3.24
C LEU A 74 -7.24 -4.14 2.13
N LYS A 75 -6.78 -2.92 2.39
CA LYS A 75 -6.82 -1.87 1.38
C LYS A 75 -5.61 -1.96 0.48
N ILE A 76 -5.80 -1.64 -0.79
CA ILE A 76 -4.72 -1.71 -1.75
C ILE A 76 -4.49 -0.37 -2.43
N PHE A 77 -3.29 0.15 -2.27
CA PHE A 77 -2.90 1.43 -2.87
C PHE A 77 -1.73 1.20 -3.85
N ILE A 78 -1.70 1.96 -4.94
CA ILE A 78 -0.62 1.81 -5.93
C ILE A 78 0.09 3.14 -6.19
N LEU A 79 1.42 3.06 -6.28
CA LEU A 79 2.23 4.24 -6.55
C LEU A 79 2.83 4.15 -7.94
N GLY A 80 2.69 5.21 -8.71
CA GLY A 80 3.21 5.22 -10.05
C GLY A 80 2.69 6.40 -10.86
N SER A 81 2.89 6.35 -12.17
CA SER A 81 2.42 7.42 -13.04
C SER A 81 0.98 7.19 -13.50
N LYS A 82 0.48 5.97 -13.30
CA LYS A 82 -0.88 5.65 -13.70
C LYS A 82 -1.65 5.01 -12.56
N GLY A 83 -2.89 5.45 -12.38
CA GLY A 83 -3.74 4.92 -11.34
C GLY A 83 -4.97 4.23 -11.90
N ASN A 84 -4.89 3.79 -13.15
CA ASN A 84 -6.01 3.12 -13.81
C ASN A 84 -5.94 1.61 -13.67
N TYR A 85 -5.05 1.13 -12.80
CA TYR A 85 -4.87 -0.29 -12.57
C TYR A 85 -6.05 -0.85 -11.78
N GLN A 86 -6.42 -2.06 -12.14
CA GLN A 86 -7.53 -2.74 -11.47
C GLN A 86 -7.04 -3.52 -10.26
N GLY A 87 -7.92 -3.69 -9.28
CA GLY A 87 -7.55 -4.42 -8.08
C GLY A 87 -7.06 -3.51 -6.97
N VAL A 88 -7.08 -2.20 -7.21
CA VAL A 88 -6.64 -1.24 -6.21
C VAL A 88 -7.79 -0.30 -5.85
N ASP A 89 -7.75 0.22 -4.63
CA ASP A 89 -8.79 1.11 -4.16
C ASP A 89 -8.49 2.57 -4.46
N ARG A 90 -7.22 2.95 -4.39
CA ARG A 90 -6.82 4.33 -4.64
C ARG A 90 -5.50 4.38 -5.40
N TYR A 91 -5.19 5.54 -5.97
CA TYR A 91 -3.95 5.72 -6.72
C TYR A 91 -3.24 6.99 -6.29
N ILE A 92 -1.91 6.93 -6.27
CA ILE A 92 -1.10 8.07 -5.88
C ILE A 92 -0.01 8.35 -6.93
N PRO A 93 -0.35 9.18 -7.94
CA PRO A 93 0.56 9.53 -9.04
C PRO A 93 1.82 10.28 -8.59
N LEU A 94 2.94 9.97 -9.24
CA LEU A 94 4.22 10.62 -8.95
C LEU A 94 4.28 11.98 -9.65
N PRO A 95 4.93 12.98 -9.02
CA PRO A 95 5.56 12.82 -7.70
C PRO A 95 4.51 12.79 -6.59
N ILE A 96 4.75 11.96 -5.58
CA ILE A 96 3.83 11.85 -4.44
C ILE A 96 3.98 13.06 -3.53
N HIS A 97 2.89 13.80 -3.34
CA HIS A 97 2.90 14.97 -2.47
C HIS A 97 2.54 14.57 -1.04
N PRO A 98 3.45 14.81 -0.08
CA PRO A 98 3.26 14.46 1.34
C PRO A 98 1.97 15.00 1.96
N GLU A 99 1.60 16.22 1.59
CA GLU A 99 0.39 16.86 2.13
C GLU A 99 -0.88 16.11 1.73
N SER A 100 -0.97 15.71 0.47
CA SER A 100 -2.15 15.00 -0.02
C SER A 100 -2.05 13.49 0.20
N PHE A 101 -0.83 12.99 0.35
CA PHE A 101 -0.60 11.56 0.57
C PHE A 101 -1.30 11.10 1.85
N LEU A 102 -1.08 11.82 2.94
CA LEU A 102 -1.70 11.49 4.22
C LEU A 102 -3.21 11.63 4.13
N GLN A 103 -3.66 12.67 3.41
CA GLN A 103 -5.08 12.93 3.23
C GLN A 103 -5.76 11.79 2.48
N GLN A 104 -5.10 11.29 1.43
CA GLN A 104 -5.65 10.18 0.64
C GLN A 104 -5.77 8.91 1.48
N VAL A 105 -4.76 8.64 2.30
CA VAL A 105 -4.77 7.47 3.16
C VAL A 105 -5.92 7.58 4.17
N THR A 106 -6.06 8.77 4.75
CA THR A 106 -7.11 9.05 5.72
C THR A 106 -8.49 8.89 5.08
N MET A 107 -8.66 9.45 3.89
CA MET A 107 -9.93 9.36 3.18
C MET A 107 -10.28 7.91 2.87
N GLY A 108 -9.27 7.13 2.47
CA GLY A 108 -9.48 5.73 2.19
C GLY A 108 -9.94 4.97 3.41
N LEU A 109 -9.34 5.28 4.56
CA LEU A 109 -9.70 4.63 5.82
C LEU A 109 -11.12 5.00 6.24
N THR A 110 -11.49 6.26 6.05
CA THR A 110 -12.83 6.73 6.39
C THR A 110 -13.89 6.18 5.45
N SER A 111 -13.47 5.82 4.22
CA SER A 111 -14.38 5.25 3.24
C SER A 111 -14.90 3.90 3.73
N LEU A 112 -14.02 3.12 4.35
CA LEU A 112 -14.36 1.80 4.88
C LEU A 112 -15.40 1.92 6.01
N ALA A 113 -15.15 2.84 6.94
CA ALA A 113 -16.05 3.04 8.06
C ALA A 113 -15.93 4.46 8.61
N THR A 114 -17.03 4.99 9.13
CA THR A 114 -17.04 6.33 9.70
C THR A 114 -16.47 6.35 11.11
N SER A 115 -16.06 7.53 11.57
CA SER A 115 -15.50 7.69 12.90
C SER A 115 -15.72 9.10 13.41
N ALA A 116 -15.58 9.29 14.72
CA ALA A 116 -15.77 10.59 15.34
C ALA A 116 -14.84 10.77 16.53
N GLN A 117 -14.51 12.01 16.85
CA GLN A 117 -13.62 12.31 17.96
C GLN A 117 -14.42 12.80 19.17
N GLU A 1 -2.20 2.59 16.60
CA GLU A 1 -1.53 2.78 15.29
C GLU A 1 -2.01 1.75 14.28
N GLY A 2 -1.17 1.46 13.29
CA GLY A 2 -1.52 0.48 12.28
C GLY A 2 -0.29 0.00 11.54
N ARG A 3 -0.43 -1.10 10.80
CA ARG A 3 0.70 -1.65 10.05
C ARG A 3 0.42 -1.61 8.55
N ILE A 4 1.39 -1.08 7.80
CA ILE A 4 1.30 -0.98 6.35
C ILE A 4 2.51 -1.65 5.72
N VAL A 5 2.28 -2.46 4.69
CA VAL A 5 3.38 -3.14 4.03
C VAL A 5 3.67 -2.50 2.67
N LEU A 6 4.92 -2.13 2.46
CA LEU A 6 5.34 -1.47 1.24
C LEU A 6 6.19 -2.40 0.38
N VAL A 7 5.82 -2.53 -0.89
CA VAL A 7 6.55 -3.37 -1.82
C VAL A 7 7.14 -2.54 -2.94
N SER A 8 8.47 -2.56 -3.04
CA SER A 8 9.17 -1.80 -4.08
C SER A 8 10.65 -2.15 -4.08
N GLU A 9 11.20 -2.32 -5.27
CA GLU A 9 12.63 -2.63 -5.41
C GLU A 9 13.49 -1.36 -5.41
N ASP A 10 12.86 -0.19 -5.49
CA ASP A 10 13.60 1.07 -5.51
C ASP A 10 13.77 1.61 -4.08
N GLU A 11 15.01 1.56 -3.60
CA GLU A 11 15.34 2.00 -2.25
C GLU A 11 15.08 3.49 -2.03
N ALA A 12 15.41 4.30 -3.04
CA ALA A 12 15.24 5.76 -2.94
C ALA A 12 13.78 6.17 -2.69
N THR A 13 12.86 5.59 -3.44
CA THR A 13 11.45 5.92 -3.28
C THR A 13 10.90 5.35 -1.98
N SER A 14 11.32 4.11 -1.68
CA SER A 14 10.85 3.42 -0.49
C SER A 14 11.28 4.13 0.81
N THR A 15 12.52 4.62 0.87
CA THR A 15 13.01 5.30 2.07
C THR A 15 12.27 6.63 2.30
N LEU A 16 12.03 7.36 1.24
CA LEU A 16 11.33 8.65 1.32
C LEU A 16 9.88 8.46 1.75
N ILE A 17 9.21 7.48 1.16
CA ILE A 17 7.80 7.21 1.46
C ILE A 17 7.58 6.66 2.88
N CYS A 18 8.52 5.81 3.34
CA CYS A 18 8.41 5.21 4.67
C CYS A 18 8.49 6.25 5.77
N SER A 19 9.36 7.24 5.58
CA SER A 19 9.55 8.30 6.56
C SER A 19 8.25 9.10 6.76
N ILE A 20 7.55 9.38 5.67
CA ILE A 20 6.30 10.14 5.72
C ILE A 20 5.24 9.37 6.52
N LEU A 21 5.08 8.09 6.19
CA LEU A 21 4.10 7.23 6.86
C LEU A 21 4.44 6.99 8.33
N THR A 22 5.73 6.80 8.63
CA THR A 22 6.16 6.54 10.00
C THR A 22 5.91 7.77 10.88
N THR A 23 6.18 8.95 10.32
CA THR A 23 5.98 10.21 11.05
C THR A 23 4.52 10.35 11.47
N ALA A 24 3.61 9.94 10.59
CA ALA A 24 2.18 9.98 10.86
C ALA A 24 1.80 9.06 12.02
N GLY A 25 2.68 8.12 12.35
CA GLY A 25 2.41 7.20 13.44
C GLY A 25 2.13 5.78 12.97
N TYR A 26 2.29 5.54 11.67
CA TYR A 26 2.04 4.22 11.11
C TYR A 26 3.35 3.45 10.89
N GLN A 27 3.32 2.16 11.15
CA GLN A 27 4.49 1.31 10.97
C GLN A 27 4.51 0.77 9.55
N VAL A 28 5.67 0.83 8.91
CA VAL A 28 5.80 0.36 7.55
C VAL A 28 6.79 -0.79 7.41
N ILE A 29 6.36 -1.83 6.71
CA ILE A 29 7.21 -3.00 6.45
C ILE A 29 7.61 -2.98 4.98
N TRP A 30 8.90 -2.79 4.70
CA TRP A 30 9.37 -2.71 3.33
C TRP A 30 9.85 -4.07 2.81
N LEU A 31 9.27 -4.49 1.68
CA LEU A 31 9.64 -5.76 1.05
C LEU A 31 10.12 -5.53 -0.38
N VAL A 32 11.14 -6.28 -0.78
CA VAL A 32 11.71 -6.17 -2.12
C VAL A 32 11.36 -7.37 -3.01
N ASP A 33 10.29 -8.07 -2.68
CA ASP A 33 9.91 -9.27 -3.44
C ASP A 33 8.41 -9.34 -3.73
N GLY A 34 7.60 -8.91 -2.76
CA GLY A 34 6.16 -8.96 -2.94
C GLY A 34 5.57 -10.35 -2.78
N GLU A 35 6.30 -11.23 -2.10
CA GLU A 35 5.84 -12.60 -1.89
C GLU A 35 4.55 -12.61 -1.08
N VAL A 36 3.52 -13.23 -1.65
CA VAL A 36 2.20 -13.31 -1.04
C VAL A 36 2.21 -14.08 0.27
N GLU A 37 3.09 -15.08 0.40
CA GLU A 37 3.16 -15.87 1.62
C GLU A 37 3.58 -14.97 2.79
N ARG A 38 4.54 -14.10 2.54
CA ARG A 38 5.01 -13.16 3.56
C ARG A 38 3.97 -12.07 3.79
N LEU A 39 3.35 -11.60 2.70
CA LEU A 39 2.32 -10.57 2.79
C LEU A 39 1.13 -11.10 3.59
N LEU A 40 0.77 -12.35 3.32
CA LEU A 40 -0.34 -12.99 4.03
C LEU A 40 -0.02 -13.17 5.52
N ALA A 41 1.21 -13.60 5.80
CA ALA A 41 1.65 -13.82 7.18
C ALA A 41 1.65 -12.51 7.99
N LEU A 42 2.08 -11.43 7.35
CA LEU A 42 2.15 -10.13 8.00
C LEU A 42 0.97 -9.25 7.60
N THR A 43 -0.15 -9.90 7.30
CA THR A 43 -1.39 -9.23 6.88
C THR A 43 -1.62 -7.86 7.53
N PRO A 44 -1.40 -6.79 6.76
CA PRO A 44 -1.61 -5.41 7.21
C PRO A 44 -3.02 -4.92 6.91
N ILE A 45 -3.27 -3.66 7.22
CA ILE A 45 -4.58 -3.08 6.94
C ILE A 45 -4.65 -2.64 5.48
N ALA A 46 -3.47 -2.37 4.92
CA ALA A 46 -3.36 -1.94 3.54
C ALA A 46 -1.95 -2.18 3.00
N VAL A 47 -1.84 -2.35 1.69
CA VAL A 47 -0.55 -2.56 1.05
C VAL A 47 -0.28 -1.49 0.01
N LEU A 48 0.98 -1.11 -0.11
CA LEU A 48 1.40 -0.09 -1.07
C LEU A 48 2.35 -0.69 -2.09
N LEU A 49 1.97 -0.63 -3.37
CA LEU A 49 2.82 -1.17 -4.43
C LEU A 49 3.43 -0.01 -5.21
N ALA A 50 4.74 0.19 -5.08
CA ALA A 50 5.40 1.28 -5.76
C ALA A 50 6.28 0.81 -6.92
N GLU A 51 6.06 1.41 -8.08
CA GLU A 51 6.85 1.08 -9.27
C GLU A 51 8.29 1.59 -9.11
N PRO A 52 9.28 0.87 -9.65
CA PRO A 52 9.07 -0.41 -10.35
C PRO A 52 8.73 -1.56 -9.40
N PHE A 53 7.80 -2.41 -9.82
CA PHE A 53 7.37 -3.55 -9.01
C PHE A 53 8.42 -4.65 -9.00
N SER A 54 8.59 -5.31 -7.85
CA SER A 54 9.55 -6.39 -7.73
C SER A 54 8.89 -7.75 -7.99
N TYR A 55 7.61 -7.86 -7.63
CA TYR A 55 6.84 -9.09 -7.84
C TYR A 55 6.58 -9.35 -9.32
N GLY A 56 6.60 -8.30 -10.12
CA GLY A 56 6.35 -8.43 -11.54
C GLY A 56 4.92 -8.07 -11.91
N ASP A 57 4.08 -9.07 -12.16
CA ASP A 57 2.69 -8.82 -12.52
C ASP A 57 1.85 -8.60 -11.27
N VAL A 58 1.48 -7.35 -11.02
CA VAL A 58 0.70 -6.98 -9.86
C VAL A 58 -0.75 -7.47 -9.91
N GLN A 59 -1.29 -7.72 -11.10
CA GLN A 59 -2.68 -8.18 -11.22
C GLN A 59 -2.86 -9.52 -10.52
N GLU A 60 -1.88 -10.41 -10.70
CA GLU A 60 -1.91 -11.71 -10.06
C GLU A 60 -1.79 -11.57 -8.55
N LEU A 61 -0.92 -10.67 -8.13
CA LEU A 61 -0.69 -10.40 -6.71
C LEU A 61 -1.96 -9.84 -6.07
N VAL A 62 -2.60 -8.91 -6.77
CA VAL A 62 -3.83 -8.29 -6.30
C VAL A 62 -4.93 -9.35 -6.19
N ASP A 63 -5.02 -10.20 -7.21
CA ASP A 63 -6.00 -11.29 -7.20
C ASP A 63 -5.75 -12.22 -6.02
N GLN A 64 -4.49 -12.51 -5.75
CA GLN A 64 -4.13 -13.38 -4.64
C GLN A 64 -4.44 -12.71 -3.31
N LEU A 65 -4.15 -11.42 -3.21
CA LEU A 65 -4.41 -10.67 -1.99
C LEU A 65 -5.91 -10.55 -1.73
N ARG A 66 -6.68 -10.29 -2.79
CA ARG A 66 -8.14 -10.17 -2.67
C ARG A 66 -8.79 -11.52 -2.37
N GLN A 67 -8.22 -12.56 -2.96
CA GLN A 67 -8.72 -13.91 -2.77
C GLN A 67 -8.55 -14.33 -1.31
N ARG A 68 -7.45 -13.91 -0.69
CA ARG A 68 -7.18 -14.24 0.70
C ARG A 68 -7.89 -13.28 1.64
N CYS A 69 -7.80 -11.99 1.32
CA CYS A 69 -8.45 -10.97 2.13
C CYS A 69 -9.30 -10.05 1.28
N THR A 70 -10.53 -9.82 1.71
CA THR A 70 -11.44 -8.97 0.97
C THR A 70 -11.00 -7.50 1.06
N PRO A 71 -11.47 -6.65 0.13
CA PRO A 71 -11.11 -5.22 0.10
C PRO A 71 -11.40 -4.52 1.43
N GLU A 72 -12.44 -4.96 2.12
CA GLU A 72 -12.81 -4.37 3.40
C GLU A 72 -11.76 -4.71 4.47
N GLN A 73 -11.27 -5.94 4.40
CA GLN A 73 -10.27 -6.43 5.34
C GLN A 73 -8.90 -5.79 5.09
N LEU A 74 -8.55 -5.64 3.83
CA LEU A 74 -7.25 -5.07 3.46
C LEU A 74 -7.35 -4.18 2.22
N LYS A 75 -6.84 -2.96 2.34
CA LYS A 75 -6.85 -2.01 1.23
C LYS A 75 -5.59 -2.12 0.39
N ILE A 76 -5.74 -1.88 -0.90
CA ILE A 76 -4.62 -1.96 -1.83
C ILE A 76 -4.44 -0.62 -2.54
N PHE A 77 -3.26 -0.05 -2.38
CA PHE A 77 -2.92 1.22 -3.01
C PHE A 77 -1.69 1.06 -3.91
N ILE A 78 -1.66 1.80 -5.02
CA ILE A 78 -0.54 1.70 -5.96
C ILE A 78 0.05 3.08 -6.27
N LEU A 79 1.38 3.12 -6.33
CA LEU A 79 2.10 4.37 -6.62
C LEU A 79 2.91 4.22 -7.91
N GLY A 80 2.56 5.01 -8.92
CA GLY A 80 3.28 4.96 -10.17
C GLY A 80 2.50 5.57 -11.32
N SER A 81 3.16 6.49 -12.04
CA SER A 81 2.56 7.17 -13.19
C SER A 81 1.20 7.76 -12.83
N LYS A 82 0.15 7.25 -13.47
CA LYS A 82 -1.20 7.71 -13.23
C LYS A 82 -1.96 6.78 -12.29
N GLY A 83 -1.39 5.60 -12.04
CA GLY A 83 -2.01 4.63 -11.15
C GLY A 83 -3.28 4.01 -11.74
N ASN A 84 -3.34 3.93 -13.06
CA ASN A 84 -4.51 3.36 -13.73
C ASN A 84 -4.45 1.83 -13.74
N TYR A 85 -4.71 1.24 -12.57
CA TYR A 85 -4.69 -0.20 -12.41
C TYR A 85 -5.94 -0.67 -11.70
N GLN A 86 -6.39 -1.86 -12.04
CA GLN A 86 -7.59 -2.43 -11.43
C GLN A 86 -7.25 -3.22 -10.18
N GLY A 87 -8.22 -3.32 -9.27
CA GLY A 87 -8.00 -4.06 -8.04
C GLY A 87 -7.46 -3.20 -6.90
N VAL A 88 -7.34 -1.90 -7.13
CA VAL A 88 -6.84 -1.01 -6.09
C VAL A 88 -7.93 -0.02 -5.68
N ASP A 89 -7.93 0.31 -4.39
CA ASP A 89 -8.91 1.26 -3.84
C ASP A 89 -8.64 2.69 -4.27
N ARG A 90 -7.38 3.08 -4.31
CA ARG A 90 -7.01 4.44 -4.70
C ARG A 90 -5.58 4.48 -5.24
N TYR A 91 -5.34 5.39 -6.17
CA TYR A 91 -4.02 5.52 -6.78
C TYR A 91 -3.29 6.76 -6.28
N ILE A 92 -1.97 6.66 -6.18
CA ILE A 92 -1.13 7.77 -5.73
C ILE A 92 -0.11 8.12 -6.81
N PRO A 93 -0.43 9.12 -7.66
CA PRO A 93 0.45 9.55 -8.76
C PRO A 93 1.66 10.37 -8.30
N LEU A 94 2.71 10.33 -9.12
CA LEU A 94 3.93 11.07 -8.86
C LEU A 94 3.99 12.33 -9.74
N PRO A 95 4.60 13.42 -9.26
CA PRO A 95 5.19 13.52 -7.92
C PRO A 95 4.16 13.35 -6.81
N ILE A 96 4.52 12.57 -5.79
CA ILE A 96 3.61 12.35 -4.67
C ILE A 96 3.70 13.51 -3.68
N HIS A 97 2.57 14.19 -3.47
CA HIS A 97 2.52 15.31 -2.54
C HIS A 97 2.22 14.81 -1.13
N PRO A 98 3.10 15.13 -0.16
CA PRO A 98 2.95 14.69 1.24
C PRO A 98 1.66 15.19 1.89
N GLU A 99 1.21 16.37 1.48
CA GLU A 99 0.00 16.97 2.03
C GLU A 99 -1.24 16.14 1.70
N SER A 100 -1.34 15.68 0.46
CA SER A 100 -2.50 14.90 0.02
C SER A 100 -2.27 13.41 0.20
N PHE A 101 -1.00 12.99 0.31
CA PHE A 101 -0.67 11.57 0.49
C PHE A 101 -1.30 11.04 1.78
N LEU A 102 -1.11 11.77 2.87
CA LEU A 102 -1.66 11.38 4.16
C LEU A 102 -3.19 11.42 4.11
N GLN A 103 -3.71 12.43 3.41
CA GLN A 103 -5.16 12.59 3.27
C GLN A 103 -5.77 11.40 2.54
N GLN A 104 -5.09 10.91 1.50
CA GLN A 104 -5.58 9.76 0.74
C GLN A 104 -5.62 8.50 1.60
N VAL A 105 -4.56 8.31 2.40
CA VAL A 105 -4.49 7.15 3.28
C VAL A 105 -5.60 7.22 4.34
N THR A 106 -5.76 8.40 4.92
CA THR A 106 -6.78 8.63 5.96
C THR A 106 -8.18 8.37 5.40
N MET A 107 -8.47 8.95 4.24
CA MET A 107 -9.78 8.77 3.61
C MET A 107 -10.02 7.30 3.28
N GLY A 108 -8.97 6.63 2.80
CA GLY A 108 -9.06 5.23 2.45
C GLY A 108 -9.42 4.34 3.63
N LEU A 109 -8.86 4.62 4.81
CA LEU A 109 -9.13 3.80 5.99
C LEU A 109 -10.37 4.30 6.75
N THR A 110 -10.57 5.62 6.76
CA THR A 110 -11.71 6.23 7.45
C THR A 110 -13.04 5.79 6.84
N SER A 111 -13.09 5.70 5.52
CA SER A 111 -14.32 5.28 4.83
C SER A 111 -14.72 3.87 5.24
N LEU A 112 -13.73 3.00 5.47
CA LEU A 112 -13.99 1.63 5.87
C LEU A 112 -14.55 1.58 7.31
N ALA A 113 -13.92 2.34 8.21
CA ALA A 113 -14.34 2.40 9.60
C ALA A 113 -13.90 3.69 10.26
N THR A 114 -14.69 4.17 11.21
CA THR A 114 -14.38 5.41 11.91
C THR A 114 -13.37 5.17 13.03
N SER A 115 -12.70 6.24 13.47
CA SER A 115 -11.71 6.14 14.53
C SER A 115 -12.02 7.13 15.65
N ALA A 116 -11.67 6.77 16.88
CA ALA A 116 -11.91 7.64 18.03
C ALA A 116 -10.81 7.46 19.07
N GLN A 117 -10.59 8.49 19.88
CA GLN A 117 -9.57 8.44 20.90
C GLN A 117 -10.20 8.35 22.29
N GLU A 1 -1.97 3.94 14.15
CA GLU A 1 -0.95 3.00 14.71
C GLU A 1 -1.08 1.62 14.05
N GLY A 2 -1.60 1.61 12.83
CA GLY A 2 -1.77 0.37 12.11
C GLY A 2 -0.50 -0.08 11.41
N ARG A 3 -0.57 -1.24 10.75
CA ARG A 3 0.58 -1.79 10.05
C ARG A 3 0.38 -1.71 8.53
N ILE A 4 1.36 -1.13 7.83
CA ILE A 4 1.31 -1.01 6.38
C ILE A 4 2.55 -1.64 5.76
N VAL A 5 2.36 -2.44 4.71
CA VAL A 5 3.48 -3.09 4.04
C VAL A 5 3.75 -2.41 2.70
N LEU A 6 5.00 -2.02 2.51
CA LEU A 6 5.41 -1.33 1.30
C LEU A 6 6.28 -2.23 0.43
N VAL A 7 5.91 -2.38 -0.83
CA VAL A 7 6.66 -3.21 -1.75
C VAL A 7 7.22 -2.35 -2.88
N SER A 8 8.54 -2.32 -2.98
CA SER A 8 9.21 -1.52 -4.00
C SER A 8 10.68 -1.86 -4.10
N GLU A 9 11.21 -1.80 -5.31
CA GLU A 9 12.62 -2.08 -5.55
C GLU A 9 13.46 -0.80 -5.47
N ASP A 10 12.81 0.36 -5.44
CA ASP A 10 13.52 1.63 -5.39
C ASP A 10 13.70 2.11 -3.95
N GLU A 11 14.95 2.10 -3.50
CA GLU A 11 15.29 2.52 -2.14
C GLU A 11 14.97 4.00 -1.88
N ALA A 12 15.23 4.84 -2.89
CA ALA A 12 15.02 6.29 -2.75
C ALA A 12 13.57 6.66 -2.46
N THR A 13 12.63 6.06 -3.18
CA THR A 13 11.22 6.36 -2.94
C THR A 13 10.72 5.68 -1.68
N SER A 14 11.23 4.47 -1.43
CA SER A 14 10.81 3.71 -0.26
C SER A 14 11.20 4.41 1.05
N THR A 15 12.42 4.93 1.11
CA THR A 15 12.90 5.61 2.32
C THR A 15 12.13 6.91 2.58
N LEU A 16 11.87 7.66 1.52
CA LEU A 16 11.13 8.92 1.63
C LEU A 16 9.68 8.69 2.03
N ILE A 17 9.05 7.70 1.40
CA ILE A 17 7.65 7.39 1.66
C ILE A 17 7.43 6.78 3.06
N CYS A 18 8.36 5.95 3.51
CA CYS A 18 8.26 5.30 4.82
C CYS A 18 8.30 6.33 5.95
N SER A 19 9.15 7.34 5.78
CA SER A 19 9.30 8.39 6.78
C SER A 19 7.99 9.14 6.98
N ILE A 20 7.30 9.43 5.88
CA ILE A 20 6.02 10.15 5.93
C ILE A 20 4.97 9.34 6.68
N LEU A 21 4.85 8.07 6.32
CA LEU A 21 3.88 7.16 6.95
C LEU A 21 4.21 6.89 8.42
N THR A 22 5.49 6.71 8.73
CA THR A 22 5.91 6.44 10.10
C THR A 22 5.63 7.64 11.01
N THR A 23 5.88 8.84 10.49
CA THR A 23 5.65 10.08 11.24
C THR A 23 4.18 10.18 11.66
N ALA A 24 3.28 9.76 10.77
CA ALA A 24 1.85 9.78 11.04
C ALA A 24 1.48 8.82 12.18
N GLY A 25 2.38 7.90 12.49
CA GLY A 25 2.13 6.95 13.56
C GLY A 25 1.90 5.54 13.07
N TYR A 26 2.09 5.33 11.77
CA TYR A 26 1.88 4.00 11.18
C TYR A 26 3.20 3.27 10.98
N GLN A 27 3.20 1.96 11.24
CA GLN A 27 4.39 1.15 11.05
C GLN A 27 4.47 0.65 9.62
N VAL A 28 5.64 0.79 9.01
CA VAL A 28 5.80 0.37 7.63
C VAL A 28 6.85 -0.73 7.47
N ILE A 29 6.49 -1.78 6.75
CA ILE A 29 7.39 -2.88 6.48
C ILE A 29 7.74 -2.84 4.98
N TRP A 30 9.00 -2.62 4.68
CA TRP A 30 9.44 -2.51 3.30
C TRP A 30 9.99 -3.83 2.75
N LEU A 31 9.41 -4.28 1.65
CA LEU A 31 9.82 -5.52 0.99
C LEU A 31 10.25 -5.25 -0.45
N VAL A 32 11.29 -5.96 -0.90
CA VAL A 32 11.80 -5.80 -2.25
C VAL A 32 11.50 -7.03 -3.10
N ASP A 33 10.49 -7.81 -2.69
CA ASP A 33 10.15 -9.04 -3.40
C ASP A 33 8.67 -9.13 -3.77
N GLY A 34 7.79 -8.86 -2.81
CA GLY A 34 6.36 -8.92 -3.07
C GLY A 34 5.79 -10.33 -3.02
N GLU A 35 6.44 -11.23 -2.30
CA GLU A 35 5.97 -12.61 -2.19
C GLU A 35 4.67 -12.67 -1.39
N VAL A 36 3.71 -13.37 -1.95
CA VAL A 36 2.39 -13.55 -1.34
C VAL A 36 2.48 -14.24 0.00
N GLU A 37 3.32 -15.27 0.11
CA GLU A 37 3.46 -15.99 1.38
C GLU A 37 3.96 -15.05 2.48
N ARG A 38 4.93 -14.21 2.14
CA ARG A 38 5.47 -13.25 3.10
C ARG A 38 4.46 -12.15 3.40
N LEU A 39 3.76 -11.69 2.34
CA LEU A 39 2.75 -10.65 2.50
C LEU A 39 1.58 -11.18 3.32
N LEU A 40 1.18 -12.42 3.08
CA LEU A 40 0.09 -13.05 3.82
C LEU A 40 0.45 -13.22 5.30
N ALA A 41 1.68 -13.66 5.55
CA ALA A 41 2.16 -13.88 6.93
C ALA A 41 2.18 -12.57 7.72
N LEU A 42 2.60 -11.50 7.06
CA LEU A 42 2.66 -10.18 7.69
C LEU A 42 1.48 -9.34 7.26
N THR A 43 0.36 -10.02 6.99
CA THR A 43 -0.87 -9.38 6.51
C THR A 43 -1.22 -8.09 7.28
N PRO A 44 -1.09 -6.95 6.58
CA PRO A 44 -1.40 -5.62 7.12
C PRO A 44 -2.83 -5.20 6.81
N ILE A 45 -3.17 -3.97 7.18
CA ILE A 45 -4.49 -3.44 6.91
C ILE A 45 -4.56 -2.92 5.49
N ALA A 46 -3.40 -2.60 4.94
CA ALA A 46 -3.29 -2.09 3.59
C ALA A 46 -1.88 -2.29 3.04
N VAL A 47 -1.78 -2.43 1.73
CA VAL A 47 -0.48 -2.61 1.09
C VAL A 47 -0.22 -1.50 0.08
N LEU A 48 1.03 -1.10 -0.02
CA LEU A 48 1.43 -0.07 -0.97
C LEU A 48 2.34 -0.68 -2.03
N LEU A 49 1.91 -0.69 -3.27
CA LEU A 49 2.70 -1.27 -4.34
C LEU A 49 3.34 -0.15 -5.15
N ALA A 50 4.66 -0.02 -5.04
CA ALA A 50 5.37 1.03 -5.75
C ALA A 50 6.19 0.50 -6.92
N GLU A 51 6.11 1.19 -8.04
CA GLU A 51 6.88 0.82 -9.23
C GLU A 51 8.36 1.12 -9.02
N PRO A 52 9.26 0.29 -9.60
CA PRO A 52 8.88 -0.89 -10.38
C PRO A 52 8.42 -2.06 -9.52
N PHE A 53 7.42 -2.78 -10.00
CA PHE A 53 6.88 -3.94 -9.29
C PHE A 53 7.89 -5.09 -9.26
N SER A 54 8.06 -5.71 -8.10
CA SER A 54 8.99 -6.83 -7.94
C SER A 54 8.27 -8.17 -8.06
N TYR A 55 7.04 -8.21 -7.57
CA TYR A 55 6.22 -9.43 -7.62
C TYR A 55 5.79 -9.79 -9.04
N GLY A 56 5.87 -8.82 -9.95
CA GLY A 56 5.51 -9.08 -11.33
C GLY A 56 4.13 -8.56 -11.71
N ASP A 57 3.18 -9.47 -11.89
CA ASP A 57 1.82 -9.10 -12.30
C ASP A 57 0.96 -8.66 -11.12
N VAL A 58 0.56 -7.38 -11.14
CA VAL A 58 -0.26 -6.78 -10.09
C VAL A 58 -1.63 -7.46 -9.95
N GLN A 59 -2.27 -7.77 -11.08
CA GLN A 59 -3.60 -8.37 -11.06
C GLN A 59 -3.61 -9.72 -10.35
N GLU A 60 -2.59 -10.53 -10.58
CA GLU A 60 -2.50 -11.84 -9.93
C GLU A 60 -2.33 -11.68 -8.42
N LEU A 61 -1.51 -10.71 -8.02
CA LEU A 61 -1.28 -10.42 -6.61
C LEU A 61 -2.56 -9.95 -5.94
N VAL A 62 -3.27 -9.05 -6.63
CA VAL A 62 -4.52 -8.51 -6.14
C VAL A 62 -5.56 -9.61 -6.00
N ASP A 63 -5.63 -10.48 -7.00
CA ASP A 63 -6.56 -11.60 -6.97
C ASP A 63 -6.28 -12.49 -5.76
N GLN A 64 -5.00 -12.71 -5.48
CA GLN A 64 -4.61 -13.54 -4.35
C GLN A 64 -4.91 -12.83 -3.03
N LEU A 65 -4.63 -11.53 -2.97
CA LEU A 65 -4.88 -10.75 -1.77
C LEU A 65 -6.38 -10.65 -1.48
N ARG A 66 -7.17 -10.44 -2.53
CA ARG A 66 -8.62 -10.34 -2.40
C ARG A 66 -9.25 -11.67 -2.03
N GLN A 67 -8.70 -12.74 -2.60
CA GLN A 67 -9.18 -14.08 -2.33
C GLN A 67 -8.95 -14.46 -0.86
N ARG A 68 -7.82 -14.00 -0.31
CA ARG A 68 -7.49 -14.30 1.08
C ARG A 68 -8.14 -13.31 2.04
N CYS A 69 -8.08 -12.03 1.70
CA CYS A 69 -8.65 -11.00 2.54
C CYS A 69 -9.62 -10.11 1.78
N THR A 70 -10.73 -9.80 2.41
CA THR A 70 -11.74 -8.94 1.82
C THR A 70 -11.22 -7.49 1.76
N PRO A 71 -11.85 -6.63 0.92
CA PRO A 71 -11.44 -5.23 0.77
C PRO A 71 -11.37 -4.49 2.11
N GLU A 72 -12.26 -4.84 3.02
CA GLU A 72 -12.30 -4.20 4.34
C GLU A 72 -11.07 -4.58 5.15
N GLN A 73 -10.66 -5.83 5.02
CA GLN A 73 -9.50 -6.35 5.75
C GLN A 73 -8.18 -5.80 5.21
N LEU A 74 -8.08 -5.67 3.88
CA LEU A 74 -6.84 -5.20 3.28
C LEU A 74 -7.08 -4.23 2.12
N LYS A 75 -6.56 -3.01 2.26
CA LYS A 75 -6.67 -1.99 1.22
C LYS A 75 -5.44 -2.02 0.31
N ILE A 76 -5.63 -1.70 -0.95
CA ILE A 76 -4.54 -1.73 -1.91
C ILE A 76 -4.32 -0.37 -2.57
N PHE A 77 -3.12 0.15 -2.39
CA PHE A 77 -2.73 1.44 -2.98
C PHE A 77 -1.52 1.25 -3.88
N ILE A 78 -1.42 2.03 -4.96
CA ILE A 78 -0.29 1.90 -5.88
C ILE A 78 0.43 3.24 -6.09
N LEU A 79 1.76 3.17 -6.08
CA LEU A 79 2.60 4.35 -6.28
C LEU A 79 3.37 4.26 -7.58
N GLY A 80 3.38 5.34 -8.33
CA GLY A 80 4.09 5.36 -9.60
C GLY A 80 3.66 6.51 -10.48
N SER A 81 4.16 6.52 -11.70
CA SER A 81 3.83 7.58 -12.66
C SER A 81 2.36 7.48 -13.09
N LYS A 82 1.89 6.25 -13.24
CA LYS A 82 0.51 6.01 -13.63
C LYS A 82 -0.17 5.08 -12.64
N GLY A 83 -1.37 5.44 -12.24
CA GLY A 83 -2.12 4.62 -11.30
C GLY A 83 -3.29 3.91 -11.94
N ASN A 84 -3.30 3.84 -13.27
CA ASN A 84 -4.39 3.20 -14.00
C ASN A 84 -4.21 1.68 -14.03
N TYR A 85 -4.41 1.05 -12.86
CA TYR A 85 -4.30 -0.39 -12.73
C TYR A 85 -5.53 -0.94 -12.03
N GLN A 86 -5.96 -2.11 -12.46
CA GLN A 86 -7.12 -2.76 -11.87
C GLN A 86 -6.74 -3.49 -10.59
N GLY A 87 -7.66 -3.51 -9.63
CA GLY A 87 -7.41 -4.19 -8.38
C GLY A 87 -6.91 -3.29 -7.27
N VAL A 88 -6.88 -1.98 -7.51
CA VAL A 88 -6.42 -1.06 -6.48
C VAL A 88 -7.55 -0.10 -6.11
N ASP A 89 -7.53 0.38 -4.88
CA ASP A 89 -8.57 1.29 -4.39
C ASP A 89 -8.30 2.74 -4.78
N ARG A 90 -7.04 3.16 -4.71
CA ARG A 90 -6.68 4.53 -5.06
C ARG A 90 -5.29 4.59 -5.69
N TYR A 91 -5.00 5.68 -6.39
CA TYR A 91 -3.71 5.85 -7.04
C TYR A 91 -3.02 7.12 -6.56
N ILE A 92 -1.71 7.03 -6.36
CA ILE A 92 -0.92 8.18 -5.92
C ILE A 92 0.26 8.38 -6.86
N PRO A 93 0.04 9.13 -7.96
CA PRO A 93 1.07 9.39 -8.99
C PRO A 93 2.15 10.36 -8.55
N LEU A 94 3.34 10.19 -9.14
CA LEU A 94 4.49 11.05 -8.87
C LEU A 94 4.38 12.36 -9.64
N PRO A 95 4.86 13.48 -9.06
CA PRO A 95 5.45 13.49 -7.72
C PRO A 95 4.41 13.36 -6.62
N ILE A 96 4.71 12.59 -5.59
CA ILE A 96 3.78 12.41 -4.49
C ILE A 96 3.91 13.56 -3.49
N HIS A 97 2.81 14.29 -3.30
CA HIS A 97 2.79 15.41 -2.36
C HIS A 97 2.46 14.93 -0.95
N PRO A 98 3.33 15.23 0.03
CA PRO A 98 3.13 14.80 1.43
C PRO A 98 1.86 15.36 2.07
N GLU A 99 1.45 16.55 1.63
CA GLU A 99 0.25 17.20 2.15
C GLU A 99 -1.03 16.43 1.83
N SER A 100 -1.11 15.89 0.61
CA SER A 100 -2.28 15.16 0.18
C SER A 100 -2.11 13.66 0.30
N PHE A 101 -0.86 13.20 0.44
CA PHE A 101 -0.57 11.77 0.56
C PHE A 101 -1.26 11.18 1.78
N LEU A 102 -1.09 11.84 2.93
CA LEU A 102 -1.71 11.40 4.16
C LEU A 102 -3.22 11.48 4.07
N GLN A 103 -3.71 12.54 3.42
CA GLN A 103 -5.14 12.76 3.24
C GLN A 103 -5.75 11.66 2.38
N GLN A 104 -5.07 11.28 1.30
CA GLN A 104 -5.56 10.23 0.40
C GLN A 104 -5.58 8.87 1.11
N VAL A 105 -4.54 8.59 1.89
CA VAL A 105 -4.45 7.33 2.62
C VAL A 105 -5.57 7.22 3.64
N THR A 106 -5.81 8.31 4.38
CA THR A 106 -6.86 8.34 5.40
C THR A 106 -8.25 8.12 4.77
N MET A 107 -8.51 8.80 3.65
CA MET A 107 -9.80 8.64 2.97
C MET A 107 -9.97 7.22 2.47
N GLY A 108 -8.91 6.62 1.94
CA GLY A 108 -8.98 5.25 1.48
C GLY A 108 -9.17 4.27 2.62
N LEU A 109 -8.42 4.50 3.70
CA LEU A 109 -8.48 3.65 4.90
C LEU A 109 -9.82 3.79 5.61
N THR A 110 -10.30 5.03 5.73
CA THR A 110 -11.58 5.36 6.40
C THR A 110 -11.58 4.90 7.87
N SER A 111 -10.38 4.71 8.42
CA SER A 111 -10.21 4.27 9.80
C SER A 111 -10.83 2.89 10.03
N LEU A 112 -10.80 2.06 8.99
CA LEU A 112 -11.35 0.70 9.03
C LEU A 112 -12.84 0.68 9.41
N ALA A 113 -13.13 0.35 10.67
CA ALA A 113 -14.51 0.30 11.14
C ALA A 113 -14.73 1.25 12.32
N THR A 114 -13.91 2.28 12.40
CA THR A 114 -14.03 3.26 13.49
C THR A 114 -14.14 4.67 12.94
N SER A 115 -14.66 5.58 13.76
CA SER A 115 -14.82 6.97 13.36
C SER A 115 -14.20 7.90 14.40
N ALA A 116 -13.70 9.04 13.93
CA ALA A 116 -13.07 10.03 14.82
C ALA A 116 -14.07 10.59 15.84
N GLN A 117 -15.29 10.83 15.39
CA GLN A 117 -16.34 11.35 16.25
C GLN A 117 -17.46 10.34 16.42
N GLU A 1 -0.27 3.11 15.09
CA GLU A 1 -1.64 3.44 14.62
C GLU A 1 -2.14 2.42 13.60
N GLY A 2 -1.20 1.86 12.84
CA GLY A 2 -1.56 0.87 11.85
C GLY A 2 -0.34 0.18 11.26
N ARG A 3 -0.59 -0.92 10.54
CA ARG A 3 0.48 -1.69 9.92
C ARG A 3 0.34 -1.63 8.40
N ILE A 4 1.35 -1.09 7.73
CA ILE A 4 1.34 -0.98 6.27
C ILE A 4 2.58 -1.65 5.66
N VAL A 5 2.39 -2.44 4.61
CA VAL A 5 3.49 -3.11 3.95
C VAL A 5 3.76 -2.48 2.59
N LEU A 6 5.02 -2.12 2.35
CA LEU A 6 5.41 -1.48 1.11
C LEU A 6 6.24 -2.42 0.24
N VAL A 7 5.85 -2.55 -1.02
CA VAL A 7 6.55 -3.42 -1.95
C VAL A 7 7.15 -2.59 -3.08
N SER A 8 8.47 -2.62 -3.17
CA SER A 8 9.19 -1.87 -4.19
C SER A 8 10.67 -2.22 -4.18
N GLU A 9 11.28 -2.17 -5.36
CA GLU A 9 12.71 -2.45 -5.49
C GLU A 9 13.52 -1.16 -5.48
N ASP A 10 12.83 -0.01 -5.46
CA ASP A 10 13.51 1.29 -5.45
C ASP A 10 13.71 1.76 -4.02
N GLU A 11 14.97 1.71 -3.57
CA GLU A 11 15.33 2.13 -2.20
C GLU A 11 15.06 3.60 -1.95
N ALA A 12 15.35 4.45 -2.94
CA ALA A 12 15.18 5.90 -2.79
C ALA A 12 13.73 6.28 -2.55
N THR A 13 12.81 5.70 -3.31
CA THR A 13 11.40 5.99 -3.14
C THR A 13 10.86 5.39 -1.84
N SER A 14 11.29 4.17 -1.55
CA SER A 14 10.84 3.45 -0.37
C SER A 14 11.24 4.17 0.93
N THR A 15 12.45 4.68 0.98
CA THR A 15 12.93 5.38 2.17
C THR A 15 12.21 6.71 2.40
N LEU A 16 11.97 7.45 1.32
CA LEU A 16 11.30 8.75 1.41
C LEU A 16 9.86 8.61 1.92
N ILE A 17 9.12 7.66 1.35
CA ILE A 17 7.73 7.44 1.73
C ILE A 17 7.59 6.83 3.13
N CYS A 18 8.55 5.97 3.49
CA CYS A 18 8.54 5.30 4.79
C CYS A 18 8.60 6.30 5.94
N SER A 19 9.47 7.29 5.81
CA SER A 19 9.63 8.31 6.85
C SER A 19 8.33 9.10 7.04
N ILE A 20 7.67 9.46 5.94
CA ILE A 20 6.42 10.21 6.00
C ILE A 20 5.34 9.41 6.72
N LEU A 21 5.19 8.14 6.35
CA LEU A 21 4.20 7.25 6.97
C LEU A 21 4.53 6.96 8.43
N THR A 22 5.81 6.76 8.73
CA THR A 22 6.23 6.46 10.10
C THR A 22 5.99 7.66 11.02
N THR A 23 6.25 8.86 10.51
CA THR A 23 6.05 10.09 11.26
C THR A 23 4.58 10.22 11.69
N ALA A 24 3.68 9.82 10.80
CA ALA A 24 2.24 9.86 11.08
C ALA A 24 1.85 8.86 12.16
N GLY A 25 2.77 7.96 12.51
CA GLY A 25 2.51 6.97 13.54
C GLY A 25 2.22 5.59 12.98
N TYR A 26 2.40 5.43 11.68
CA TYR A 26 2.14 4.14 11.05
C TYR A 26 3.44 3.37 10.81
N GLN A 27 3.39 2.05 11.01
CA GLN A 27 4.56 1.21 10.81
C GLN A 27 4.60 0.71 9.37
N VAL A 28 5.77 0.78 8.76
CA VAL A 28 5.92 0.35 7.39
C VAL A 28 6.92 -0.79 7.25
N ILE A 29 6.50 -1.84 6.55
CA ILE A 29 7.36 -2.99 6.29
C ILE A 29 7.74 -3.01 4.83
N TRP A 30 9.03 -2.88 4.54
CA TRP A 30 9.52 -2.84 3.17
C TRP A 30 9.85 -4.23 2.62
N LEU A 31 9.24 -4.58 1.50
CA LEU A 31 9.46 -5.85 0.83
C LEU A 31 10.00 -5.62 -0.58
N VAL A 32 11.05 -6.35 -0.93
CA VAL A 32 11.68 -6.21 -2.25
C VAL A 32 11.30 -7.35 -3.19
N ASP A 33 10.22 -8.07 -2.89
CA ASP A 33 9.82 -9.21 -3.72
C ASP A 33 8.29 -9.37 -3.83
N GLY A 34 7.56 -8.93 -2.81
CA GLY A 34 6.11 -9.04 -2.82
C GLY A 34 5.57 -10.45 -2.61
N GLU A 35 6.32 -11.29 -1.88
CA GLU A 35 5.88 -12.65 -1.62
C GLU A 35 4.58 -12.66 -0.80
N VAL A 36 3.60 -13.38 -1.34
CA VAL A 36 2.29 -13.52 -0.72
C VAL A 36 2.38 -14.19 0.64
N GLU A 37 3.24 -15.20 0.77
CA GLU A 37 3.39 -15.91 2.03
C GLU A 37 3.85 -14.94 3.12
N ARG A 38 4.80 -14.08 2.77
CA ARG A 38 5.31 -13.08 3.71
C ARG A 38 4.26 -12.00 3.96
N LEU A 39 3.56 -11.60 2.89
CA LEU A 39 2.51 -10.58 3.01
C LEU A 39 1.36 -11.10 3.86
N LEU A 40 1.01 -12.38 3.66
CA LEU A 40 -0.06 -13.02 4.42
C LEU A 40 0.31 -13.12 5.89
N ALA A 41 1.56 -13.51 6.17
CA ALA A 41 2.04 -13.65 7.54
C ALA A 41 2.02 -12.32 8.30
N LEU A 42 2.38 -11.26 7.60
CA LEU A 42 2.41 -9.92 8.20
C LEU A 42 1.20 -9.10 7.76
N THR A 43 0.10 -9.81 7.52
CA THR A 43 -1.18 -9.21 7.09
C THR A 43 -1.41 -7.79 7.61
N PRO A 44 -1.23 -6.80 6.73
CA PRO A 44 -1.45 -5.38 7.04
C PRO A 44 -2.87 -4.93 6.75
N ILE A 45 -3.17 -3.68 7.06
CA ILE A 45 -4.49 -3.13 6.78
C ILE A 45 -4.55 -2.64 5.35
N ALA A 46 -3.37 -2.32 4.82
CA ALA A 46 -3.25 -1.83 3.46
C ALA A 46 -1.85 -2.06 2.92
N VAL A 47 -1.74 -2.19 1.61
CA VAL A 47 -0.45 -2.39 0.97
C VAL A 47 -0.16 -1.30 -0.06
N LEU A 48 1.11 -0.96 -0.20
CA LEU A 48 1.54 0.05 -1.16
C LEU A 48 2.45 -0.58 -2.20
N LEU A 49 2.06 -0.51 -3.47
CA LEU A 49 2.88 -1.08 -4.54
C LEU A 49 3.51 0.03 -5.36
N ALA A 50 4.82 0.15 -5.30
CA ALA A 50 5.53 1.21 -6.04
C ALA A 50 6.31 0.63 -7.21
N GLU A 51 5.88 0.99 -8.42
CA GLU A 51 6.56 0.55 -9.63
C GLU A 51 7.95 1.17 -9.75
N PRO A 52 8.93 0.46 -10.37
CA PRO A 52 8.73 -0.90 -10.93
C PRO A 52 8.33 -1.91 -9.86
N PHE A 53 7.38 -2.78 -10.20
CA PHE A 53 6.91 -3.79 -9.27
C PHE A 53 7.83 -5.00 -9.26
N SER A 54 8.36 -5.31 -8.08
CA SER A 54 9.26 -6.44 -7.91
C SER A 54 8.55 -7.79 -8.15
N TYR A 55 7.29 -7.88 -7.70
CA TYR A 55 6.51 -9.10 -7.88
C TYR A 55 6.20 -9.36 -9.35
N GLY A 56 6.22 -8.30 -10.16
CA GLY A 56 5.93 -8.45 -11.57
C GLY A 56 4.51 -8.05 -11.92
N ASP A 57 3.66 -9.05 -12.15
CA ASP A 57 2.26 -8.78 -12.49
C ASP A 57 1.43 -8.55 -11.23
N VAL A 58 1.07 -7.28 -10.99
CA VAL A 58 0.31 -6.90 -9.82
C VAL A 58 -1.14 -7.40 -9.86
N GLN A 59 -1.68 -7.68 -11.05
CA GLN A 59 -3.06 -8.15 -11.15
C GLN A 59 -3.21 -9.49 -10.43
N GLU A 60 -2.22 -10.35 -10.62
CA GLU A 60 -2.22 -11.66 -9.96
C GLU A 60 -2.07 -11.50 -8.45
N LEU A 61 -1.21 -10.56 -8.05
CA LEU A 61 -0.97 -10.28 -6.63
C LEU A 61 -2.24 -9.78 -5.98
N VAL A 62 -2.94 -8.87 -6.66
CA VAL A 62 -4.19 -8.31 -6.17
C VAL A 62 -5.23 -9.43 -6.04
N ASP A 63 -5.28 -10.27 -7.07
CA ASP A 63 -6.22 -11.39 -7.06
C ASP A 63 -5.94 -12.32 -5.89
N GLN A 64 -4.66 -12.55 -5.63
CA GLN A 64 -4.25 -13.43 -4.53
C GLN A 64 -4.56 -12.79 -3.18
N LEU A 65 -4.28 -11.49 -3.06
CA LEU A 65 -4.55 -10.77 -1.83
C LEU A 65 -6.05 -10.67 -1.57
N ARG A 66 -6.81 -10.40 -2.64
CA ARG A 66 -8.27 -10.29 -2.55
C ARG A 66 -8.89 -11.63 -2.19
N GLN A 67 -8.33 -12.69 -2.77
CA GLN A 67 -8.80 -14.03 -2.53
C GLN A 67 -8.65 -14.42 -1.05
N ARG A 68 -7.55 -14.00 -0.45
CA ARG A 68 -7.29 -14.31 0.96
C ARG A 68 -7.97 -13.30 1.88
N CYS A 69 -7.89 -12.02 1.52
CA CYS A 69 -8.50 -10.98 2.32
C CYS A 69 -9.42 -10.12 1.45
N THR A 70 -10.62 -9.89 1.94
CA THR A 70 -11.60 -9.10 1.21
C THR A 70 -11.17 -7.63 1.13
N PRO A 71 -11.69 -6.85 0.16
CA PRO A 71 -11.35 -5.43 0.00
C PRO A 71 -11.70 -4.59 1.22
N GLU A 72 -12.58 -5.11 2.08
CA GLU A 72 -12.97 -4.42 3.30
C GLU A 72 -12.01 -4.75 4.44
N GLN A 73 -11.17 -5.77 4.23
CA GLN A 73 -10.22 -6.19 5.25
C GLN A 73 -8.81 -5.66 4.94
N LEU A 74 -8.49 -5.57 3.66
CA LEU A 74 -7.16 -5.10 3.24
C LEU A 74 -7.30 -4.11 2.09
N LYS A 75 -6.71 -2.92 2.26
CA LYS A 75 -6.77 -1.90 1.21
C LYS A 75 -5.52 -1.97 0.35
N ILE A 76 -5.68 -1.66 -0.92
CA ILE A 76 -4.57 -1.72 -1.85
C ILE A 76 -4.36 -0.37 -2.53
N PHE A 77 -3.17 0.17 -2.35
CA PHE A 77 -2.80 1.45 -2.95
C PHE A 77 -1.63 1.26 -3.92
N ILE A 78 -1.64 1.98 -5.04
CA ILE A 78 -0.56 1.88 -6.02
C ILE A 78 0.11 3.23 -6.25
N LEU A 79 1.45 3.21 -6.32
CA LEU A 79 2.23 4.41 -6.52
C LEU A 79 2.82 4.44 -7.92
N GLY A 80 2.73 5.58 -8.57
CA GLY A 80 3.26 5.71 -9.92
C GLY A 80 2.70 6.90 -10.66
N SER A 81 2.87 6.88 -11.98
CA SER A 81 2.37 7.96 -12.82
C SER A 81 1.03 7.55 -13.41
N LYS A 82 -0.03 8.22 -12.96
CA LYS A 82 -1.40 7.93 -13.40
C LYS A 82 -1.78 6.51 -12.97
N GLY A 83 -2.22 6.37 -11.73
CA GLY A 83 -2.59 5.07 -11.20
C GLY A 83 -3.93 4.57 -11.70
N ASN A 84 -4.07 4.45 -13.01
CA ASN A 84 -5.30 3.96 -13.61
C ASN A 84 -5.24 2.44 -13.74
N TYR A 85 -5.68 1.74 -12.70
CA TYR A 85 -5.65 0.29 -12.68
C TYR A 85 -6.91 -0.26 -12.02
N GLN A 86 -6.91 -1.57 -11.80
CA GLN A 86 -8.04 -2.22 -11.16
C GLN A 86 -7.57 -3.04 -9.99
N GLY A 87 -8.45 -3.23 -9.01
CA GLY A 87 -8.10 -3.99 -7.83
C GLY A 87 -7.55 -3.10 -6.72
N VAL A 88 -7.36 -1.82 -7.01
CA VAL A 88 -6.85 -0.89 -6.01
C VAL A 88 -7.94 0.09 -5.59
N ASP A 89 -7.96 0.38 -4.30
CA ASP A 89 -8.96 1.30 -3.74
C ASP A 89 -8.68 2.75 -4.13
N ARG A 90 -7.40 3.13 -4.11
CA ARG A 90 -6.99 4.49 -4.44
C ARG A 90 -5.66 4.47 -5.17
N TYR A 91 -5.29 5.62 -5.72
CA TYR A 91 -4.03 5.76 -6.44
C TYR A 91 -3.30 7.01 -5.99
N ILE A 92 -1.97 6.96 -5.97
CA ILE A 92 -1.17 8.10 -5.56
C ILE A 92 -0.08 8.39 -6.60
N PRO A 93 -0.26 9.46 -7.38
CA PRO A 93 0.70 9.85 -8.43
C PRO A 93 1.99 10.44 -7.89
N LEU A 94 3.07 10.27 -8.65
CA LEU A 94 4.37 10.79 -8.30
C LEU A 94 4.69 12.03 -9.15
N PRO A 95 5.46 12.98 -8.58
CA PRO A 95 5.99 12.89 -7.22
C PRO A 95 4.89 13.06 -6.16
N ILE A 96 4.99 12.25 -5.11
CA ILE A 96 4.03 12.30 -4.01
C ILE A 96 4.06 13.64 -3.29
N HIS A 97 2.88 14.19 -3.06
CA HIS A 97 2.73 15.44 -2.33
C HIS A 97 2.33 15.09 -0.91
N PRO A 98 3.23 15.33 0.07
CA PRO A 98 3.00 15.00 1.49
C PRO A 98 1.66 15.52 2.06
N GLU A 99 1.25 16.71 1.64
CA GLU A 99 0.01 17.31 2.12
C GLU A 99 -1.23 16.48 1.73
N SER A 100 -1.27 16.01 0.49
CA SER A 100 -2.40 15.23 0.01
C SER A 100 -2.16 13.73 0.13
N PHE A 101 -0.90 13.34 0.33
CA PHE A 101 -0.55 11.93 0.47
C PHE A 101 -1.26 11.31 1.67
N LEU A 102 -1.17 12.00 2.80
CA LEU A 102 -1.82 11.54 4.03
C LEU A 102 -3.33 11.56 3.85
N GLN A 103 -3.82 12.57 3.14
CA GLN A 103 -5.25 12.71 2.89
C GLN A 103 -5.77 11.51 2.09
N GLN A 104 -5.01 11.09 1.07
CA GLN A 104 -5.40 9.95 0.24
C GLN A 104 -5.41 8.66 1.06
N VAL A 105 -4.43 8.52 1.95
CA VAL A 105 -4.35 7.35 2.82
C VAL A 105 -5.56 7.31 3.74
N THR A 106 -5.91 8.47 4.30
CA THR A 106 -7.05 8.61 5.20
C THR A 106 -8.35 8.24 4.48
N MET A 107 -8.49 8.68 3.24
CA MET A 107 -9.69 8.39 2.45
C MET A 107 -9.89 6.90 2.25
N GLY A 108 -8.80 6.17 1.99
CA GLY A 108 -8.89 4.74 1.81
C GLY A 108 -8.88 3.97 3.11
N LEU A 109 -8.48 4.64 4.19
CA LEU A 109 -8.44 4.03 5.52
C LEU A 109 -9.84 3.71 6.05
N THR A 110 -10.78 4.62 5.81
CA THR A 110 -12.15 4.45 6.26
C THR A 110 -12.82 3.24 5.58
N SER A 111 -13.96 2.82 6.11
CA SER A 111 -14.70 1.67 5.59
C SER A 111 -13.88 0.39 5.71
N LEU A 112 -13.19 0.26 6.84
CA LEU A 112 -12.34 -0.89 7.12
C LEU A 112 -13.04 -1.82 8.11
N ALA A 113 -13.18 -3.09 7.73
CA ALA A 113 -13.85 -4.09 8.57
C ALA A 113 -13.15 -4.31 9.91
N THR A 114 -11.82 -4.32 9.91
CA THR A 114 -11.07 -4.54 11.13
C THR A 114 -10.73 -3.22 11.82
N SER A 115 -10.94 -3.17 13.13
CA SER A 115 -10.65 -1.98 13.92
C SER A 115 -9.34 -2.13 14.70
N ALA A 116 -8.66 -3.25 14.47
CA ALA A 116 -7.40 -3.52 15.16
C ALA A 116 -6.23 -2.84 14.47
N GLN A 117 -6.08 -1.54 14.73
CA GLN A 117 -4.99 -0.74 14.15
C GLN A 117 -5.00 -0.80 12.62
N GLU A 1 -2.11 4.09 13.88
CA GLU A 1 -1.22 3.16 14.64
C GLU A 1 -1.26 1.76 14.04
N GLY A 2 -1.74 1.68 12.80
CA GLY A 2 -1.83 0.40 12.12
C GLY A 2 -0.54 0.02 11.40
N ARG A 3 -0.57 -1.11 10.71
CA ARG A 3 0.60 -1.60 9.98
C ARG A 3 0.37 -1.53 8.48
N ILE A 4 1.35 -0.98 7.77
CA ILE A 4 1.29 -0.85 6.32
C ILE A 4 2.53 -1.50 5.68
N VAL A 5 2.32 -2.31 4.65
CA VAL A 5 3.43 -2.97 3.98
C VAL A 5 3.68 -2.34 2.61
N LEU A 6 4.92 -1.95 2.37
CA LEU A 6 5.30 -1.30 1.11
C LEU A 6 6.16 -2.24 0.27
N VAL A 7 5.77 -2.42 -0.98
CA VAL A 7 6.50 -3.28 -1.90
C VAL A 7 7.04 -2.45 -3.06
N SER A 8 8.37 -2.43 -3.18
CA SER A 8 9.01 -1.68 -4.24
C SER A 8 10.48 -2.08 -4.36
N GLU A 9 11.07 -1.71 -5.48
CA GLU A 9 12.48 -2.00 -5.73
C GLU A 9 13.34 -0.76 -5.52
N ASP A 10 12.70 0.39 -5.26
CA ASP A 10 13.44 1.64 -5.08
C ASP A 10 13.55 2.01 -3.60
N GLU A 11 14.76 1.87 -3.07
CA GLU A 11 15.06 2.18 -1.67
C GLU A 11 14.86 3.68 -1.36
N ALA A 12 15.29 4.54 -2.30
CA ALA A 12 15.20 5.99 -2.12
C ALA A 12 13.75 6.45 -1.95
N THR A 13 12.86 5.91 -2.77
CA THR A 13 11.45 6.27 -2.69
C THR A 13 10.86 5.77 -1.39
N SER A 14 11.27 4.57 -1.01
CA SER A 14 10.79 3.92 0.21
C SER A 14 11.15 4.73 1.46
N THR A 15 12.36 5.28 1.51
CA THR A 15 12.79 6.05 2.67
C THR A 15 11.97 7.34 2.86
N LEU A 16 11.67 8.02 1.75
CA LEU A 16 10.90 9.26 1.81
C LEU A 16 9.45 9.03 2.24
N ILE A 17 8.82 8.02 1.64
CA ILE A 17 7.43 7.70 1.95
C ILE A 17 7.24 7.09 3.35
N CYS A 18 8.23 6.28 3.76
CA CYS A 18 8.18 5.64 5.08
C CYS A 18 8.15 6.66 6.19
N SER A 19 8.96 7.70 6.06
CA SER A 19 9.04 8.75 7.07
C SER A 19 7.69 9.46 7.24
N ILE A 20 7.01 9.72 6.12
CA ILE A 20 5.71 10.39 6.14
C ILE A 20 4.67 9.54 6.89
N LEU A 21 4.60 8.27 6.52
CA LEU A 21 3.65 7.32 7.12
C LEU A 21 3.98 7.04 8.59
N THR A 22 5.28 6.90 8.91
CA THR A 22 5.70 6.62 10.28
C THR A 22 5.36 7.77 11.21
N THR A 23 5.55 9.00 10.73
CA THR A 23 5.25 10.20 11.51
C THR A 23 3.79 10.21 11.94
N ALA A 24 2.91 9.75 11.05
CA ALA A 24 1.48 9.69 11.33
C ALA A 24 1.16 8.63 12.40
N GLY A 25 2.15 7.82 12.75
CA GLY A 25 1.96 6.79 13.76
C GLY A 25 1.78 5.41 13.17
N TYR A 26 1.95 5.28 11.87
CA TYR A 26 1.79 3.99 11.20
C TYR A 26 3.14 3.33 10.95
N GLN A 27 3.19 2.01 11.12
CA GLN A 27 4.41 1.25 10.90
C GLN A 27 4.49 0.78 9.46
N VAL A 28 5.66 0.93 8.85
CA VAL A 28 5.82 0.51 7.47
C VAL A 28 6.86 -0.59 7.31
N ILE A 29 6.49 -1.65 6.61
CA ILE A 29 7.38 -2.78 6.35
C ILE A 29 7.69 -2.81 4.87
N TRP A 30 8.95 -2.69 4.51
CA TRP A 30 9.36 -2.67 3.11
C TRP A 30 9.74 -4.05 2.60
N LEU A 31 9.11 -4.45 1.49
CA LEU A 31 9.37 -5.73 0.85
C LEU A 31 9.93 -5.52 -0.56
N VAL A 32 11.03 -6.18 -0.87
CA VAL A 32 11.66 -6.03 -2.18
C VAL A 32 11.47 -7.30 -3.03
N ASP A 33 10.27 -7.88 -2.98
CA ASP A 33 10.02 -9.12 -3.74
C ASP A 33 8.52 -9.33 -4.04
N GLY A 34 7.66 -8.87 -3.14
CA GLY A 34 6.23 -9.04 -3.34
C GLY A 34 5.74 -10.45 -3.09
N GLU A 35 6.44 -11.19 -2.21
CA GLU A 35 6.07 -12.55 -1.90
C GLU A 35 4.74 -12.60 -1.14
N VAL A 36 3.78 -13.29 -1.72
CA VAL A 36 2.45 -13.44 -1.16
C VAL A 36 2.49 -14.13 0.19
N GLU A 37 3.33 -15.16 0.32
CA GLU A 37 3.43 -15.89 1.59
C GLU A 37 3.92 -14.94 2.70
N ARG A 38 4.90 -14.11 2.37
CA ARG A 38 5.43 -13.14 3.34
C ARG A 38 4.42 -12.04 3.60
N LEU A 39 3.75 -11.58 2.54
CA LEU A 39 2.73 -10.54 2.66
C LEU A 39 1.55 -11.04 3.49
N LEU A 40 1.16 -12.29 3.25
CA LEU A 40 0.07 -12.91 3.99
C LEU A 40 0.41 -13.06 5.47
N ALA A 41 1.65 -13.50 5.74
CA ALA A 41 2.11 -13.70 7.11
C ALA A 41 2.14 -12.39 7.89
N LEU A 42 2.56 -11.33 7.22
CA LEU A 42 2.64 -10.00 7.83
C LEU A 42 1.44 -9.17 7.41
N THR A 43 0.32 -9.86 7.16
CA THR A 43 -0.93 -9.24 6.70
C THR A 43 -1.26 -7.94 7.45
N PRO A 44 -1.15 -6.81 6.73
CA PRO A 44 -1.45 -5.47 7.24
C PRO A 44 -2.87 -5.05 6.93
N ILE A 45 -3.22 -3.81 7.25
CA ILE A 45 -4.54 -3.29 6.95
C ILE A 45 -4.60 -2.83 5.50
N ALA A 46 -3.43 -2.50 4.97
CA ALA A 46 -3.32 -2.04 3.59
C ALA A 46 -1.90 -2.25 3.05
N VAL A 47 -1.79 -2.45 1.75
CA VAL A 47 -0.49 -2.63 1.11
C VAL A 47 -0.26 -1.57 0.06
N LEU A 48 0.98 -1.12 -0.07
CA LEU A 48 1.34 -0.12 -1.05
C LEU A 48 2.29 -0.72 -2.09
N LEU A 49 1.86 -0.74 -3.34
CA LEU A 49 2.70 -1.30 -4.40
C LEU A 49 3.31 -0.17 -5.20
N ALA A 50 4.61 0.03 -5.05
CA ALA A 50 5.29 1.11 -5.75
C ALA A 50 6.12 0.61 -6.92
N GLU A 51 5.94 1.26 -8.08
CA GLU A 51 6.70 0.92 -9.28
C GLU A 51 8.15 1.36 -9.14
N PRO A 52 9.11 0.60 -9.72
CA PRO A 52 8.82 -0.62 -10.47
C PRO A 52 8.44 -1.79 -9.56
N PHE A 53 7.47 -2.59 -10.01
CA PHE A 53 7.01 -3.74 -9.25
C PHE A 53 8.03 -4.87 -9.27
N SER A 54 8.20 -5.54 -8.14
CA SER A 54 9.16 -6.64 -8.03
C SER A 54 8.48 -8.00 -8.24
N TYR A 55 7.20 -8.07 -7.88
CA TYR A 55 6.43 -9.31 -8.03
C TYR A 55 6.07 -9.59 -9.49
N GLY A 56 6.13 -8.57 -10.34
CA GLY A 56 5.82 -8.74 -11.74
C GLY A 56 4.42 -8.27 -12.11
N ASP A 57 3.51 -9.22 -12.32
CA ASP A 57 2.12 -8.90 -12.71
C ASP A 57 1.27 -8.54 -11.49
N VAL A 58 0.89 -7.26 -11.42
CA VAL A 58 0.08 -6.74 -10.32
C VAL A 58 -1.33 -7.34 -10.26
N GLN A 59 -1.91 -7.66 -11.42
CA GLN A 59 -3.27 -8.23 -11.46
C GLN A 59 -3.33 -9.56 -10.71
N GLU A 60 -2.31 -10.39 -10.91
CA GLU A 60 -2.24 -11.69 -10.26
C GLU A 60 -2.10 -11.53 -8.75
N LEU A 61 -1.29 -10.55 -8.33
CA LEU A 61 -1.07 -10.28 -6.92
C LEU A 61 -2.37 -9.83 -6.27
N VAL A 62 -3.08 -8.93 -6.96
CA VAL A 62 -4.34 -8.41 -6.47
C VAL A 62 -5.36 -9.53 -6.36
N ASP A 63 -5.40 -10.39 -7.38
CA ASP A 63 -6.31 -11.53 -7.39
C ASP A 63 -6.01 -12.46 -6.22
N GLN A 64 -4.73 -12.68 -5.94
CA GLN A 64 -4.33 -13.56 -4.85
C GLN A 64 -4.65 -12.93 -3.49
N LEU A 65 -4.39 -11.63 -3.37
CA LEU A 65 -4.67 -10.91 -2.14
C LEU A 65 -6.17 -10.84 -1.87
N ARG A 66 -6.94 -10.58 -2.92
CA ARG A 66 -8.40 -10.49 -2.81
C ARG A 66 -9.01 -11.85 -2.48
N GLN A 67 -8.43 -12.89 -3.05
CA GLN A 67 -8.88 -14.25 -2.84
C GLN A 67 -8.73 -14.65 -1.37
N ARG A 68 -7.62 -14.23 -0.77
CA ARG A 68 -7.33 -14.57 0.62
C ARG A 68 -7.96 -13.58 1.59
N CYS A 69 -7.90 -12.30 1.27
CA CYS A 69 -8.44 -11.28 2.15
C CYS A 69 -9.45 -10.39 1.42
N THR A 70 -10.54 -10.09 2.10
CA THR A 70 -11.58 -9.24 1.56
C THR A 70 -11.07 -7.80 1.46
N PRO A 71 -11.69 -6.96 0.61
CA PRO A 71 -11.26 -5.56 0.46
C PRO A 71 -11.37 -4.78 1.77
N GLU A 72 -12.29 -5.20 2.62
CA GLU A 72 -12.46 -4.55 3.92
C GLU A 72 -11.30 -4.89 4.85
N GLN A 73 -10.86 -6.14 4.77
CA GLN A 73 -9.76 -6.63 5.59
C GLN A 73 -8.42 -6.05 5.16
N LEU A 74 -8.19 -5.98 3.85
CA LEU A 74 -6.92 -5.48 3.32
C LEU A 74 -7.10 -4.53 2.15
N LYS A 75 -6.61 -3.30 2.31
CA LYS A 75 -6.69 -2.31 1.24
C LYS A 75 -5.44 -2.38 0.38
N ILE A 76 -5.60 -2.11 -0.90
CA ILE A 76 -4.49 -2.17 -1.84
C ILE A 76 -4.34 -0.84 -2.57
N PHE A 77 -3.16 -0.23 -2.42
CA PHE A 77 -2.85 1.04 -3.07
C PHE A 77 -1.64 0.90 -3.98
N ILE A 78 -1.67 1.56 -5.14
CA ILE A 78 -0.54 1.51 -6.09
C ILE A 78 0.07 2.89 -6.32
N LEU A 79 1.40 2.94 -6.26
CA LEU A 79 2.14 4.18 -6.46
C LEU A 79 2.96 4.12 -7.75
N GLY A 80 2.81 5.14 -8.57
CA GLY A 80 3.53 5.19 -9.82
C GLY A 80 3.10 6.37 -10.67
N SER A 81 3.60 6.43 -11.90
CA SER A 81 3.24 7.51 -12.81
C SER A 81 1.77 7.46 -13.16
N LYS A 82 1.25 6.25 -13.27
CA LYS A 82 -0.15 6.04 -13.57
C LYS A 82 -0.68 4.85 -12.80
N GLY A 83 -1.86 5.01 -12.23
CA GLY A 83 -2.47 3.95 -11.47
C GLY A 83 -3.05 2.86 -12.36
N ASN A 84 -2.72 1.61 -12.05
CA ASN A 84 -3.22 0.47 -12.84
C ASN A 84 -4.74 0.35 -12.75
N TYR A 85 -5.27 0.62 -11.56
CA TYR A 85 -6.72 0.55 -11.29
C TYR A 85 -7.28 -0.85 -11.58
N GLN A 86 -6.48 -1.88 -11.29
CA GLN A 86 -6.92 -3.25 -11.52
C GLN A 86 -7.23 -3.94 -10.20
N GLY A 87 -8.43 -3.72 -9.68
CA GLY A 87 -8.83 -4.36 -8.43
C GLY A 87 -8.28 -3.66 -7.20
N VAL A 88 -7.79 -2.44 -7.36
CA VAL A 88 -7.23 -1.69 -6.25
C VAL A 88 -8.17 -0.56 -5.82
N ASP A 89 -8.08 -0.21 -4.55
CA ASP A 89 -8.93 0.83 -3.96
C ASP A 89 -8.58 2.23 -4.48
N ARG A 90 -7.30 2.53 -4.59
CA ARG A 90 -6.87 3.85 -5.04
C ARG A 90 -5.41 3.83 -5.50
N TYR A 91 -5.04 4.80 -6.32
CA TYR A 91 -3.68 4.92 -6.82
C TYR A 91 -3.12 6.30 -6.51
N ILE A 92 -1.82 6.38 -6.27
CA ILE A 92 -1.18 7.64 -5.95
C ILE A 92 -0.05 7.95 -6.92
N PRO A 93 -0.30 8.86 -7.89
CA PRO A 93 0.69 9.27 -8.89
C PRO A 93 1.94 9.92 -8.31
N LEU A 94 3.08 9.63 -8.93
CA LEU A 94 4.36 10.18 -8.53
C LEU A 94 4.72 11.37 -9.42
N PRO A 95 5.50 12.33 -8.91
CA PRO A 95 6.02 12.30 -7.53
C PRO A 95 4.95 12.57 -6.49
N ILE A 96 4.99 11.83 -5.39
CA ILE A 96 4.05 12.00 -4.30
C ILE A 96 4.24 13.34 -3.60
N HIS A 97 3.13 14.01 -3.35
CA HIS A 97 3.13 15.28 -2.64
C HIS A 97 2.79 15.01 -1.19
N PRO A 98 3.74 15.25 -0.26
CA PRO A 98 3.56 15.00 1.18
C PRO A 98 2.29 15.62 1.77
N GLU A 99 1.95 16.81 1.30
CA GLU A 99 0.77 17.53 1.80
C GLU A 99 -0.54 16.80 1.48
N SER A 100 -0.63 16.22 0.28
CA SER A 100 -1.84 15.53 -0.14
C SER A 100 -1.76 14.02 0.05
N PHE A 101 -0.54 13.49 0.08
CA PHE A 101 -0.32 12.05 0.25
C PHE A 101 -0.92 11.56 1.56
N LEU A 102 -0.60 12.26 2.65
CA LEU A 102 -1.11 11.89 3.96
C LEU A 102 -2.63 11.98 3.99
N GLN A 103 -3.16 13.02 3.35
CA GLN A 103 -4.60 13.23 3.27
C GLN A 103 -5.27 12.10 2.49
N GLN A 104 -4.65 11.68 1.38
CA GLN A 104 -5.19 10.60 0.56
C GLN A 104 -5.21 9.28 1.33
N VAL A 105 -4.12 9.01 2.06
CA VAL A 105 -4.03 7.79 2.85
C VAL A 105 -5.07 7.78 3.95
N THR A 106 -5.22 8.92 4.62
CA THR A 106 -6.19 9.06 5.71
C THR A 106 -7.61 8.83 5.20
N MET A 107 -7.95 9.46 4.08
CA MET A 107 -9.28 9.31 3.48
C MET A 107 -9.51 7.86 3.09
N GLY A 108 -8.48 7.22 2.55
CA GLY A 108 -8.57 5.84 2.13
C GLY A 108 -8.86 4.89 3.27
N LEU A 109 -8.24 5.12 4.43
CA LEU A 109 -8.45 4.25 5.59
C LEU A 109 -9.76 4.59 6.32
N THR A 110 -10.14 5.87 6.34
CA THR A 110 -11.37 6.28 7.02
C THR A 110 -12.61 5.78 6.29
N SER A 111 -12.44 5.40 5.03
CA SER A 111 -13.53 4.87 4.23
C SER A 111 -14.06 3.57 4.84
N LEU A 112 -13.15 2.75 5.34
CA LEU A 112 -13.51 1.47 5.96
C LEU A 112 -13.81 1.65 7.45
N ALA A 113 -12.94 2.35 8.16
CA ALA A 113 -13.12 2.57 9.60
C ALA A 113 -12.50 3.89 10.03
N THR A 114 -12.98 4.43 11.15
CA THR A 114 -12.47 5.69 11.67
C THR A 114 -11.86 5.50 13.05
N SER A 115 -10.93 6.38 13.42
CA SER A 115 -10.27 6.32 14.71
C SER A 115 -9.88 7.72 15.17
N ALA A 116 -9.88 7.93 16.49
CA ALA A 116 -9.52 9.21 17.07
C ALA A 116 -8.08 9.59 16.75
N GLN A 117 -7.19 8.59 16.79
CA GLN A 117 -5.76 8.79 16.51
C GLN A 117 -5.16 9.86 17.42
N GLU A 1 -2.04 0.89 16.22
CA GLU A 1 -1.98 2.08 15.31
C GLU A 1 -2.13 1.65 13.86
N GLY A 2 -2.01 0.35 13.62
CA GLY A 2 -2.14 -0.19 12.27
C GLY A 2 -0.79 -0.44 11.61
N ARG A 3 -0.74 -1.45 10.75
CA ARG A 3 0.48 -1.80 10.05
C ARG A 3 0.32 -1.64 8.55
N ILE A 4 1.30 -1.00 7.90
CA ILE A 4 1.29 -0.79 6.47
C ILE A 4 2.57 -1.36 5.86
N VAL A 5 2.45 -2.11 4.77
CA VAL A 5 3.65 -2.69 4.15
C VAL A 5 3.92 -2.00 2.82
N LEU A 6 5.19 -1.88 2.48
CA LEU A 6 5.59 -1.25 1.24
C LEU A 6 6.38 -2.23 0.39
N VAL A 7 5.91 -2.47 -0.84
CA VAL A 7 6.60 -3.38 -1.74
C VAL A 7 7.05 -2.60 -2.95
N SER A 8 8.37 -2.53 -3.13
CA SER A 8 8.94 -1.79 -4.24
C SER A 8 10.40 -2.13 -4.45
N GLU A 9 10.80 -2.16 -5.71
CA GLU A 9 12.18 -2.44 -6.09
C GLU A 9 13.07 -1.20 -5.85
N ASP A 10 12.47 -0.01 -5.93
CA ASP A 10 13.23 1.23 -5.76
C ASP A 10 13.32 1.61 -4.27
N GLU A 11 14.53 1.46 -3.73
CA GLU A 11 14.80 1.78 -2.33
C GLU A 11 14.62 3.27 -2.04
N ALA A 12 15.03 4.12 -2.97
CA ALA A 12 14.96 5.57 -2.80
C ALA A 12 13.52 6.06 -2.60
N THR A 13 12.60 5.54 -3.42
CA THR A 13 11.20 5.94 -3.31
C THR A 13 10.61 5.41 -2.00
N SER A 14 10.99 4.19 -1.67
CA SER A 14 10.50 3.53 -0.47
C SER A 14 10.92 4.27 0.81
N THR A 15 12.16 4.74 0.85
CA THR A 15 12.67 5.46 2.02
C THR A 15 11.98 6.80 2.24
N LEU A 16 11.70 7.53 1.16
CA LEU A 16 11.05 8.84 1.26
C LEU A 16 9.63 8.72 1.81
N ILE A 17 8.87 7.79 1.27
CA ILE A 17 7.48 7.59 1.68
C ILE A 17 7.37 6.94 3.07
N CYS A 18 8.34 6.09 3.41
CA CYS A 18 8.36 5.39 4.69
C CYS A 18 8.42 6.38 5.85
N SER A 19 9.29 7.38 5.72
CA SER A 19 9.45 8.38 6.77
C SER A 19 8.14 9.16 6.99
N ILE A 20 7.47 9.51 5.89
CA ILE A 20 6.21 10.25 5.98
C ILE A 20 5.14 9.44 6.73
N LEU A 21 5.00 8.17 6.35
CA LEU A 21 4.04 7.27 6.98
C LEU A 21 4.39 6.99 8.44
N THR A 22 5.68 6.80 8.72
CA THR A 22 6.13 6.52 10.08
C THR A 22 5.90 7.72 10.99
N THR A 23 6.15 8.93 10.47
CA THR A 23 5.95 10.16 11.23
C THR A 23 4.49 10.29 11.66
N ALA A 24 3.58 9.89 10.77
CA ALA A 24 2.15 9.94 11.05
C ALA A 24 1.77 8.99 12.19
N GLY A 25 2.66 8.05 12.51
CA GLY A 25 2.41 7.11 13.57
C GLY A 25 2.15 5.70 13.08
N TYR A 26 2.34 5.47 11.79
CA TYR A 26 2.11 4.16 11.21
C TYR A 26 3.42 3.42 10.99
N GLN A 27 3.42 2.11 11.25
CA GLN A 27 4.61 1.29 11.05
C GLN A 27 4.68 0.81 9.62
N VAL A 28 5.86 0.94 9.01
CA VAL A 28 6.04 0.53 7.63
C VAL A 28 7.08 -0.57 7.47
N ILE A 29 6.71 -1.62 6.75
CA ILE A 29 7.61 -2.73 6.48
C ILE A 29 7.92 -2.75 4.99
N TRP A 30 9.19 -2.63 4.64
CA TRP A 30 9.59 -2.62 3.23
C TRP A 30 10.00 -4.00 2.73
N LEU A 31 9.36 -4.41 1.64
CA LEU A 31 9.63 -5.70 1.03
C LEU A 31 9.93 -5.54 -0.45
N VAL A 32 10.86 -6.34 -0.97
CA VAL A 32 11.17 -6.28 -2.39
C VAL A 32 11.10 -7.69 -3.00
N ASP A 33 9.89 -8.15 -3.27
CA ASP A 33 9.66 -9.49 -3.84
C ASP A 33 8.18 -9.73 -4.13
N GLY A 34 7.31 -9.16 -3.29
CA GLY A 34 5.87 -9.34 -3.47
C GLY A 34 5.39 -10.73 -3.09
N GLU A 35 6.09 -11.38 -2.16
CA GLU A 35 5.73 -12.71 -1.72
C GLU A 35 4.47 -12.68 -0.86
N VAL A 36 3.44 -13.38 -1.35
CA VAL A 36 2.16 -13.48 -0.68
C VAL A 36 2.27 -14.12 0.70
N GLU A 37 3.10 -15.16 0.81
CA GLU A 37 3.27 -15.84 2.10
C GLU A 37 3.81 -14.87 3.14
N ARG A 38 4.79 -14.06 2.74
CA ARG A 38 5.36 -13.07 3.65
C ARG A 38 4.35 -11.97 3.96
N LEU A 39 3.61 -11.54 2.92
CA LEU A 39 2.60 -10.50 3.08
C LEU A 39 1.46 -11.01 3.97
N LEU A 40 1.09 -12.27 3.76
CA LEU A 40 0.02 -12.90 4.54
C LEU A 40 0.43 -13.02 6.02
N ALA A 41 1.68 -13.42 6.25
CA ALA A 41 2.21 -13.58 7.61
C ALA A 41 2.21 -12.25 8.36
N LEU A 42 2.55 -11.17 7.66
CA LEU A 42 2.60 -9.84 8.23
C LEU A 42 1.34 -9.05 7.90
N THR A 43 0.23 -9.79 7.75
CA THR A 43 -1.09 -9.22 7.41
C THR A 43 -1.31 -7.81 7.95
N PRO A 44 -1.23 -6.81 7.05
CA PRO A 44 -1.44 -5.41 7.38
C PRO A 44 -2.87 -4.94 7.08
N ILE A 45 -3.15 -3.67 7.34
CA ILE A 45 -4.47 -3.11 7.06
C ILE A 45 -4.54 -2.67 5.60
N ALA A 46 -3.37 -2.35 5.05
CA ALA A 46 -3.26 -1.90 3.68
C ALA A 46 -1.87 -2.17 3.12
N VAL A 47 -1.79 -2.34 1.81
CA VAL A 47 -0.53 -2.58 1.15
C VAL A 47 -0.23 -1.49 0.13
N LEU A 48 1.03 -1.11 0.03
CA LEU A 48 1.45 -0.09 -0.92
C LEU A 48 2.38 -0.70 -1.96
N LEU A 49 1.95 -0.70 -3.21
CA LEU A 49 2.75 -1.26 -4.29
C LEU A 49 3.32 -0.14 -5.14
N ALA A 50 4.64 0.02 -5.14
CA ALA A 50 5.26 1.09 -5.90
C ALA A 50 6.07 0.59 -7.09
N GLU A 51 5.80 1.19 -8.25
CA GLU A 51 6.52 0.87 -9.48
C GLU A 51 7.96 1.40 -9.41
N PRO A 52 8.94 0.70 -10.02
CA PRO A 52 8.69 -0.56 -10.73
C PRO A 52 8.44 -1.74 -9.78
N PHE A 53 7.52 -2.61 -10.17
CA PHE A 53 7.18 -3.79 -9.38
C PHE A 53 8.26 -4.86 -9.51
N SER A 54 8.60 -5.49 -8.38
CA SER A 54 9.60 -6.55 -8.38
C SER A 54 8.98 -7.93 -8.55
N TYR A 55 7.71 -8.06 -8.19
CA TYR A 55 7.00 -9.34 -8.32
C TYR A 55 6.55 -9.59 -9.76
N GLY A 56 6.52 -8.55 -10.58
CA GLY A 56 6.13 -8.73 -11.97
C GLY A 56 4.68 -8.34 -12.26
N ASP A 57 3.83 -9.33 -12.45
CA ASP A 57 2.43 -9.10 -12.78
C ASP A 57 1.58 -8.82 -11.53
N VAL A 58 1.17 -7.56 -11.39
CA VAL A 58 0.35 -7.13 -10.24
C VAL A 58 -1.05 -7.75 -10.23
N GLN A 59 -1.59 -8.07 -11.40
CA GLN A 59 -2.93 -8.65 -11.50
C GLN A 59 -3.00 -10.00 -10.78
N GLU A 60 -1.96 -10.81 -10.95
CA GLU A 60 -1.90 -12.11 -10.29
C GLU A 60 -1.77 -11.94 -8.78
N LEU A 61 -0.96 -10.97 -8.37
CA LEU A 61 -0.74 -10.69 -6.96
C LEU A 61 -2.02 -10.22 -6.27
N VAL A 62 -2.71 -9.29 -6.93
CA VAL A 62 -3.95 -8.74 -6.38
C VAL A 62 -5.01 -9.85 -6.32
N ASP A 63 -5.03 -10.71 -7.34
CA ASP A 63 -5.97 -11.82 -7.36
C ASP A 63 -5.69 -12.75 -6.18
N GLN A 64 -4.43 -12.96 -5.88
CA GLN A 64 -4.03 -13.81 -4.77
C GLN A 64 -4.37 -13.15 -3.43
N LEU A 65 -4.12 -11.85 -3.35
CA LEU A 65 -4.40 -11.09 -2.12
C LEU A 65 -5.89 -11.02 -1.85
N ARG A 66 -6.69 -10.82 -2.90
CA ARG A 66 -8.15 -10.71 -2.75
C ARG A 66 -8.80 -12.08 -2.64
N GLN A 67 -8.06 -13.12 -3.01
CA GLN A 67 -8.55 -14.49 -2.96
C GLN A 67 -8.82 -14.91 -1.51
N ARG A 68 -7.93 -14.49 -0.60
CA ARG A 68 -8.08 -14.86 0.81
C ARG A 68 -8.53 -13.66 1.65
N CYS A 69 -8.10 -12.46 1.28
CA CYS A 69 -8.46 -11.26 2.02
C CYS A 69 -9.35 -10.35 1.18
N THR A 70 -10.47 -9.92 1.76
CA THR A 70 -11.38 -9.04 1.07
C THR A 70 -10.82 -7.62 1.02
N PRO A 71 -11.28 -6.78 0.07
CA PRO A 71 -10.80 -5.40 -0.04
C PRO A 71 -11.08 -4.58 1.22
N GLU A 72 -12.13 -4.97 1.95
CA GLU A 72 -12.47 -4.28 3.19
C GLU A 72 -11.46 -4.61 4.28
N GLN A 73 -11.02 -5.87 4.31
CA GLN A 73 -10.04 -6.34 5.29
C GLN A 73 -8.65 -5.80 4.98
N LEU A 74 -8.29 -5.82 3.70
CA LEU A 74 -6.98 -5.35 3.26
C LEU A 74 -7.11 -4.33 2.14
N LYS A 75 -6.66 -3.10 2.40
CA LYS A 75 -6.70 -2.04 1.39
C LYS A 75 -5.47 -2.11 0.49
N ILE A 76 -5.66 -1.76 -0.76
CA ILE A 76 -4.57 -1.81 -1.72
C ILE A 76 -4.37 -0.45 -2.40
N PHE A 77 -3.17 0.09 -2.23
CA PHE A 77 -2.79 1.36 -2.82
C PHE A 77 -1.60 1.17 -3.77
N ILE A 78 -1.57 1.92 -4.87
CA ILE A 78 -0.48 1.80 -5.84
C ILE A 78 0.20 3.15 -6.08
N LEU A 79 1.53 3.12 -6.17
CA LEU A 79 2.32 4.32 -6.41
C LEU A 79 2.92 4.28 -7.80
N GLY A 80 2.75 5.37 -8.53
CA GLY A 80 3.27 5.45 -9.88
C GLY A 80 2.77 6.66 -10.61
N SER A 81 3.22 6.84 -11.85
CA SER A 81 2.80 7.95 -12.68
C SER A 81 1.33 7.85 -13.06
N LYS A 82 0.88 6.62 -13.30
CA LYS A 82 -0.51 6.39 -13.67
C LYS A 82 -1.18 5.46 -12.67
N GLY A 83 -2.40 5.81 -12.30
CA GLY A 83 -3.15 5.01 -11.36
C GLY A 83 -4.21 4.14 -12.03
N ASN A 84 -4.08 3.96 -13.34
CA ASN A 84 -5.05 3.17 -14.09
C ASN A 84 -4.76 1.67 -13.95
N TYR A 85 -5.00 1.15 -12.76
CA TYR A 85 -4.79 -0.27 -12.46
C TYR A 85 -6.00 -0.83 -11.75
N GLN A 86 -6.29 -2.10 -12.00
CA GLN A 86 -7.43 -2.75 -11.38
C GLN A 86 -7.01 -3.49 -10.11
N GLY A 87 -7.94 -3.63 -9.17
CA GLY A 87 -7.64 -4.33 -7.94
C GLY A 87 -7.13 -3.41 -6.84
N VAL A 88 -7.11 -2.10 -7.09
CA VAL A 88 -6.66 -1.15 -6.10
C VAL A 88 -7.79 -0.20 -5.72
N ASP A 89 -7.73 0.30 -4.50
CA ASP A 89 -8.77 1.21 -4.00
C ASP A 89 -8.47 2.66 -4.35
N ARG A 90 -7.19 3.01 -4.40
CA ARG A 90 -6.78 4.38 -4.72
C ARG A 90 -5.42 4.40 -5.41
N TYR A 91 -5.10 5.52 -6.04
CA TYR A 91 -3.82 5.67 -6.72
C TYR A 91 -3.13 6.95 -6.26
N ILE A 92 -1.81 6.89 -6.15
CA ILE A 92 -1.03 8.04 -5.72
C ILE A 92 0.10 8.33 -6.72
N PRO A 93 -0.04 9.40 -7.52
CA PRO A 93 0.95 9.77 -8.53
C PRO A 93 2.25 10.31 -7.94
N LEU A 94 3.33 10.12 -8.68
CA LEU A 94 4.65 10.59 -8.28
C LEU A 94 5.04 11.82 -9.11
N PRO A 95 5.81 12.76 -8.52
CA PRO A 95 6.27 12.66 -7.13
C PRO A 95 5.14 12.84 -6.12
N ILE A 96 5.17 12.04 -5.07
CA ILE A 96 4.17 12.10 -4.01
C ILE A 96 4.20 13.43 -3.27
N HIS A 97 3.03 14.02 -3.11
CA HIS A 97 2.89 15.26 -2.38
C HIS A 97 2.47 14.92 -0.95
N PRO A 98 3.33 15.23 0.04
CA PRO A 98 3.06 14.89 1.45
C PRO A 98 1.77 15.50 2.01
N GLU A 99 1.40 16.68 1.51
CA GLU A 99 0.19 17.36 1.98
C GLU A 99 -1.08 16.61 1.60
N SER A 100 -1.12 16.06 0.40
CA SER A 100 -2.28 15.34 -0.08
C SER A 100 -2.17 13.83 0.15
N PHE A 101 -0.93 13.35 0.27
CA PHE A 101 -0.69 11.92 0.49
C PHE A 101 -1.35 11.44 1.78
N LEU A 102 -1.11 12.16 2.87
CA LEU A 102 -1.69 11.82 4.16
C LEU A 102 -3.22 11.95 4.10
N GLN A 103 -3.68 12.97 3.38
CA GLN A 103 -5.11 13.21 3.23
C GLN A 103 -5.78 12.03 2.51
N GLN A 104 -5.13 11.54 1.44
CA GLN A 104 -5.67 10.41 0.69
C GLN A 104 -5.72 9.14 1.54
N VAL A 105 -4.68 8.91 2.33
CA VAL A 105 -4.62 7.74 3.21
C VAL A 105 -5.74 7.82 4.25
N THR A 106 -5.89 8.99 4.86
CA THR A 106 -6.92 9.22 5.86
C THR A 106 -8.31 9.04 5.26
N MET A 107 -8.53 9.61 4.08
CA MET A 107 -9.81 9.51 3.39
C MET A 107 -10.16 8.05 3.11
N GLY A 108 -9.19 7.30 2.58
CA GLY A 108 -9.39 5.89 2.31
C GLY A 108 -9.66 5.11 3.58
N LEU A 109 -8.91 5.43 4.64
CA LEU A 109 -9.05 4.77 5.93
C LEU A 109 -10.44 4.99 6.53
N THR A 110 -10.95 6.22 6.44
CA THR A 110 -12.27 6.55 6.97
C THR A 110 -13.39 5.96 6.10
N SER A 111 -13.04 5.47 4.92
CA SER A 111 -14.02 4.89 4.01
C SER A 111 -14.22 3.40 4.29
N LEU A 112 -13.48 2.87 5.27
CA LEU A 112 -13.57 1.46 5.65
C LEU A 112 -14.96 1.12 6.18
N ALA A 113 -15.49 1.99 7.04
CA ALA A 113 -16.81 1.79 7.62
C ALA A 113 -17.49 3.12 7.90
N THR A 114 -18.82 3.12 7.86
CA THR A 114 -19.59 4.34 8.11
C THR A 114 -19.73 4.60 9.61
N SER A 115 -20.04 5.84 9.96
CA SER A 115 -20.21 6.22 11.36
C SER A 115 -21.56 6.89 11.57
N ALA A 116 -22.13 6.70 12.77
CA ALA A 116 -23.42 7.30 13.11
C ALA A 116 -23.31 8.81 13.26
N GLN A 117 -24.33 9.53 12.81
CA GLN A 117 -24.35 10.98 12.89
C GLN A 117 -25.42 11.46 13.86
N GLU A 1 -3.92 -5.59 11.75
CA GLU A 1 -2.83 -5.37 12.74
C GLU A 1 -2.49 -3.89 12.86
N GLY A 2 -3.05 -3.10 11.96
CA GLY A 2 -2.79 -1.66 11.97
C GLY A 2 -1.46 -1.32 11.31
N ARG A 3 -0.89 -2.26 10.58
CA ARG A 3 0.38 -2.06 9.90
C ARG A 3 0.20 -1.99 8.40
N ILE A 4 1.05 -1.21 7.75
CA ILE A 4 1.02 -1.03 6.30
C ILE A 4 2.35 -1.50 5.70
N VAL A 5 2.29 -2.25 4.60
CA VAL A 5 3.51 -2.74 3.99
C VAL A 5 3.76 -2.03 2.65
N LEU A 6 5.04 -1.83 2.33
CA LEU A 6 5.42 -1.17 1.11
C LEU A 6 6.29 -2.07 0.26
N VAL A 7 5.90 -2.27 -0.99
CA VAL A 7 6.66 -3.12 -1.90
C VAL A 7 7.22 -2.29 -3.04
N SER A 8 8.54 -2.25 -3.11
CA SER A 8 9.25 -1.50 -4.13
C SER A 8 10.75 -1.78 -4.07
N GLU A 9 11.39 -1.78 -5.22
CA GLU A 9 12.82 -2.01 -5.29
C GLU A 9 13.60 -0.69 -5.23
N ASP A 10 12.88 0.43 -5.18
CA ASP A 10 13.51 1.75 -5.13
C ASP A 10 13.71 2.21 -3.69
N GLU A 11 14.98 2.18 -3.26
CA GLU A 11 15.36 2.60 -1.91
C GLU A 11 15.08 4.09 -1.66
N ALA A 12 15.34 4.90 -2.68
CA ALA A 12 15.15 6.35 -2.58
C ALA A 12 13.71 6.73 -2.25
N THR A 13 12.76 6.06 -2.90
CA THR A 13 11.35 6.34 -2.64
C THR A 13 10.88 5.75 -1.31
N SER A 14 11.39 4.55 -0.98
CA SER A 14 10.99 3.89 0.25
C SER A 14 11.44 4.67 1.49
N THR A 15 12.65 5.22 1.45
CA THR A 15 13.18 6.00 2.58
C THR A 15 12.44 7.33 2.75
N LEU A 16 12.11 7.97 1.66
CA LEU A 16 11.40 9.25 1.69
C LEU A 16 9.94 9.09 2.15
N ILE A 17 9.27 8.08 1.61
CA ILE A 17 7.87 7.82 1.90
C ILE A 17 7.62 7.25 3.31
N CYS A 18 8.59 6.50 3.85
CA CYS A 18 8.44 5.88 5.17
C CYS A 18 8.32 6.91 6.29
N SER A 19 8.92 8.08 6.08
CA SER A 19 8.88 9.13 7.10
C SER A 19 7.45 9.67 7.26
N ILE A 20 6.73 9.80 6.16
CA ILE A 20 5.36 10.32 6.19
C ILE A 20 4.42 9.36 6.94
N LEU A 21 4.50 8.09 6.58
CA LEU A 21 3.67 7.05 7.20
C LEU A 21 3.96 6.87 8.68
N THR A 22 5.24 6.87 9.04
CA THR A 22 5.65 6.68 10.43
C THR A 22 5.22 7.87 11.30
N THR A 23 5.37 9.08 10.76
CA THR A 23 5.00 10.30 11.48
C THR A 23 3.51 10.27 11.86
N ALA A 24 2.70 9.76 10.95
CA ALA A 24 1.26 9.64 11.17
C ALA A 24 0.95 8.69 12.34
N GLY A 25 1.93 7.86 12.69
CA GLY A 25 1.77 6.92 13.78
C GLY A 25 1.61 5.49 13.30
N TYR A 26 1.70 5.28 12.00
CA TYR A 26 1.57 3.95 11.44
C TYR A 26 2.92 3.33 11.10
N GLN A 27 3.04 2.03 11.33
CA GLN A 27 4.27 1.32 11.04
C GLN A 27 4.25 0.79 9.62
N VAL A 28 5.38 0.90 8.94
CA VAL A 28 5.47 0.44 7.56
C VAL A 28 6.61 -0.57 7.39
N ILE A 29 6.36 -1.62 6.61
CA ILE A 29 7.36 -2.63 6.34
C ILE A 29 7.74 -2.60 4.86
N TRP A 30 9.02 -2.35 4.58
CA TRP A 30 9.50 -2.27 3.21
C TRP A 30 9.97 -3.63 2.69
N LEU A 31 9.35 -4.08 1.60
CA LEU A 31 9.71 -5.35 0.98
C LEU A 31 10.16 -5.14 -0.47
N VAL A 32 11.20 -5.85 -0.88
CA VAL A 32 11.72 -5.73 -2.24
C VAL A 32 11.40 -6.97 -3.08
N ASP A 33 10.34 -7.68 -2.72
CA ASP A 33 9.98 -8.91 -3.44
C ASP A 33 8.48 -9.00 -3.76
N GLY A 34 7.64 -8.73 -2.77
CA GLY A 34 6.20 -8.80 -2.99
C GLY A 34 5.63 -10.21 -2.92
N GLU A 35 6.32 -11.10 -2.21
CA GLU A 35 5.85 -12.48 -2.07
C GLU A 35 4.59 -12.55 -1.23
N VAL A 36 3.62 -13.29 -1.75
CA VAL A 36 2.33 -13.48 -1.12
C VAL A 36 2.47 -14.17 0.24
N GLU A 37 3.34 -15.17 0.32
CA GLU A 37 3.53 -15.89 1.59
C GLU A 37 4.02 -14.93 2.67
N ARG A 38 4.96 -14.06 2.32
CA ARG A 38 5.47 -13.09 3.29
C ARG A 38 4.41 -12.03 3.60
N LEU A 39 3.68 -11.60 2.57
CA LEU A 39 2.62 -10.62 2.74
C LEU A 39 1.50 -11.19 3.59
N LEU A 40 1.17 -12.46 3.35
CA LEU A 40 0.12 -13.15 4.11
C LEU A 40 0.53 -13.32 5.57
N ALA A 41 1.79 -13.71 5.80
CA ALA A 41 2.30 -13.91 7.16
C ALA A 41 2.28 -12.62 7.96
N LEU A 42 2.62 -11.52 7.30
CA LEU A 42 2.64 -10.19 7.94
C LEU A 42 1.38 -9.42 7.58
N THR A 43 0.29 -10.16 7.38
CA THR A 43 -1.02 -9.61 6.99
C THR A 43 -1.29 -8.19 7.50
N PRO A 44 -1.17 -7.20 6.61
CA PRO A 44 -1.41 -5.79 6.90
C PRO A 44 -2.87 -5.37 6.66
N ILE A 45 -3.17 -4.12 6.96
CA ILE A 45 -4.52 -3.60 6.72
C ILE A 45 -4.62 -3.07 5.30
N ALA A 46 -3.47 -2.70 4.76
CA ALA A 46 -3.41 -2.18 3.40
C ALA A 46 -1.99 -2.33 2.86
N VAL A 47 -1.87 -2.43 1.54
CA VAL A 47 -0.56 -2.57 0.91
C VAL A 47 -0.31 -1.43 -0.08
N LEU A 48 0.94 -0.98 -0.11
CA LEU A 48 1.36 0.08 -1.01
C LEU A 48 2.31 -0.51 -2.04
N LEU A 49 1.89 -0.59 -3.29
CA LEU A 49 2.74 -1.16 -4.32
C LEU A 49 3.33 -0.05 -5.17
N ALA A 50 4.64 0.15 -5.07
CA ALA A 50 5.30 1.21 -5.82
C ALA A 50 6.10 0.67 -6.99
N GLU A 51 5.92 1.29 -8.15
CA GLU A 51 6.65 0.90 -9.35
C GLU A 51 8.12 1.33 -9.24
N PRO A 52 9.05 0.53 -9.81
CA PRO A 52 8.74 -0.73 -10.48
C PRO A 52 8.33 -1.84 -9.51
N PHE A 53 7.33 -2.61 -9.90
CA PHE A 53 6.85 -3.72 -9.08
C PHE A 53 7.80 -4.92 -9.14
N SER A 54 7.97 -5.59 -8.01
CA SER A 54 8.87 -6.75 -7.93
C SER A 54 8.09 -8.05 -8.06
N TYR A 55 6.87 -8.08 -7.53
CA TYR A 55 6.00 -9.25 -7.57
C TYR A 55 5.61 -9.64 -9.00
N GLY A 56 5.73 -8.70 -9.94
CA GLY A 56 5.38 -8.98 -11.32
C GLY A 56 4.02 -8.46 -11.73
N ASP A 57 3.09 -9.38 -11.98
CA ASP A 57 1.74 -9.01 -12.42
C ASP A 57 0.86 -8.56 -11.25
N VAL A 58 0.43 -7.31 -11.32
CA VAL A 58 -0.43 -6.71 -10.29
C VAL A 58 -1.77 -7.44 -10.14
N GLN A 59 -2.39 -7.80 -11.26
CA GLN A 59 -3.70 -8.46 -11.24
C GLN A 59 -3.65 -9.80 -10.49
N GLU A 60 -2.61 -10.57 -10.72
CA GLU A 60 -2.45 -11.86 -10.05
C GLU A 60 -2.28 -11.68 -8.55
N LEU A 61 -1.50 -10.66 -8.16
CA LEU A 61 -1.27 -10.37 -6.75
C LEU A 61 -2.57 -9.95 -6.08
N VAL A 62 -3.33 -9.08 -6.77
CA VAL A 62 -4.60 -8.59 -6.26
C VAL A 62 -5.58 -9.75 -6.11
N ASP A 63 -5.61 -10.62 -7.13
CA ASP A 63 -6.49 -11.78 -7.11
C ASP A 63 -6.16 -12.66 -5.92
N GLN A 64 -4.88 -12.83 -5.64
CA GLN A 64 -4.46 -13.65 -4.51
C GLN A 64 -4.78 -12.99 -3.19
N LEU A 65 -4.57 -11.67 -3.12
CA LEU A 65 -4.84 -10.91 -1.90
C LEU A 65 -6.34 -10.84 -1.61
N ARG A 66 -7.15 -10.62 -2.65
CA ARG A 66 -8.60 -10.51 -2.47
C ARG A 66 -9.24 -11.86 -2.19
N GLN A 67 -8.60 -12.92 -2.68
CA GLN A 67 -9.08 -14.28 -2.49
C GLN A 67 -9.01 -14.66 -1.02
N ARG A 68 -7.94 -14.22 -0.35
CA ARG A 68 -7.73 -14.53 1.06
C ARG A 68 -8.29 -13.45 1.97
N CYS A 69 -8.11 -12.19 1.59
CA CYS A 69 -8.60 -11.09 2.39
C CYS A 69 -9.54 -10.21 1.57
N THR A 70 -10.67 -9.85 2.15
CA THR A 70 -11.64 -9.01 1.47
C THR A 70 -11.11 -7.58 1.34
N PRO A 71 -11.65 -6.80 0.39
CA PRO A 71 -11.23 -5.40 0.17
C PRO A 71 -11.31 -4.56 1.44
N GLU A 72 -12.29 -4.87 2.29
CA GLU A 72 -12.47 -4.15 3.54
C GLU A 72 -11.35 -4.48 4.52
N GLN A 73 -10.96 -5.75 4.53
CA GLN A 73 -9.90 -6.23 5.42
C GLN A 73 -8.52 -5.72 4.98
N LEU A 74 -8.29 -5.71 3.67
CA LEU A 74 -7.00 -5.28 3.12
C LEU A 74 -7.19 -4.33 1.94
N LYS A 75 -6.69 -3.12 2.06
CA LYS A 75 -6.80 -2.14 0.99
C LYS A 75 -5.55 -2.18 0.11
N ILE A 76 -5.73 -1.96 -1.16
CA ILE A 76 -4.62 -1.99 -2.11
C ILE A 76 -4.44 -0.66 -2.83
N PHE A 77 -3.25 -0.10 -2.68
CA PHE A 77 -2.91 1.17 -3.32
C PHE A 77 -1.66 1.01 -4.19
N ILE A 78 -1.59 1.75 -5.29
CA ILE A 78 -0.43 1.65 -6.19
C ILE A 78 0.21 3.01 -6.47
N LEU A 79 1.54 3.03 -6.48
CA LEU A 79 2.31 4.24 -6.72
C LEU A 79 3.01 4.19 -8.06
N GLY A 80 2.91 5.27 -8.83
CA GLY A 80 3.55 5.33 -10.12
C GLY A 80 3.00 6.43 -11.00
N SER A 81 3.28 6.35 -12.29
CA SER A 81 2.80 7.33 -13.24
C SER A 81 1.51 6.82 -13.87
N LYS A 82 0.41 7.49 -13.57
CA LYS A 82 -0.91 7.12 -14.07
C LYS A 82 -1.28 5.73 -13.54
N GLY A 83 -1.75 5.70 -12.29
CA GLY A 83 -2.11 4.44 -11.65
C GLY A 83 -3.43 3.86 -12.15
N ASN A 84 -3.54 3.67 -13.46
CA ASN A 84 -4.75 3.11 -14.05
C ASN A 84 -4.66 1.58 -14.06
N TYR A 85 -4.81 0.98 -12.89
CA TYR A 85 -4.76 -0.46 -12.75
C TYR A 85 -5.98 -0.99 -12.03
N GLN A 86 -6.41 -2.17 -12.44
CA GLN A 86 -7.58 -2.81 -11.85
C GLN A 86 -7.20 -3.56 -10.58
N GLY A 87 -8.11 -3.61 -9.62
CA GLY A 87 -7.84 -4.31 -8.38
C GLY A 87 -7.33 -3.42 -7.27
N VAL A 88 -7.24 -2.11 -7.52
CA VAL A 88 -6.76 -1.19 -6.50
C VAL A 88 -7.86 -0.20 -6.13
N ASP A 89 -7.91 0.17 -4.87
CA ASP A 89 -8.91 1.11 -4.37
C ASP A 89 -8.63 2.53 -4.85
N ARG A 90 -7.36 2.94 -4.78
CA ARG A 90 -6.97 4.29 -5.19
C ARG A 90 -5.57 4.25 -5.79
N TYR A 91 -5.19 5.31 -6.49
CA TYR A 91 -3.87 5.39 -7.11
C TYR A 91 -3.12 6.61 -6.62
N ILE A 92 -1.80 6.47 -6.50
CA ILE A 92 -0.95 7.57 -6.06
C ILE A 92 0.09 7.92 -7.12
N PRO A 93 -0.13 9.02 -7.86
CA PRO A 93 0.78 9.46 -8.92
C PRO A 93 2.08 10.09 -8.40
N LEU A 94 3.12 9.98 -9.20
CA LEU A 94 4.42 10.54 -8.87
C LEU A 94 4.67 11.80 -9.71
N PRO A 95 5.45 12.76 -9.18
CA PRO A 95 6.05 12.67 -7.84
C PRO A 95 5.02 12.81 -6.72
N ILE A 96 5.19 11.99 -5.69
CA ILE A 96 4.31 12.02 -4.53
C ILE A 96 4.41 13.34 -3.76
N HIS A 97 3.26 13.92 -3.49
CA HIS A 97 3.19 15.16 -2.73
C HIS A 97 2.84 14.81 -1.29
N PRO A 98 3.76 15.07 -0.35
CA PRO A 98 3.58 14.75 1.09
C PRO A 98 2.28 15.29 1.69
N GLU A 99 1.88 16.48 1.27
CA GLU A 99 0.68 17.13 1.79
C GLU A 99 -0.60 16.35 1.42
N SER A 100 -0.65 15.85 0.19
CA SER A 100 -1.82 15.13 -0.29
C SER A 100 -1.72 13.63 -0.04
N PHE A 101 -0.50 13.10 -0.01
CA PHE A 101 -0.28 11.67 0.20
C PHE A 101 -0.87 11.24 1.53
N LEU A 102 -0.56 11.98 2.59
CA LEU A 102 -1.07 11.66 3.93
C LEU A 102 -2.60 11.76 3.94
N GLN A 103 -3.13 12.79 3.28
CA GLN A 103 -4.58 12.99 3.20
C GLN A 103 -5.26 11.83 2.47
N GLN A 104 -4.64 11.38 1.38
CA GLN A 104 -5.19 10.27 0.60
C GLN A 104 -5.16 8.97 1.41
N VAL A 105 -4.04 8.70 2.06
CA VAL A 105 -3.88 7.50 2.87
C VAL A 105 -4.88 7.49 4.03
N THR A 106 -5.01 8.63 4.71
CA THR A 106 -5.93 8.76 5.83
C THR A 106 -7.37 8.51 5.38
N MET A 107 -7.74 9.11 4.25
CA MET A 107 -9.09 8.93 3.70
C MET A 107 -9.34 7.46 3.38
N GLY A 108 -8.35 6.82 2.77
CA GLY A 108 -8.47 5.41 2.43
C GLY A 108 -8.61 4.53 3.67
N LEU A 109 -7.84 4.85 4.70
CA LEU A 109 -7.87 4.08 5.96
C LEU A 109 -9.22 4.20 6.65
N THR A 110 -9.80 5.40 6.62
CA THR A 110 -11.10 5.64 7.25
C THR A 110 -12.24 4.99 6.46
N SER A 111 -11.93 4.49 5.28
CA SER A 111 -12.93 3.84 4.43
C SER A 111 -13.01 2.34 4.74
N LEU A 112 -12.17 1.87 5.66
CA LEU A 112 -12.16 0.47 6.05
C LEU A 112 -12.24 0.33 7.56
N ALA A 113 -12.46 -0.90 8.03
CA ALA A 113 -12.55 -1.17 9.46
C ALA A 113 -11.96 -2.53 9.80
N THR A 114 -11.41 -2.65 11.00
CA THR A 114 -10.81 -3.91 11.44
C THR A 114 -11.49 -4.39 12.72
N SER A 115 -11.91 -5.65 12.72
CA SER A 115 -12.58 -6.24 13.88
C SER A 115 -12.32 -7.74 13.94
N ALA A 116 -12.53 -8.33 15.12
CA ALA A 116 -12.33 -9.76 15.32
C ALA A 116 -13.26 -10.59 14.43
N GLN A 117 -14.50 -10.14 14.29
CA GLN A 117 -15.48 -10.85 13.48
C GLN A 117 -15.35 -10.44 12.00
N GLU A 1 -2.21 -3.54 14.98
CA GLU A 1 -2.50 -4.19 13.67
C GLU A 1 -2.40 -3.19 12.54
N GLY A 2 -2.06 -1.94 12.88
CA GLY A 2 -1.94 -0.90 11.89
C GLY A 2 -0.59 -0.92 11.19
N ARG A 3 -0.39 -1.93 10.35
CA ARG A 3 0.87 -2.07 9.62
C ARG A 3 0.64 -1.95 8.12
N ILE A 4 1.57 -1.28 7.44
CA ILE A 4 1.49 -1.10 5.99
C ILE A 4 2.76 -1.65 5.35
N VAL A 5 2.62 -2.40 4.25
CA VAL A 5 3.79 -2.97 3.59
C VAL A 5 4.00 -2.34 2.21
N LEU A 6 5.25 -2.24 1.80
CA LEU A 6 5.59 -1.67 0.51
C LEU A 6 6.33 -2.68 -0.36
N VAL A 7 5.87 -2.82 -1.60
CA VAL A 7 6.49 -3.73 -2.54
C VAL A 7 7.11 -2.95 -3.69
N SER A 8 8.43 -2.83 -3.64
CA SER A 8 9.18 -2.09 -4.65
C SER A 8 10.67 -2.28 -4.44
N GLU A 9 11.43 -2.22 -5.52
CA GLU A 9 12.87 -2.36 -5.44
C GLU A 9 13.56 -1.00 -5.29
N ASP A 10 12.78 0.09 -5.29
CA ASP A 10 13.36 1.42 -5.17
C ASP A 10 13.44 1.86 -3.71
N GLU A 11 14.67 1.95 -3.20
CA GLU A 11 14.92 2.35 -1.82
C GLU A 11 14.51 3.80 -1.55
N ALA A 12 14.74 4.68 -2.52
CA ALA A 12 14.45 6.11 -2.37
C ALA A 12 12.97 6.40 -2.11
N THR A 13 12.06 5.78 -2.86
CA THR A 13 10.63 6.03 -2.66
C THR A 13 10.14 5.40 -1.36
N SER A 14 10.69 4.23 -1.04
CA SER A 14 10.30 3.53 0.17
C SER A 14 10.71 4.31 1.41
N THR A 15 11.92 4.86 1.40
CA THR A 15 12.43 5.64 2.53
C THR A 15 11.61 6.90 2.76
N LEU A 16 11.33 7.64 1.69
CA LEU A 16 10.56 8.88 1.77
C LEU A 16 9.13 8.63 2.24
N ILE A 17 8.50 7.60 1.67
CA ILE A 17 7.12 7.27 2.01
C ILE A 17 7.00 6.76 3.46
N CYS A 18 8.05 6.05 3.90
CA CYS A 18 8.09 5.48 5.25
C CYS A 18 8.02 6.57 6.31
N SER A 19 8.79 7.64 6.11
CA SER A 19 8.83 8.73 7.08
C SER A 19 7.46 9.39 7.23
N ILE A 20 6.75 9.59 6.12
CA ILE A 20 5.43 10.21 6.15
C ILE A 20 4.44 9.34 6.93
N LEU A 21 4.41 8.05 6.59
CA LEU A 21 3.50 7.09 7.22
C LEU A 21 3.86 6.83 8.69
N THR A 22 5.16 6.75 8.98
CA THR A 22 5.62 6.48 10.34
C THR A 22 5.23 7.63 11.28
N THR A 23 5.34 8.86 10.78
CA THR A 23 4.98 10.04 11.55
C THR A 23 3.50 9.97 11.97
N ALA A 24 2.67 9.48 11.06
CA ALA A 24 1.24 9.31 11.32
C ALA A 24 1.00 8.26 12.42
N GLY A 25 2.01 7.43 12.67
CA GLY A 25 1.90 6.40 13.69
C GLY A 25 1.81 5.00 13.13
N TYR A 26 1.92 4.88 11.81
CA TYR A 26 1.84 3.56 11.18
C TYR A 26 3.22 3.02 10.81
N GLN A 27 3.40 1.71 10.97
CA GLN A 27 4.66 1.07 10.65
C GLN A 27 4.68 0.61 9.20
N VAL A 28 5.83 0.78 8.56
CA VAL A 28 5.97 0.38 7.16
C VAL A 28 6.99 -0.75 7.00
N ILE A 29 6.59 -1.81 6.31
CA ILE A 29 7.47 -2.94 6.05
C ILE A 29 7.84 -2.98 4.58
N TRP A 30 9.13 -2.88 4.28
CA TRP A 30 9.61 -2.87 2.91
C TRP A 30 9.90 -4.29 2.40
N LEU A 31 9.27 -4.64 1.26
CA LEU A 31 9.46 -5.95 0.65
C LEU A 31 10.07 -5.80 -0.75
N VAL A 32 11.13 -6.56 -1.01
CA VAL A 32 11.82 -6.53 -2.30
C VAL A 32 11.46 -7.72 -3.17
N ASP A 33 10.26 -8.25 -2.99
CA ASP A 33 9.82 -9.43 -3.74
C ASP A 33 8.30 -9.54 -3.83
N GLY A 34 7.61 -9.14 -2.76
CA GLY A 34 6.15 -9.21 -2.75
C GLY A 34 5.63 -10.62 -2.54
N GLU A 35 6.41 -11.46 -1.84
CA GLU A 35 6.02 -12.83 -1.57
C GLU A 35 4.76 -12.85 -0.71
N VAL A 36 3.74 -13.53 -1.24
CA VAL A 36 2.44 -13.66 -0.60
C VAL A 36 2.52 -14.34 0.77
N GLU A 37 3.34 -15.38 0.88
CA GLU A 37 3.47 -16.09 2.15
C GLU A 37 4.00 -15.15 3.24
N ARG A 38 4.98 -14.34 2.89
CA ARG A 38 5.55 -13.37 3.84
C ARG A 38 4.55 -12.25 4.11
N LEU A 39 3.88 -11.78 3.06
CA LEU A 39 2.89 -10.72 3.18
C LEU A 39 1.70 -11.19 4.02
N LEU A 40 1.29 -12.44 3.80
CA LEU A 40 0.17 -13.02 4.54
C LEU A 40 0.52 -13.13 6.03
N ALA A 41 1.74 -13.57 6.33
CA ALA A 41 2.21 -13.70 7.71
C ALA A 41 2.23 -12.35 8.42
N LEU A 42 2.62 -11.32 7.69
CA LEU A 42 2.70 -9.96 8.21
C LEU A 42 1.47 -9.16 7.80
N THR A 43 0.34 -9.89 7.66
CA THR A 43 -0.95 -9.32 7.24
C THR A 43 -1.15 -7.87 7.66
N PRO A 44 -1.03 -6.95 6.69
CA PRO A 44 -1.20 -5.50 6.89
C PRO A 44 -2.64 -5.04 6.68
N ILE A 45 -2.90 -3.77 6.96
CA ILE A 45 -4.23 -3.20 6.74
C ILE A 45 -4.34 -2.73 5.30
N ALA A 46 -3.20 -2.40 4.72
CA ALA A 46 -3.13 -1.93 3.35
C ALA A 46 -1.74 -2.18 2.78
N VAL A 47 -1.67 -2.32 1.46
CA VAL A 47 -0.40 -2.55 0.78
C VAL A 47 -0.12 -1.44 -0.23
N LEU A 48 1.15 -1.10 -0.37
CA LEU A 48 1.58 -0.09 -1.32
C LEU A 48 2.42 -0.73 -2.42
N LEU A 49 1.94 -0.70 -3.65
CA LEU A 49 2.69 -1.27 -4.76
C LEU A 49 3.31 -0.15 -5.57
N ALA A 50 4.61 0.01 -5.47
CA ALA A 50 5.29 1.09 -6.17
C ALA A 50 6.12 0.58 -7.35
N GLU A 51 5.99 1.26 -8.48
CA GLU A 51 6.75 0.93 -9.68
C GLU A 51 8.25 1.22 -9.47
N PRO A 52 9.14 0.31 -9.90
CA PRO A 52 8.76 -0.96 -10.53
C PRO A 52 8.30 -2.01 -9.52
N PHE A 53 7.28 -2.79 -9.89
CA PHE A 53 6.76 -3.81 -9.01
C PHE A 53 7.72 -4.99 -8.91
N SER A 54 8.12 -5.32 -7.69
CA SER A 54 9.04 -6.44 -7.45
C SER A 54 8.40 -7.78 -7.82
N TYR A 55 7.12 -7.93 -7.48
CA TYR A 55 6.38 -9.16 -7.77
C TYR A 55 6.12 -9.31 -9.27
N GLY A 56 6.13 -8.21 -10.00
CA GLY A 56 5.88 -8.27 -11.43
C GLY A 56 4.47 -7.87 -11.79
N ASP A 57 3.63 -8.86 -12.10
CA ASP A 57 2.24 -8.61 -12.47
C ASP A 57 1.38 -8.39 -11.22
N VAL A 58 0.93 -7.16 -11.02
CA VAL A 58 0.12 -6.81 -9.86
C VAL A 58 -1.29 -7.40 -9.90
N GLN A 59 -1.83 -7.68 -11.09
CA GLN A 59 -3.17 -8.24 -11.19
C GLN A 59 -3.25 -9.58 -10.47
N GLU A 60 -2.25 -10.43 -10.69
CA GLU A 60 -2.18 -11.74 -10.06
C GLU A 60 -1.99 -11.59 -8.55
N LEU A 61 -1.15 -10.64 -8.16
CA LEU A 61 -0.87 -10.36 -6.75
C LEU A 61 -2.14 -9.91 -6.04
N VAL A 62 -2.88 -9.01 -6.69
CA VAL A 62 -4.13 -8.49 -6.15
C VAL A 62 -5.13 -9.64 -6.01
N ASP A 63 -5.21 -10.47 -7.04
CA ASP A 63 -6.11 -11.62 -7.03
C ASP A 63 -5.78 -12.56 -5.88
N GLN A 64 -4.50 -12.76 -5.64
CA GLN A 64 -4.05 -13.65 -4.56
C GLN A 64 -4.34 -13.02 -3.19
N LEU A 65 -4.09 -11.72 -3.09
CA LEU A 65 -4.32 -11.00 -1.85
C LEU A 65 -5.81 -10.85 -1.53
N ARG A 66 -6.62 -10.52 -2.54
CA ARG A 66 -8.06 -10.36 -2.32
C ARG A 66 -8.72 -11.70 -2.04
N GLN A 67 -8.10 -12.76 -2.54
CA GLN A 67 -8.59 -14.11 -2.33
C GLN A 67 -8.48 -14.50 -0.85
N ARG A 68 -7.39 -14.09 -0.22
CA ARG A 68 -7.14 -14.40 1.18
C ARG A 68 -7.72 -13.33 2.11
N CYS A 69 -7.68 -12.09 1.66
CA CYS A 69 -8.18 -10.98 2.45
C CYS A 69 -9.05 -10.08 1.57
N THR A 70 -10.25 -9.79 2.04
CA THR A 70 -11.19 -8.96 1.30
C THR A 70 -10.74 -7.50 1.27
N PRO A 71 -11.22 -6.72 0.28
CA PRO A 71 -10.87 -5.29 0.17
C PRO A 71 -11.29 -4.47 1.39
N GLU A 72 -12.30 -4.97 2.12
CA GLU A 72 -12.77 -4.29 3.31
C GLU A 72 -11.82 -4.56 4.48
N GLN A 73 -11.01 -5.61 4.34
CA GLN A 73 -10.05 -6.00 5.37
C GLN A 73 -8.65 -5.48 5.03
N LEU A 74 -8.33 -5.46 3.73
CA LEU A 74 -7.02 -5.01 3.27
C LEU A 74 -7.16 -4.06 2.08
N LYS A 75 -6.58 -2.87 2.21
CA LYS A 75 -6.65 -1.88 1.13
C LYS A 75 -5.41 -1.98 0.24
N ILE A 76 -5.60 -1.70 -1.03
CA ILE A 76 -4.50 -1.77 -1.99
C ILE A 76 -4.29 -0.42 -2.67
N PHE A 77 -3.10 0.12 -2.49
CA PHE A 77 -2.72 1.40 -3.08
C PHE A 77 -1.52 1.21 -4.03
N ILE A 78 -1.48 1.99 -5.11
CA ILE A 78 -0.39 1.88 -6.08
C ILE A 78 0.30 3.22 -6.30
N LEU A 79 1.64 3.20 -6.31
CA LEU A 79 2.45 4.40 -6.51
C LEU A 79 3.07 4.39 -7.89
N GLY A 80 2.85 5.47 -8.63
CA GLY A 80 3.41 5.56 -9.97
C GLY A 80 2.73 6.64 -10.78
N SER A 81 2.99 6.66 -12.08
CA SER A 81 2.39 7.64 -12.96
C SER A 81 1.20 7.00 -13.66
N LYS A 82 0.06 7.67 -13.57
CA LYS A 82 -1.18 7.18 -14.18
C LYS A 82 -1.55 5.81 -13.61
N GLY A 83 -1.73 5.76 -12.29
CA GLY A 83 -2.06 4.53 -11.60
C GLY A 83 -3.47 4.00 -11.88
N ASN A 84 -3.81 3.87 -13.16
CA ASN A 84 -5.12 3.37 -13.56
C ASN A 84 -5.09 1.85 -13.69
N TYR A 85 -5.14 1.16 -12.56
CA TYR A 85 -5.12 -0.29 -12.54
C TYR A 85 -6.27 -0.83 -11.72
N GLN A 86 -6.73 -2.02 -12.09
CA GLN A 86 -7.85 -2.65 -11.40
C GLN A 86 -7.36 -3.37 -10.15
N GLY A 87 -8.22 -3.42 -9.13
CA GLY A 87 -7.86 -4.09 -7.89
C GLY A 87 -7.27 -3.16 -6.84
N VAL A 88 -7.21 -1.86 -7.13
CA VAL A 88 -6.68 -0.92 -6.16
C VAL A 88 -7.75 0.08 -5.74
N ASP A 89 -7.74 0.44 -4.47
CA ASP A 89 -8.70 1.38 -3.91
C ASP A 89 -8.42 2.81 -4.37
N ARG A 90 -7.14 3.18 -4.39
CA ARG A 90 -6.74 4.53 -4.78
C ARG A 90 -5.40 4.50 -5.52
N TYR A 91 -5.15 5.55 -6.30
CA TYR A 91 -3.90 5.66 -7.04
C TYR A 91 -3.14 6.91 -6.61
N ILE A 92 -1.82 6.77 -6.45
CA ILE A 92 -1.00 7.89 -6.05
C ILE A 92 0.05 8.21 -7.11
N PRO A 93 -0.15 9.32 -7.86
CA PRO A 93 0.77 9.73 -8.92
C PRO A 93 2.10 10.30 -8.41
N LEU A 94 3.15 10.09 -9.19
CA LEU A 94 4.47 10.60 -8.87
C LEU A 94 4.80 11.79 -9.77
N PRO A 95 5.60 12.76 -9.28
CA PRO A 95 6.16 12.75 -7.91
C PRO A 95 5.08 12.84 -6.84
N ILE A 96 5.23 12.05 -5.79
CA ILE A 96 4.29 12.06 -4.67
C ILE A 96 4.33 13.37 -3.91
N HIS A 97 3.16 13.83 -3.53
CA HIS A 97 3.03 15.06 -2.76
C HIS A 97 2.69 14.70 -1.32
N PRO A 98 3.63 14.92 -0.38
CA PRO A 98 3.46 14.59 1.04
C PRO A 98 2.20 15.16 1.68
N GLU A 99 1.84 16.38 1.28
CA GLU A 99 0.66 17.05 1.84
C GLU A 99 -0.64 16.33 1.47
N SER A 100 -0.76 15.88 0.23
CA SER A 100 -1.97 15.21 -0.23
C SER A 100 -1.93 13.70 -0.01
N PHE A 101 -0.72 13.13 0.01
CA PHE A 101 -0.57 11.69 0.21
C PHE A 101 -1.18 11.24 1.54
N LEU A 102 -0.82 11.96 2.61
CA LEU A 102 -1.34 11.64 3.93
C LEU A 102 -2.86 11.81 3.97
N GLN A 103 -3.35 12.88 3.34
CA GLN A 103 -4.79 13.15 3.28
C GLN A 103 -5.53 12.05 2.52
N GLN A 104 -4.95 11.60 1.40
CA GLN A 104 -5.55 10.54 0.59
C GLN A 104 -5.64 9.23 1.37
N VAL A 105 -4.58 8.90 2.10
CA VAL A 105 -4.55 7.68 2.91
C VAL A 105 -5.61 7.76 4.00
N THR A 106 -5.68 8.91 4.66
CA THR A 106 -6.65 9.16 5.72
C THR A 106 -8.07 9.07 5.19
N MET A 107 -8.31 9.69 4.03
CA MET A 107 -9.63 9.69 3.40
C MET A 107 -10.08 8.25 3.10
N GLY A 108 -9.18 7.47 2.51
CA GLY A 108 -9.50 6.08 2.20
C GLY A 108 -9.75 5.28 3.45
N LEU A 109 -8.94 5.53 4.48
CA LEU A 109 -9.06 4.85 5.76
C LEU A 109 -10.41 5.16 6.42
N THR A 110 -10.80 6.44 6.42
CA THR A 110 -12.06 6.86 7.03
C THR A 110 -13.28 6.40 6.22
N SER A 111 -13.11 6.24 4.91
CA SER A 111 -14.21 5.81 4.06
C SER A 111 -14.57 4.34 4.29
N LEU A 112 -13.62 3.59 4.87
CA LEU A 112 -13.83 2.17 5.15
C LEU A 112 -14.97 1.96 6.15
N ALA A 113 -14.94 2.74 7.24
CA ALA A 113 -15.96 2.64 8.27
C ALA A 113 -16.07 3.94 9.04
N THR A 114 -17.27 4.24 9.54
CA THR A 114 -17.50 5.46 10.30
C THR A 114 -17.06 5.30 11.76
N SER A 115 -16.83 6.42 12.43
CA SER A 115 -16.40 6.40 13.83
C SER A 115 -16.84 7.67 14.54
N ALA A 116 -16.83 7.64 15.87
CA ALA A 116 -17.22 8.79 16.66
C ALA A 116 -16.45 8.83 17.98
N GLN A 117 -16.30 10.02 18.54
CA GLN A 117 -15.58 10.19 19.80
C GLN A 117 -16.55 10.36 20.96
N GLU A 1 -2.01 0.77 16.32
CA GLU A 1 -1.78 1.84 15.32
C GLU A 1 -2.00 1.32 13.91
N GLY A 2 -1.75 0.02 13.73
CA GLY A 2 -1.93 -0.60 12.43
C GLY A 2 -0.60 -0.76 11.70
N ARG A 3 -0.53 -1.79 10.86
CA ARG A 3 0.70 -2.07 10.11
C ARG A 3 0.46 -1.96 8.61
N ILE A 4 1.40 -1.33 7.92
CA ILE A 4 1.33 -1.18 6.47
C ILE A 4 2.58 -1.79 5.82
N VAL A 5 2.38 -2.58 4.78
CA VAL A 5 3.51 -3.21 4.09
C VAL A 5 3.77 -2.53 2.77
N LEU A 6 5.03 -2.12 2.56
CA LEU A 6 5.43 -1.43 1.35
C LEU A 6 6.24 -2.36 0.45
N VAL A 7 5.83 -2.49 -0.80
CA VAL A 7 6.54 -3.35 -1.74
C VAL A 7 7.11 -2.50 -2.87
N SER A 8 8.43 -2.53 -2.99
CA SER A 8 9.12 -1.76 -4.02
C SER A 8 10.60 -2.11 -4.07
N GLU A 9 11.13 -2.21 -5.28
CA GLU A 9 12.55 -2.51 -5.47
C GLU A 9 13.40 -1.23 -5.39
N ASP A 10 12.75 -0.07 -5.40
CA ASP A 10 13.45 1.21 -5.35
C ASP A 10 13.62 1.67 -3.91
N GLU A 11 14.85 1.59 -3.40
CA GLU A 11 15.16 2.00 -2.03
C GLU A 11 15.00 3.50 -1.82
N ALA A 12 15.26 4.28 -2.88
CA ALA A 12 15.18 5.74 -2.79
C ALA A 12 13.76 6.23 -2.50
N THR A 13 12.78 5.67 -3.18
CA THR A 13 11.39 6.07 -2.97
C THR A 13 10.84 5.47 -1.69
N SER A 14 11.26 4.25 -1.39
CA SER A 14 10.79 3.56 -0.19
C SER A 14 11.22 4.30 1.07
N THR A 15 12.47 4.77 1.09
CA THR A 15 13.00 5.50 2.25
C THR A 15 12.22 6.79 2.51
N LEU A 16 11.98 7.56 1.45
CA LEU A 16 11.25 8.82 1.56
C LEU A 16 9.79 8.61 1.95
N ILE A 17 9.15 7.62 1.30
CA ILE A 17 7.74 7.34 1.54
C ILE A 17 7.47 6.73 2.93
N CYS A 18 8.39 5.90 3.43
CA CYS A 18 8.20 5.26 4.72
C CYS A 18 8.25 6.28 5.85
N SER A 19 9.02 7.35 5.65
CA SER A 19 9.14 8.40 6.64
C SER A 19 7.81 9.10 6.87
N ILE A 20 7.09 9.36 5.77
CA ILE A 20 5.80 10.04 5.84
C ILE A 20 4.79 9.19 6.61
N LEU A 21 4.70 7.91 6.24
CA LEU A 21 3.77 6.98 6.87
C LEU A 21 4.11 6.73 8.35
N THR A 22 5.40 6.60 8.66
CA THR A 22 5.83 6.35 10.02
C THR A 22 5.56 7.55 10.92
N THR A 23 5.79 8.76 10.40
CA THR A 23 5.56 9.99 11.14
C THR A 23 4.09 10.09 11.57
N ALA A 24 3.20 9.66 10.69
CA ALA A 24 1.76 9.67 10.97
C ALA A 24 1.40 8.74 12.12
N GLY A 25 2.32 7.82 12.45
CA GLY A 25 2.09 6.89 13.54
C GLY A 25 1.86 5.46 13.06
N TYR A 26 2.05 5.23 11.76
CA TYR A 26 1.85 3.90 11.20
C TYR A 26 3.18 3.18 11.01
N GLN A 27 3.18 1.88 11.29
CA GLN A 27 4.39 1.07 11.13
C GLN A 27 4.46 0.55 9.70
N VAL A 28 5.62 0.65 9.08
CA VAL A 28 5.80 0.21 7.71
C VAL A 28 6.83 -0.90 7.57
N ILE A 29 6.44 -1.96 6.85
CA ILE A 29 7.32 -3.09 6.58
C ILE A 29 7.69 -3.07 5.10
N TRP A 30 8.98 -2.93 4.81
CA TRP A 30 9.43 -2.85 3.42
C TRP A 30 9.79 -4.22 2.84
N LEU A 31 9.17 -4.54 1.70
CA LEU A 31 9.40 -5.79 1.00
C LEU A 31 9.89 -5.50 -0.42
N VAL A 32 10.94 -6.20 -0.85
CA VAL A 32 11.50 -5.99 -2.19
C VAL A 32 11.15 -7.12 -3.16
N ASP A 33 10.17 -7.96 -2.81
CA ASP A 33 9.81 -9.08 -3.68
C ASP A 33 8.30 -9.32 -3.82
N GLY A 34 7.50 -8.77 -2.90
CA GLY A 34 6.06 -8.93 -2.97
C GLY A 34 5.58 -10.36 -2.74
N GLU A 35 6.34 -11.14 -1.96
CA GLU A 35 5.96 -12.53 -1.70
C GLU A 35 4.69 -12.60 -0.85
N VAL A 36 3.72 -13.34 -1.38
CA VAL A 36 2.42 -13.54 -0.75
C VAL A 36 2.56 -14.24 0.58
N GLU A 37 3.46 -15.22 0.67
CA GLU A 37 3.66 -15.95 1.92
C GLU A 37 4.09 -15.01 3.03
N ARG A 38 5.00 -14.09 2.70
CA ARG A 38 5.47 -13.10 3.67
C ARG A 38 4.37 -12.07 3.94
N LEU A 39 3.68 -11.63 2.88
CA LEU A 39 2.61 -10.65 3.02
C LEU A 39 1.47 -11.22 3.85
N LEU A 40 1.15 -12.49 3.63
CA LEU A 40 0.09 -13.17 4.38
C LEU A 40 0.46 -13.30 5.86
N ALA A 41 1.71 -13.68 6.12
CA ALA A 41 2.19 -13.85 7.49
C ALA A 41 2.17 -12.53 8.26
N LEU A 42 2.53 -11.46 7.58
CA LEU A 42 2.57 -10.13 8.20
C LEU A 42 1.35 -9.32 7.80
N THR A 43 0.24 -10.02 7.58
CA THR A 43 -1.04 -9.43 7.17
C THR A 43 -1.27 -8.01 7.72
N PRO A 44 -1.12 -7.00 6.85
CA PRO A 44 -1.33 -5.60 7.19
C PRO A 44 -2.76 -5.14 6.94
N ILE A 45 -3.04 -3.87 7.27
CA ILE A 45 -4.35 -3.31 7.03
C ILE A 45 -4.44 -2.79 5.61
N ALA A 46 -3.27 -2.47 5.05
CA ALA A 46 -3.18 -1.96 3.70
C ALA A 46 -1.78 -2.18 3.14
N VAL A 47 -1.68 -2.29 1.82
CA VAL A 47 -0.39 -2.50 1.17
C VAL A 47 -0.13 -1.39 0.16
N LEU A 48 1.14 -1.03 0.02
CA LEU A 48 1.55 -0.01 -0.93
C LEU A 48 2.45 -0.62 -1.99
N LEU A 49 2.03 -0.56 -3.24
CA LEU A 49 2.82 -1.13 -4.32
C LEU A 49 3.42 -0.01 -5.17
N ALA A 50 4.74 0.14 -5.13
CA ALA A 50 5.38 1.21 -5.89
C ALA A 50 6.10 0.68 -7.13
N GLU A 51 5.84 1.33 -8.26
CA GLU A 51 6.48 0.96 -9.52
C GLU A 51 7.88 1.58 -9.62
N PRO A 52 8.84 0.90 -10.28
CA PRO A 52 8.63 -0.43 -10.89
C PRO A 52 8.31 -1.50 -9.85
N PHE A 53 7.31 -2.32 -10.15
CA PHE A 53 6.88 -3.38 -9.25
C PHE A 53 7.78 -4.62 -9.38
N SER A 54 8.42 -4.98 -8.28
CA SER A 54 9.33 -6.14 -8.24
C SER A 54 8.59 -7.46 -8.44
N TYR A 55 7.39 -7.57 -7.86
CA TYR A 55 6.60 -8.80 -7.99
C TYR A 55 6.13 -9.01 -9.45
N GLY A 56 6.08 -7.93 -10.21
CA GLY A 56 5.65 -8.03 -11.60
C GLY A 56 4.22 -7.59 -11.82
N ASP A 57 3.32 -8.55 -12.02
CA ASP A 57 1.92 -8.24 -12.30
C ASP A 57 1.14 -7.93 -11.02
N VAL A 58 0.76 -6.66 -10.87
CA VAL A 58 0.00 -6.19 -9.71
C VAL A 58 -1.38 -6.85 -9.58
N GLN A 59 -2.05 -7.06 -10.72
CA GLN A 59 -3.40 -7.64 -10.73
C GLN A 59 -3.42 -9.04 -10.10
N GLU A 60 -2.41 -9.86 -10.41
CA GLU A 60 -2.31 -11.21 -9.86
C GLU A 60 -2.12 -11.16 -8.35
N LEU A 61 -1.31 -10.23 -7.88
CA LEU A 61 -1.06 -10.07 -6.45
C LEU A 61 -2.35 -9.66 -5.74
N VAL A 62 -3.06 -8.73 -6.37
CA VAL A 62 -4.33 -8.24 -5.83
C VAL A 62 -5.33 -9.38 -5.75
N ASP A 63 -5.38 -10.18 -6.81
CA ASP A 63 -6.28 -11.33 -6.85
C ASP A 63 -5.97 -12.29 -5.71
N GLN A 64 -4.68 -12.47 -5.43
CA GLN A 64 -4.26 -13.36 -4.36
C GLN A 64 -4.58 -12.75 -2.99
N LEU A 65 -4.33 -11.45 -2.86
CA LEU A 65 -4.58 -10.74 -1.61
C LEU A 65 -6.08 -10.64 -1.31
N ARG A 66 -6.89 -10.36 -2.34
CA ARG A 66 -8.34 -10.23 -2.14
C ARG A 66 -8.98 -11.60 -1.91
N GLN A 67 -8.31 -12.63 -2.42
CA GLN A 67 -8.78 -14.00 -2.26
C GLN A 67 -8.72 -14.41 -0.79
N ARG A 68 -7.66 -13.97 -0.11
CA ARG A 68 -7.47 -14.29 1.30
C ARG A 68 -8.12 -13.25 2.20
N CYS A 69 -7.94 -11.98 1.87
CA CYS A 69 -8.52 -10.90 2.65
C CYS A 69 -9.43 -10.06 1.77
N THR A 70 -10.62 -9.78 2.27
CA THR A 70 -11.59 -8.97 1.52
C THR A 70 -11.13 -7.52 1.47
N PRO A 71 -11.64 -6.72 0.49
CA PRO A 71 -11.27 -5.31 0.34
C PRO A 71 -11.59 -4.47 1.57
N GLU A 72 -12.53 -4.95 2.39
CA GLU A 72 -12.90 -4.24 3.61
C GLU A 72 -11.90 -4.55 4.73
N GLN A 73 -11.11 -5.60 4.53
CA GLN A 73 -10.12 -6.01 5.53
C GLN A 73 -8.72 -5.50 5.18
N LEU A 74 -8.42 -5.42 3.89
CA LEU A 74 -7.10 -4.98 3.44
C LEU A 74 -7.22 -3.99 2.28
N LYS A 75 -6.62 -2.82 2.44
CA LYS A 75 -6.65 -1.80 1.38
C LYS A 75 -5.40 -1.89 0.52
N ILE A 76 -5.56 -1.60 -0.76
CA ILE A 76 -4.45 -1.67 -1.69
C ILE A 76 -4.22 -0.33 -2.38
N PHE A 77 -3.02 0.21 -2.20
CA PHE A 77 -2.63 1.48 -2.81
C PHE A 77 -1.45 1.28 -3.76
N ILE A 78 -1.40 2.03 -4.86
CA ILE A 78 -0.30 1.90 -5.81
C ILE A 78 0.35 3.25 -6.10
N LEU A 79 1.68 3.24 -6.20
CA LEU A 79 2.45 4.44 -6.48
C LEU A 79 3.06 4.36 -7.87
N GLY A 80 2.85 5.39 -8.66
CA GLY A 80 3.39 5.43 -10.00
C GLY A 80 3.03 6.71 -10.71
N SER A 81 3.50 6.88 -11.94
CA SER A 81 3.22 8.08 -12.71
C SER A 81 1.75 8.18 -13.08
N LYS A 82 1.15 7.05 -13.44
CA LYS A 82 -0.25 7.02 -13.82
C LYS A 82 -0.98 5.88 -13.13
N GLY A 83 -2.14 6.19 -12.58
CA GLY A 83 -2.94 5.19 -11.92
C GLY A 83 -4.33 5.10 -12.49
N ASN A 84 -4.63 4.02 -13.21
CA ASN A 84 -5.95 3.83 -13.80
C ASN A 84 -6.69 2.71 -13.08
N TYR A 85 -6.21 1.48 -13.23
CA TYR A 85 -6.80 0.33 -12.58
C TYR A 85 -5.77 -0.78 -12.46
N GLN A 86 -5.98 -1.68 -11.48
CA GLN A 86 -5.09 -2.80 -11.21
C GLN A 86 -5.56 -3.53 -9.95
N GLY A 87 -6.85 -3.42 -9.64
CA GLY A 87 -7.37 -4.07 -8.45
C GLY A 87 -7.09 -3.26 -7.20
N VAL A 88 -6.70 -1.99 -7.39
CA VAL A 88 -6.37 -1.13 -6.28
C VAL A 88 -7.51 -0.16 -5.97
N ASP A 89 -7.62 0.17 -4.69
CA ASP A 89 -8.66 1.08 -4.20
C ASP A 89 -8.39 2.52 -4.61
N ARG A 90 -7.12 2.93 -4.52
CA ARG A 90 -6.73 4.30 -4.84
C ARG A 90 -5.37 4.35 -5.53
N TYR A 91 -5.12 5.43 -6.27
CA TYR A 91 -3.86 5.62 -6.97
C TYR A 91 -3.23 6.95 -6.58
N ILE A 92 -1.91 6.99 -6.49
CA ILE A 92 -1.21 8.21 -6.12
C ILE A 92 -0.12 8.53 -7.15
N PRO A 93 -0.51 9.27 -8.21
CA PRO A 93 0.40 9.66 -9.30
C PRO A 93 1.56 10.54 -8.85
N LEU A 94 2.73 10.30 -9.46
CA LEU A 94 3.93 11.07 -9.17
C LEU A 94 3.89 12.42 -9.91
N PRO A 95 4.54 13.46 -9.35
CA PRO A 95 5.28 13.37 -8.08
C PRO A 95 4.36 13.26 -6.87
N ILE A 96 4.75 12.42 -5.92
CA ILE A 96 3.98 12.23 -4.70
C ILE A 96 4.05 13.45 -3.80
N HIS A 97 2.90 14.08 -3.58
CA HIS A 97 2.83 15.23 -2.70
C HIS A 97 2.50 14.75 -1.29
N PRO A 98 3.41 14.98 -0.32
CA PRO A 98 3.23 14.53 1.07
C PRO A 98 1.89 14.94 1.70
N GLU A 99 1.42 16.15 1.38
CA GLU A 99 0.17 16.66 1.93
C GLU A 99 -1.03 15.82 1.49
N SER A 100 -1.07 15.47 0.20
CA SER A 100 -2.19 14.70 -0.34
C SER A 100 -1.97 13.20 -0.17
N PHE A 101 -0.71 12.77 -0.10
CA PHE A 101 -0.38 11.36 0.05
C PHE A 101 -0.99 10.79 1.33
N LEU A 102 -0.77 11.48 2.45
CA LEU A 102 -1.29 11.05 3.73
C LEU A 102 -2.82 11.10 3.72
N GLN A 103 -3.36 12.15 3.11
CA GLN A 103 -4.81 12.32 3.02
C GLN A 103 -5.47 11.19 2.23
N GLN A 104 -4.84 10.76 1.13
CA GLN A 104 -5.38 9.67 0.32
C GLN A 104 -5.39 8.37 1.10
N VAL A 105 -4.31 8.11 1.85
CA VAL A 105 -4.22 6.90 2.65
C VAL A 105 -5.29 6.91 3.74
N THR A 106 -5.44 8.06 4.39
CA THR A 106 -6.43 8.24 5.46
C THR A 106 -7.85 8.05 4.92
N MET A 107 -8.14 8.66 3.77
CA MET A 107 -9.45 8.54 3.15
C MET A 107 -9.74 7.10 2.77
N GLY A 108 -8.73 6.41 2.25
CA GLY A 108 -8.89 5.01 1.88
C GLY A 108 -9.17 4.12 3.08
N LEU A 109 -8.46 4.36 4.17
CA LEU A 109 -8.63 3.58 5.40
C LEU A 109 -9.98 3.82 6.04
N THR A 110 -10.44 5.07 6.01
CA THR A 110 -11.72 5.44 6.62
C THR A 110 -12.90 5.30 5.65
N SER A 111 -12.63 4.83 4.44
CA SER A 111 -13.70 4.65 3.45
C SER A 111 -14.70 3.58 3.90
N LEU A 112 -14.18 2.55 4.57
CA LEU A 112 -15.02 1.46 5.06
C LEU A 112 -15.90 1.91 6.22
N ALA A 113 -15.31 2.65 7.16
CA ALA A 113 -16.05 3.13 8.32
C ALA A 113 -15.41 4.41 8.87
N THR A 114 -16.26 5.29 9.42
CA THR A 114 -15.79 6.54 9.97
C THR A 114 -16.71 7.00 11.10
N SER A 115 -16.21 7.87 11.97
CA SER A 115 -17.00 8.37 13.09
C SER A 115 -16.58 9.79 13.45
N ALA A 116 -17.54 10.61 13.86
CA ALA A 116 -17.27 12.00 14.23
C ALA A 116 -18.23 12.45 15.33
N GLN A 117 -17.79 13.42 16.13
CA GLN A 117 -18.62 13.93 17.21
C GLN A 117 -18.93 15.41 16.99
N GLU A 1 -1.16 4.57 13.79
CA GLU A 1 -2.45 3.99 14.28
C GLU A 1 -2.74 2.68 13.58
N GLY A 2 -1.75 2.16 12.86
CA GLY A 2 -1.92 0.90 12.16
C GLY A 2 -0.65 0.45 11.47
N ARG A 3 -0.72 -0.67 10.77
CA ARG A 3 0.43 -1.22 10.06
C ARG A 3 0.21 -1.21 8.56
N ILE A 4 1.20 -0.72 7.83
CA ILE A 4 1.14 -0.63 6.38
C ILE A 4 2.37 -1.31 5.75
N VAL A 5 2.17 -2.14 4.74
CA VAL A 5 3.29 -2.81 4.10
C VAL A 5 3.63 -2.11 2.79
N LEU A 6 4.93 -2.04 2.49
CA LEU A 6 5.37 -1.37 1.27
C LEU A 6 6.20 -2.32 0.42
N VAL A 7 5.80 -2.49 -0.83
CA VAL A 7 6.51 -3.37 -1.75
C VAL A 7 7.04 -2.55 -2.91
N SER A 8 8.36 -2.56 -3.07
CA SER A 8 8.99 -1.79 -4.14
C SER A 8 10.43 -2.20 -4.33
N GLU A 9 10.85 -2.28 -5.60
CA GLU A 9 12.22 -2.63 -5.95
C GLU A 9 13.16 -1.44 -5.74
N ASP A 10 12.63 -0.23 -5.85
CA ASP A 10 13.44 0.98 -5.70
C ASP A 10 13.55 1.41 -4.24
N GLU A 11 14.75 1.26 -3.68
CA GLU A 11 15.04 1.63 -2.29
C GLU A 11 14.85 3.12 -2.01
N ALA A 12 15.25 3.96 -2.96
CA ALA A 12 15.15 5.42 -2.81
C ALA A 12 13.72 5.90 -2.60
N THR A 13 12.79 5.37 -3.38
CA THR A 13 11.39 5.75 -3.24
C THR A 13 10.83 5.22 -1.94
N SER A 14 11.21 3.99 -1.60
CA SER A 14 10.74 3.33 -0.39
C SER A 14 11.15 4.07 0.88
N THR A 15 12.39 4.56 0.92
CA THR A 15 12.89 5.28 2.09
C THR A 15 12.20 6.63 2.29
N LEU A 16 11.96 7.34 1.19
CA LEU A 16 11.31 8.65 1.25
C LEU A 16 9.87 8.55 1.76
N ILE A 17 9.11 7.61 1.22
CA ILE A 17 7.71 7.43 1.62
C ILE A 17 7.57 6.82 3.02
N CYS A 18 8.50 5.93 3.37
CA CYS A 18 8.48 5.27 4.67
C CYS A 18 8.61 6.28 5.81
N SER A 19 9.50 7.25 5.64
CA SER A 19 9.72 8.29 6.65
C SER A 19 8.44 9.10 6.88
N ILE A 20 7.74 9.43 5.80
CA ILE A 20 6.50 10.21 5.89
C ILE A 20 5.44 9.44 6.69
N LEU A 21 5.26 8.17 6.34
CA LEU A 21 4.28 7.31 7.01
C LEU A 21 4.64 7.03 8.47
N THR A 22 5.92 6.81 8.74
CA THR A 22 6.37 6.52 10.10
C THR A 22 6.18 7.74 11.00
N THR A 23 6.47 8.93 10.47
CA THR A 23 6.32 10.17 11.22
C THR A 23 4.86 10.34 11.66
N ALA A 24 3.93 9.98 10.78
CA ALA A 24 2.50 10.07 11.07
C ALA A 24 2.10 9.12 12.21
N GLY A 25 2.97 8.15 12.50
CA GLY A 25 2.68 7.20 13.57
C GLY A 25 2.36 5.80 13.05
N TYR A 26 2.51 5.60 11.76
CA TYR A 26 2.22 4.30 11.16
C TYR A 26 3.50 3.49 10.92
N GLN A 27 3.43 2.19 11.16
CA GLN A 27 4.58 1.32 10.96
C GLN A 27 4.60 0.80 9.54
N VAL A 28 5.77 0.87 8.90
CA VAL A 28 5.91 0.42 7.53
C VAL A 28 6.91 -0.72 7.38
N ILE A 29 6.51 -1.77 6.68
CA ILE A 29 7.37 -2.92 6.42
C ILE A 29 7.69 -2.96 4.93
N TRP A 30 8.95 -2.85 4.58
CA TRP A 30 9.36 -2.83 3.18
C TRP A 30 9.74 -4.23 2.67
N LEU A 31 9.13 -4.59 1.54
CA LEU A 31 9.36 -5.88 0.90
C LEU A 31 9.87 -5.67 -0.53
N VAL A 32 10.89 -6.43 -0.91
CA VAL A 32 11.46 -6.31 -2.26
C VAL A 32 11.14 -7.54 -3.12
N ASP A 33 9.98 -8.15 -2.89
CA ASP A 33 9.62 -9.36 -3.65
C ASP A 33 8.11 -9.53 -3.86
N GLY A 34 7.31 -8.96 -2.97
CA GLY A 34 5.85 -9.10 -3.09
C GLY A 34 5.35 -10.50 -2.76
N GLU A 35 6.08 -11.21 -1.89
CA GLU A 35 5.68 -12.55 -1.49
C GLU A 35 4.41 -12.52 -0.64
N VAL A 36 3.38 -13.17 -1.15
CA VAL A 36 2.08 -13.22 -0.48
C VAL A 36 2.17 -13.96 0.86
N GLU A 37 3.08 -14.93 0.97
CA GLU A 37 3.21 -15.67 2.21
C GLU A 37 3.68 -14.75 3.33
N ARG A 38 4.65 -13.91 3.02
CA ARG A 38 5.18 -12.95 3.97
C ARG A 38 4.17 -11.83 4.22
N LEU A 39 3.53 -11.37 3.14
CA LEU A 39 2.54 -10.29 3.23
C LEU A 39 1.33 -10.75 4.03
N LEU A 40 0.90 -12.00 3.81
CA LEU A 40 -0.26 -12.55 4.53
C LEU A 40 0.02 -12.66 6.03
N ALA A 41 1.22 -13.15 6.36
CA ALA A 41 1.61 -13.31 7.77
C ALA A 41 1.66 -11.97 8.50
N LEU A 42 2.16 -10.95 7.81
CA LEU A 42 2.26 -9.61 8.36
C LEU A 42 1.13 -8.73 7.82
N THR A 43 0.01 -9.38 7.55
CA THR A 43 -1.19 -8.72 6.98
C THR A 43 -1.48 -7.35 7.61
N PRO A 44 -1.30 -6.29 6.81
CA PRO A 44 -1.55 -4.91 7.22
C PRO A 44 -2.98 -4.46 6.90
N ILE A 45 -3.27 -3.19 7.17
CA ILE A 45 -4.59 -2.65 6.86
C ILE A 45 -4.66 -2.24 5.39
N ALA A 46 -3.49 -1.95 4.83
CA ALA A 46 -3.38 -1.54 3.45
C ALA A 46 -1.98 -1.83 2.91
N VAL A 47 -1.89 -2.01 1.60
CA VAL A 47 -0.60 -2.28 0.98
C VAL A 47 -0.27 -1.20 -0.06
N LEU A 48 1.02 -0.88 -0.12
CA LEU A 48 1.50 0.12 -1.07
C LEU A 48 2.43 -0.56 -2.07
N LEU A 49 2.03 -0.57 -3.34
CA LEU A 49 2.85 -1.19 -4.38
C LEU A 49 3.47 -0.10 -5.23
N ALA A 50 4.79 0.04 -5.15
CA ALA A 50 5.47 1.08 -5.90
C ALA A 50 6.27 0.55 -7.08
N GLU A 51 6.10 1.19 -8.23
CA GLU A 51 6.81 0.81 -9.44
C GLU A 51 8.23 1.41 -9.41
N PRO A 52 9.22 0.70 -9.99
CA PRO A 52 9.01 -0.61 -10.62
C PRO A 52 8.78 -1.72 -9.61
N PHE A 53 7.85 -2.61 -9.93
CA PHE A 53 7.52 -3.74 -9.07
C PHE A 53 8.43 -4.94 -9.36
N SER A 54 8.78 -5.68 -8.32
CA SER A 54 9.64 -6.86 -8.47
C SER A 54 8.83 -8.15 -8.52
N TYR A 55 7.59 -8.12 -8.00
CA TYR A 55 6.72 -9.29 -7.99
C TYR A 55 6.24 -9.67 -9.40
N GLY A 56 6.35 -8.74 -10.34
CA GLY A 56 5.92 -9.00 -11.70
C GLY A 56 4.56 -8.45 -12.05
N ASP A 57 3.59 -9.34 -12.20
CA ASP A 57 2.23 -8.92 -12.57
C ASP A 57 1.42 -8.51 -11.34
N VAL A 58 1.14 -7.22 -11.23
CA VAL A 58 0.38 -6.66 -10.11
C VAL A 58 -1.06 -7.19 -10.03
N GLN A 59 -1.68 -7.48 -11.17
CA GLN A 59 -3.05 -7.97 -11.20
C GLN A 59 -3.16 -9.32 -10.47
N GLU A 60 -2.17 -10.19 -10.71
CA GLU A 60 -2.13 -11.50 -10.07
C GLU A 60 -1.93 -11.37 -8.56
N LEU A 61 -1.09 -10.42 -8.16
CA LEU A 61 -0.81 -10.18 -6.75
C LEU A 61 -2.09 -9.72 -6.05
N VAL A 62 -2.80 -8.83 -6.71
CA VAL A 62 -4.07 -8.31 -6.20
C VAL A 62 -5.07 -9.45 -6.08
N ASP A 63 -5.13 -10.27 -7.12
CA ASP A 63 -6.03 -11.42 -7.14
C ASP A 63 -5.74 -12.37 -6.00
N GLN A 64 -4.45 -12.58 -5.71
CA GLN A 64 -4.06 -13.48 -4.63
C GLN A 64 -4.38 -12.87 -3.27
N LEU A 65 -4.13 -11.57 -3.14
CA LEU A 65 -4.39 -10.86 -1.91
C LEU A 65 -5.88 -10.74 -1.64
N ARG A 66 -6.67 -10.42 -2.67
CA ARG A 66 -8.12 -10.27 -2.51
C ARG A 66 -8.79 -11.62 -2.28
N GLN A 67 -8.13 -12.67 -2.77
CA GLN A 67 -8.63 -14.03 -2.61
C GLN A 67 -8.63 -14.44 -1.14
N ARG A 68 -7.58 -14.01 -0.43
CA ARG A 68 -7.44 -14.33 0.99
C ARG A 68 -8.11 -13.28 1.85
N CYS A 69 -7.91 -12.02 1.51
CA CYS A 69 -8.49 -10.91 2.25
C CYS A 69 -9.34 -10.04 1.34
N THR A 70 -10.54 -9.72 1.78
CA THR A 70 -11.44 -8.90 1.01
C THR A 70 -10.90 -7.47 0.88
N PRO A 71 -11.36 -6.71 -0.14
CA PRO A 71 -10.89 -5.33 -0.35
C PRO A 71 -11.20 -4.43 0.86
N GLU A 72 -12.23 -4.79 1.62
CA GLU A 72 -12.57 -4.02 2.81
C GLU A 72 -11.54 -4.26 3.90
N GLN A 73 -11.09 -5.51 4.00
CA GLN A 73 -10.08 -5.91 4.98
C GLN A 73 -8.69 -5.38 4.63
N LEU A 74 -8.35 -5.42 3.35
CA LEU A 74 -7.04 -4.98 2.88
C LEU A 74 -7.16 -3.95 1.77
N LYS A 75 -6.72 -2.72 2.04
CA LYS A 75 -6.75 -1.68 1.01
C LYS A 75 -5.50 -1.78 0.14
N ILE A 76 -5.66 -1.49 -1.13
CA ILE A 76 -4.55 -1.59 -2.07
C ILE A 76 -4.30 -0.28 -2.78
N PHE A 77 -3.08 0.23 -2.63
CA PHE A 77 -2.67 1.47 -3.26
C PHE A 77 -1.46 1.23 -4.17
N ILE A 78 -1.37 1.94 -5.29
CA ILE A 78 -0.25 1.79 -6.21
C ILE A 78 0.44 3.13 -6.47
N LEU A 79 1.77 3.10 -6.51
CA LEU A 79 2.56 4.31 -6.75
C LEU A 79 3.26 4.24 -8.10
N GLY A 80 3.25 5.37 -8.81
CA GLY A 80 3.90 5.43 -10.11
C GLY A 80 3.49 6.67 -10.86
N SER A 81 3.96 6.80 -12.09
CA SER A 81 3.62 7.95 -12.94
C SER A 81 2.14 7.92 -13.31
N LYS A 82 1.64 6.71 -13.56
CA LYS A 82 0.24 6.51 -13.90
C LYS A 82 -0.32 5.37 -13.07
N GLY A 83 -1.45 5.64 -12.40
CA GLY A 83 -2.06 4.62 -11.58
C GLY A 83 -2.68 3.51 -12.38
N ASN A 84 -2.34 2.27 -12.03
CA ASN A 84 -2.88 1.10 -12.71
C ASN A 84 -4.13 0.62 -11.99
N TYR A 85 -5.28 1.13 -12.44
CA TYR A 85 -6.57 0.79 -11.84
C TYR A 85 -7.01 -0.65 -12.13
N GLN A 86 -6.16 -1.62 -11.82
CA GLN A 86 -6.48 -3.02 -12.02
C GLN A 86 -6.50 -3.75 -10.68
N GLY A 87 -7.57 -3.56 -9.94
CA GLY A 87 -7.70 -4.21 -8.64
C GLY A 87 -7.22 -3.36 -7.48
N VAL A 88 -6.97 -2.07 -7.72
CA VAL A 88 -6.52 -1.18 -6.66
C VAL A 88 -7.62 -0.18 -6.32
N ASP A 89 -7.68 0.19 -5.05
CA ASP A 89 -8.68 1.12 -4.55
C ASP A 89 -8.40 2.56 -5.00
N ARG A 90 -7.14 2.96 -4.92
CA ARG A 90 -6.74 4.32 -5.29
C ARG A 90 -5.34 4.34 -5.88
N TYR A 91 -5.01 5.42 -6.58
CA TYR A 91 -3.70 5.57 -7.19
C TYR A 91 -3.03 6.85 -6.72
N ILE A 92 -1.71 6.80 -6.56
CA ILE A 92 -0.95 7.96 -6.09
C ILE A 92 0.19 8.25 -7.08
N PRO A 93 -0.06 9.16 -8.05
CA PRO A 93 0.94 9.52 -9.06
C PRO A 93 2.06 10.41 -8.56
N LEU A 94 3.23 10.29 -9.19
CA LEU A 94 4.40 11.09 -8.85
C LEU A 94 4.33 12.46 -9.54
N PRO A 95 4.80 13.52 -8.87
CA PRO A 95 5.34 13.44 -7.50
C PRO A 95 4.25 13.26 -6.45
N ILE A 96 4.52 12.45 -5.45
CA ILE A 96 3.56 12.21 -4.39
C ILE A 96 3.57 13.38 -3.40
N HIS A 97 2.43 14.04 -3.25
CA HIS A 97 2.31 15.17 -2.33
C HIS A 97 1.98 14.67 -0.93
N PRO A 98 2.82 15.00 0.07
CA PRO A 98 2.63 14.57 1.47
C PRO A 98 1.34 15.07 2.10
N GLU A 99 0.88 16.24 1.67
CA GLU A 99 -0.34 16.84 2.21
C GLU A 99 -1.58 16.00 1.90
N SER A 100 -1.68 15.52 0.67
CA SER A 100 -2.84 14.74 0.25
C SER A 100 -2.59 13.24 0.39
N PHE A 101 -1.32 12.85 0.50
CA PHE A 101 -0.95 11.45 0.63
C PHE A 101 -1.56 10.86 1.91
N LEU A 102 -1.38 11.57 3.02
CA LEU A 102 -1.93 11.13 4.30
C LEU A 102 -3.45 11.11 4.25
N GLN A 103 -4.01 12.11 3.56
CA GLN A 103 -5.47 12.21 3.42
C GLN A 103 -6.01 10.99 2.66
N GLN A 104 -5.29 10.55 1.63
CA GLN A 104 -5.70 9.38 0.87
C GLN A 104 -5.70 8.14 1.77
N VAL A 105 -4.67 8.04 2.62
CA VAL A 105 -4.56 6.93 3.56
C VAL A 105 -5.71 6.98 4.57
N THR A 106 -5.96 8.18 5.11
CA THR A 106 -7.03 8.37 6.08
C THR A 106 -8.40 8.09 5.46
N MET A 107 -8.57 8.46 4.19
CA MET A 107 -9.83 8.21 3.49
C MET A 107 -10.09 6.70 3.39
N GLY A 108 -9.05 5.96 3.00
CA GLY A 108 -9.17 4.52 2.90
C GLY A 108 -9.38 3.86 4.25
N LEU A 109 -8.67 4.36 5.26
CA LEU A 109 -8.76 3.84 6.62
C LEU A 109 -10.16 4.01 7.20
N THR A 110 -10.76 5.19 7.00
CA THR A 110 -12.10 5.46 7.52
C THR A 110 -13.16 4.68 6.74
N SER A 111 -12.80 4.17 5.56
CA SER A 111 -13.72 3.39 4.74
C SER A 111 -13.61 1.91 5.05
N LEU A 112 -12.60 1.54 5.83
CA LEU A 112 -12.37 0.15 6.22
C LEU A 112 -13.51 -0.37 7.10
N ALA A 113 -13.93 0.46 8.05
CA ALA A 113 -15.01 0.11 8.96
C ALA A 113 -15.77 1.34 9.42
N THR A 114 -17.06 1.18 9.70
CA THR A 114 -17.90 2.28 10.14
C THR A 114 -18.63 1.93 11.43
N SER A 115 -19.04 2.94 12.17
CA SER A 115 -19.76 2.73 13.43
C SER A 115 -21.06 3.52 13.45
N ALA A 116 -22.06 3.00 14.15
CA ALA A 116 -23.36 3.66 14.25
C ALA A 116 -24.00 3.37 15.61
N GLN A 117 -24.85 4.28 16.06
CA GLN A 117 -25.53 4.11 17.34
C GLN A 117 -27.03 3.98 17.14
N GLU A 1 -2.54 -1.59 15.45
CA GLU A 1 -2.72 -2.48 14.27
C GLU A 1 -2.50 -1.71 12.97
N GLY A 2 -1.90 -0.52 13.09
CA GLY A 2 -1.63 0.30 11.93
C GLY A 2 -0.35 -0.12 11.21
N ARG A 3 -0.41 -1.26 10.53
CA ARG A 3 0.74 -1.77 9.80
C ARG A 3 0.53 -1.67 8.30
N ILE A 4 1.50 -1.10 7.61
CA ILE A 4 1.44 -0.96 6.15
C ILE A 4 2.67 -1.61 5.51
N VAL A 5 2.47 -2.41 4.48
CA VAL A 5 3.57 -3.08 3.81
C VAL A 5 3.82 -2.47 2.44
N LEU A 6 5.07 -2.09 2.19
CA LEU A 6 5.45 -1.47 0.93
C LEU A 6 6.29 -2.41 0.10
N VAL A 7 5.92 -2.57 -1.17
CA VAL A 7 6.63 -3.43 -2.09
C VAL A 7 7.19 -2.60 -3.23
N SER A 8 8.52 -2.61 -3.36
CA SER A 8 9.17 -1.84 -4.40
C SER A 8 10.64 -2.20 -4.52
N GLU A 9 11.16 -2.12 -5.74
CA GLU A 9 12.56 -2.41 -5.99
C GLU A 9 13.42 -1.15 -5.81
N ASP A 10 12.76 0.00 -5.67
CA ASP A 10 13.48 1.26 -5.50
C ASP A 10 13.54 1.68 -4.03
N GLU A 11 14.72 1.57 -3.44
CA GLU A 11 14.94 1.94 -2.04
C GLU A 11 14.82 3.45 -1.83
N ALA A 12 15.16 4.24 -2.85
CA ALA A 12 15.12 5.70 -2.77
C ALA A 12 13.70 6.22 -2.53
N THR A 13 12.73 5.72 -3.30
CA THR A 13 11.36 6.15 -3.16
C THR A 13 10.76 5.64 -1.85
N SER A 14 11.10 4.40 -1.53
CA SER A 14 10.61 3.76 -0.31
C SER A 14 11.05 4.51 0.95
N THR A 15 12.30 4.96 0.97
CA THR A 15 12.83 5.69 2.12
C THR A 15 12.06 6.98 2.40
N LEU A 16 11.81 7.76 1.34
CA LEU A 16 11.10 9.03 1.46
C LEU A 16 9.66 8.87 1.99
N ILE A 17 8.93 7.91 1.42
CA ILE A 17 7.54 7.67 1.81
C ILE A 17 7.40 7.10 3.24
N CYS A 18 8.38 6.28 3.65
CA CYS A 18 8.34 5.66 4.97
C CYS A 18 8.38 6.68 6.10
N SER A 19 9.18 7.74 5.94
CA SER A 19 9.30 8.76 6.96
C SER A 19 7.97 9.48 7.17
N ILE A 20 7.25 9.74 6.08
CA ILE A 20 5.96 10.42 6.15
C ILE A 20 4.93 9.55 6.89
N LEU A 21 4.84 8.28 6.51
CA LEU A 21 3.90 7.34 7.11
C LEU A 21 4.23 7.04 8.57
N THR A 22 5.51 6.89 8.89
CA THR A 22 5.92 6.59 10.26
C THR A 22 5.59 7.76 11.19
N THR A 23 5.80 8.98 10.70
CA THR A 23 5.51 10.19 11.48
C THR A 23 4.03 10.23 11.87
N ALA A 24 3.18 9.81 10.93
CA ALA A 24 1.73 9.77 11.16
C ALA A 24 1.38 8.76 12.26
N GLY A 25 2.30 7.85 12.56
CA GLY A 25 2.06 6.86 13.59
C GLY A 25 1.87 5.45 13.03
N TYR A 26 2.07 5.30 11.73
CA TYR A 26 1.91 3.99 11.08
C TYR A 26 3.25 3.33 10.85
N GLN A 27 3.28 2.01 11.01
CA GLN A 27 4.51 1.24 10.79
C GLN A 27 4.57 0.76 9.36
N VAL A 28 5.72 0.90 8.73
CA VAL A 28 5.88 0.48 7.35
C VAL A 28 6.93 -0.62 7.20
N ILE A 29 6.56 -1.68 6.49
CA ILE A 29 7.45 -2.80 6.24
C ILE A 29 7.79 -2.82 4.75
N TRP A 30 9.06 -2.68 4.40
CA TRP A 30 9.47 -2.66 3.01
C TRP A 30 9.96 -4.02 2.52
N LEU A 31 9.39 -4.47 1.41
CA LEU A 31 9.77 -5.74 0.80
C LEU A 31 10.25 -5.50 -0.64
N VAL A 32 11.34 -6.17 -1.01
CA VAL A 32 11.90 -6.02 -2.35
C VAL A 32 11.55 -7.23 -3.24
N ASP A 33 10.55 -8.00 -2.83
CA ASP A 33 10.16 -9.20 -3.59
C ASP A 33 8.64 -9.32 -3.77
N GLY A 34 7.88 -8.99 -2.74
CA GLY A 34 6.43 -9.05 -2.83
C GLY A 34 5.85 -10.45 -2.75
N GLU A 35 6.52 -11.38 -2.06
CA GLU A 35 6.02 -12.74 -1.94
C GLU A 35 4.72 -12.77 -1.14
N VAL A 36 3.75 -13.48 -1.68
CA VAL A 36 2.43 -13.62 -1.09
C VAL A 36 2.50 -14.30 0.28
N GLU A 37 3.36 -15.31 0.41
CA GLU A 37 3.49 -16.01 1.69
C GLU A 37 3.95 -15.05 2.77
N ARG A 38 4.93 -14.19 2.43
CA ARG A 38 5.43 -13.20 3.38
C ARG A 38 4.37 -12.12 3.63
N LEU A 39 3.69 -11.70 2.56
CA LEU A 39 2.64 -10.69 2.67
C LEU A 39 1.48 -11.21 3.51
N LEU A 40 1.12 -12.47 3.30
CA LEU A 40 0.04 -13.09 4.06
C LEU A 40 0.40 -13.21 5.54
N ALA A 41 1.63 -13.64 5.81
CA ALA A 41 2.11 -13.80 7.19
C ALA A 41 2.15 -12.46 7.93
N LEU A 42 2.58 -11.42 7.22
CA LEU A 42 2.66 -10.08 7.78
C LEU A 42 1.49 -9.24 7.33
N THR A 43 0.36 -9.93 7.11
CA THR A 43 -0.88 -9.30 6.64
C THR A 43 -1.19 -7.96 7.32
N PRO A 44 -1.04 -6.86 6.56
CA PRO A 44 -1.32 -5.50 7.03
C PRO A 44 -2.75 -5.06 6.73
N ILE A 45 -3.06 -3.81 7.04
CA ILE A 45 -4.38 -3.28 6.77
C ILE A 45 -4.44 -2.80 5.32
N ALA A 46 -3.28 -2.47 4.78
CA ALA A 46 -3.16 -2.00 3.42
C ALA A 46 -1.74 -2.17 2.89
N VAL A 47 -1.63 -2.31 1.58
CA VAL A 47 -0.33 -2.46 0.95
C VAL A 47 -0.08 -1.39 -0.10
N LEU A 48 1.18 -1.00 -0.25
CA LEU A 48 1.56 0.00 -1.22
C LEU A 48 2.50 -0.61 -2.26
N LEU A 49 2.11 -0.57 -3.53
CA LEU A 49 2.93 -1.13 -4.58
C LEU A 49 3.55 -0.02 -5.41
N ALA A 50 4.86 0.14 -5.33
CA ALA A 50 5.55 1.17 -6.08
C ALA A 50 6.34 0.59 -7.25
N GLU A 51 5.91 0.92 -8.45
CA GLU A 51 6.57 0.45 -9.67
C GLU A 51 8.00 1.03 -9.78
N PRO A 52 8.96 0.25 -10.35
CA PRO A 52 8.74 -1.13 -10.83
C PRO A 52 8.29 -2.08 -9.72
N PHE A 53 7.32 -2.93 -10.04
CA PHE A 53 6.78 -3.88 -9.08
C PHE A 53 7.72 -5.09 -8.92
N SER A 54 8.10 -5.36 -7.67
CA SER A 54 8.99 -6.49 -7.38
C SER A 54 8.35 -7.83 -7.73
N TYR A 55 7.07 -7.98 -7.38
CA TYR A 55 6.34 -9.21 -7.67
C TYR A 55 6.08 -9.39 -9.17
N GLY A 56 6.09 -8.29 -9.91
CA GLY A 56 5.83 -8.36 -11.34
C GLY A 56 4.40 -7.98 -11.69
N ASP A 57 3.59 -8.99 -11.98
CA ASP A 57 2.18 -8.75 -12.36
C ASP A 57 1.34 -8.51 -11.10
N VAL A 58 0.93 -7.26 -10.90
CA VAL A 58 0.13 -6.88 -9.73
C VAL A 58 -1.28 -7.46 -9.73
N GLN A 59 -1.85 -7.72 -10.91
CA GLN A 59 -3.20 -8.27 -11.00
C GLN A 59 -3.29 -9.63 -10.32
N GLU A 60 -2.29 -10.47 -10.53
CA GLU A 60 -2.23 -11.78 -9.92
C GLU A 60 -2.09 -11.65 -8.40
N LEU A 61 -1.26 -10.68 -7.98
CA LEU A 61 -1.03 -10.42 -6.57
C LEU A 61 -2.31 -9.97 -5.89
N VAL A 62 -3.03 -9.07 -6.57
CA VAL A 62 -4.29 -8.54 -6.06
C VAL A 62 -5.32 -9.66 -5.96
N ASP A 63 -5.37 -10.50 -6.99
CA ASP A 63 -6.29 -11.63 -7.02
C ASP A 63 -6.02 -12.57 -5.87
N GLN A 64 -4.75 -12.80 -5.57
CA GLN A 64 -4.37 -13.68 -4.48
C GLN A 64 -4.71 -13.07 -3.12
N LEU A 65 -4.49 -11.78 -3.00
CA LEU A 65 -4.77 -11.06 -1.76
C LEU A 65 -6.28 -10.94 -1.50
N ARG A 66 -7.03 -10.59 -2.55
CA ARG A 66 -8.48 -10.43 -2.42
C ARG A 66 -9.20 -11.77 -2.30
N GLN A 67 -8.53 -12.84 -2.73
CA GLN A 67 -9.09 -14.17 -2.68
C GLN A 67 -9.33 -14.64 -1.25
N ARG A 68 -8.40 -14.31 -0.35
CA ARG A 68 -8.53 -14.73 1.05
C ARG A 68 -8.80 -13.55 1.99
N CYS A 69 -8.50 -12.34 1.54
CA CYS A 69 -8.72 -11.16 2.38
C CYS A 69 -9.68 -10.18 1.70
N THR A 70 -10.67 -9.72 2.45
CA THR A 70 -11.65 -8.78 1.93
C THR A 70 -11.03 -7.39 1.82
N PRO A 71 -11.63 -6.50 1.00
CA PRO A 71 -11.11 -5.13 0.83
C PRO A 71 -11.08 -4.35 2.14
N GLU A 72 -12.00 -4.68 3.05
CA GLU A 72 -12.05 -4.03 4.35
C GLU A 72 -10.86 -4.46 5.21
N GLN A 73 -10.53 -5.75 5.11
CA GLN A 73 -9.42 -6.34 5.85
C GLN A 73 -8.07 -5.88 5.31
N LEU A 74 -7.95 -5.83 3.98
CA LEU A 74 -6.71 -5.43 3.33
C LEU A 74 -6.97 -4.52 2.15
N LYS A 75 -6.39 -3.33 2.19
CA LYS A 75 -6.55 -2.35 1.12
C LYS A 75 -5.31 -2.32 0.25
N ILE A 76 -5.50 -2.07 -1.03
CA ILE A 76 -4.39 -2.05 -1.96
C ILE A 76 -4.29 -0.70 -2.67
N PHE A 77 -3.14 -0.08 -2.49
CA PHE A 77 -2.86 1.21 -3.10
C PHE A 77 -1.62 1.11 -4.00
N ILE A 78 -1.59 1.85 -5.09
CA ILE A 78 -0.46 1.78 -6.01
C ILE A 78 0.19 3.16 -6.23
N LEU A 79 1.53 3.15 -6.27
CA LEU A 79 2.30 4.36 -6.47
C LEU A 79 2.90 4.37 -7.88
N GLY A 80 2.69 5.46 -8.59
CA GLY A 80 3.21 5.57 -9.92
C GLY A 80 2.73 6.79 -10.67
N SER A 81 3.20 6.95 -11.89
CA SER A 81 2.82 8.08 -12.73
C SER A 81 1.37 7.97 -13.17
N LYS A 82 0.93 6.74 -13.43
CA LYS A 82 -0.45 6.50 -13.86
C LYS A 82 -1.15 5.60 -12.86
N GLY A 83 -2.39 5.95 -12.55
CA GLY A 83 -3.17 5.17 -11.62
C GLY A 83 -4.20 4.28 -12.30
N ASN A 84 -4.03 4.06 -13.60
CA ASN A 84 -4.96 3.23 -14.36
C ASN A 84 -4.66 1.73 -14.17
N TYR A 85 -4.89 1.25 -12.96
CA TYR A 85 -4.66 -0.16 -12.64
C TYR A 85 -5.87 -0.73 -11.93
N GLN A 86 -6.20 -1.96 -12.24
CA GLN A 86 -7.34 -2.63 -11.64
C GLN A 86 -6.94 -3.38 -10.37
N GLY A 87 -7.88 -3.49 -9.43
CA GLY A 87 -7.61 -4.19 -8.19
C GLY A 87 -7.11 -3.29 -7.08
N VAL A 88 -7.06 -1.99 -7.31
CA VAL A 88 -6.60 -1.07 -6.27
C VAL A 88 -7.70 -0.08 -5.91
N ASP A 89 -7.73 0.31 -4.65
CA ASP A 89 -8.72 1.27 -4.15
C ASP A 89 -8.46 2.69 -4.64
N ARG A 90 -7.19 3.10 -4.59
CA ARG A 90 -6.81 4.46 -5.00
C ARG A 90 -5.42 4.46 -5.64
N TYR A 91 -5.10 5.53 -6.35
CA TYR A 91 -3.80 5.66 -6.98
C TYR A 91 -3.10 6.91 -6.48
N ILE A 92 -1.78 6.82 -6.30
CA ILE A 92 -1.01 7.96 -5.82
C ILE A 92 0.16 8.24 -6.75
N PRO A 93 0.21 9.44 -7.35
CA PRO A 93 1.27 9.84 -8.28
C PRO A 93 2.61 10.12 -7.61
N LEU A 94 3.68 10.00 -8.39
CA LEU A 94 5.04 10.25 -7.90
C LEU A 94 5.70 11.30 -8.79
N PRO A 95 6.52 12.19 -8.20
CA PRO A 95 6.77 12.24 -6.75
C PRO A 95 5.52 12.54 -5.93
N ILE A 96 5.36 11.82 -4.82
CA ILE A 96 4.23 12.01 -3.93
C ILE A 96 4.21 13.39 -3.29
N HIS A 97 3.00 13.87 -3.06
CA HIS A 97 2.80 15.16 -2.41
C HIS A 97 2.40 14.90 -0.97
N PRO A 98 3.26 15.23 0.00
CA PRO A 98 3.00 14.96 1.44
C PRO A 98 1.73 15.62 1.99
N GLU A 99 1.37 16.77 1.43
CA GLU A 99 0.18 17.49 1.90
C GLU A 99 -1.11 16.71 1.64
N SER A 100 -1.22 16.12 0.45
CA SER A 100 -2.42 15.37 0.08
C SER A 100 -2.25 13.87 0.26
N PHE A 101 -1.00 13.42 0.41
CA PHE A 101 -0.72 11.99 0.58
C PHE A 101 -1.43 11.46 1.81
N LEU A 102 -1.27 12.17 2.93
CA LEU A 102 -1.91 11.78 4.18
C LEU A 102 -3.44 11.85 4.03
N GLN A 103 -3.92 12.86 3.30
CA GLN A 103 -5.35 13.02 3.07
C GLN A 103 -5.92 11.84 2.29
N GLN A 104 -5.19 11.40 1.25
CA GLN A 104 -5.63 10.26 0.45
C GLN A 104 -5.64 8.98 1.26
N VAL A 105 -4.61 8.78 2.08
CA VAL A 105 -4.52 7.58 2.92
C VAL A 105 -5.68 7.54 3.91
N THR A 106 -5.97 8.68 4.54
CA THR A 106 -7.05 8.77 5.51
C THR A 106 -8.40 8.50 4.85
N MET A 107 -8.64 9.10 3.68
CA MET A 107 -9.89 8.89 2.97
C MET A 107 -10.01 7.46 2.47
N GLY A 108 -8.90 6.90 1.98
CA GLY A 108 -8.92 5.51 1.54
C GLY A 108 -9.20 4.57 2.69
N LEU A 109 -8.55 4.84 3.82
CA LEU A 109 -8.73 4.04 5.03
C LEU A 109 -10.15 4.19 5.59
N THR A 110 -10.60 5.46 5.70
CA THR A 110 -11.93 5.84 6.21
C THR A 110 -12.43 4.96 7.38
N SER A 111 -11.51 4.59 8.27
CA SER A 111 -11.82 3.77 9.45
C SER A 111 -12.48 2.42 9.08
N LEU A 112 -12.20 1.91 7.89
CA LEU A 112 -12.76 0.63 7.45
C LEU A 112 -12.09 -0.54 8.17
N ALA A 113 -10.77 -0.43 8.35
CA ALA A 113 -10.01 -1.49 9.03
C ALA A 113 -9.66 -1.10 10.46
N THR A 114 -9.12 0.10 10.63
CA THR A 114 -8.73 0.59 11.95
C THR A 114 -9.30 1.98 12.19
N SER A 115 -9.41 2.36 13.47
CA SER A 115 -9.93 3.66 13.84
C SER A 115 -9.30 4.14 15.15
N ALA A 116 -9.41 5.43 15.41
CA ALA A 116 -8.84 6.01 16.62
C ALA A 116 -9.70 7.16 17.13
N GLN A 117 -9.65 7.42 18.43
CA GLN A 117 -10.43 8.49 19.03
C GLN A 117 -9.56 9.71 19.29
N GLU A 1 -2.22 -1.46 15.57
CA GLU A 1 -3.07 -1.96 14.45
C GLU A 1 -2.75 -1.20 13.16
N GLY A 2 -1.97 -0.13 13.30
CA GLY A 2 -1.61 0.67 12.14
C GLY A 2 -0.38 0.15 11.44
N ARG A 3 -0.51 -1.00 10.78
CA ARG A 3 0.61 -1.61 10.07
C ARG A 3 0.39 -1.57 8.56
N ILE A 4 1.36 -1.03 7.85
CA ILE A 4 1.30 -0.92 6.40
C ILE A 4 2.53 -1.57 5.78
N VAL A 5 2.34 -2.39 4.74
CA VAL A 5 3.47 -3.04 4.09
C VAL A 5 3.73 -2.37 2.75
N LEU A 6 4.99 -1.97 2.55
CA LEU A 6 5.38 -1.27 1.33
C LEU A 6 6.24 -2.17 0.45
N VAL A 7 5.85 -2.31 -0.80
CA VAL A 7 6.59 -3.12 -1.75
C VAL A 7 7.18 -2.23 -2.81
N SER A 8 8.50 -2.20 -2.89
CA SER A 8 9.19 -1.36 -3.86
C SER A 8 10.64 -1.78 -4.04
N GLU A 9 11.07 -1.83 -5.30
CA GLU A 9 12.44 -2.19 -5.64
C GLU A 9 13.39 -1.02 -5.40
N ASP A 10 12.86 0.20 -5.52
CA ASP A 10 13.67 1.41 -5.35
C ASP A 10 13.77 1.80 -3.87
N GLU A 11 14.98 1.65 -3.32
CA GLU A 11 15.26 1.97 -1.92
C GLU A 11 15.08 3.46 -1.63
N ALA A 12 15.50 4.31 -2.56
CA ALA A 12 15.40 5.77 -2.40
C ALA A 12 13.96 6.23 -2.24
N THR A 13 13.07 5.70 -3.06
CA THR A 13 11.67 6.07 -3.00
C THR A 13 11.03 5.52 -1.74
N SER A 14 11.41 4.29 -1.38
CA SER A 14 10.88 3.63 -0.20
C SER A 14 11.25 4.38 1.07
N THR A 15 12.48 4.88 1.14
CA THR A 15 12.96 5.61 2.31
C THR A 15 12.16 6.89 2.56
N LEU A 16 11.93 7.66 1.50
CA LEU A 16 11.20 8.93 1.61
C LEU A 16 9.75 8.73 2.05
N ILE A 17 9.05 7.79 1.43
CA ILE A 17 7.65 7.54 1.76
C ILE A 17 7.46 6.89 3.14
N CYS A 18 8.37 6.00 3.52
CA CYS A 18 8.29 5.33 4.82
C CYS A 18 8.40 6.33 5.96
N SER A 19 9.27 7.32 5.79
CA SER A 19 9.47 8.35 6.81
C SER A 19 8.18 9.15 7.03
N ILE A 20 7.49 9.47 5.94
CA ILE A 20 6.24 10.22 6.00
C ILE A 20 5.18 9.43 6.77
N LEU A 21 5.02 8.16 6.43
CA LEU A 21 4.04 7.29 7.07
C LEU A 21 4.38 7.02 8.53
N THR A 22 5.67 6.80 8.82
CA THR A 22 6.11 6.50 10.18
C THR A 22 5.89 7.69 11.11
N THR A 23 6.22 8.90 10.64
CA THR A 23 6.04 10.11 11.44
C THR A 23 4.56 10.35 11.78
N ALA A 24 3.67 9.70 11.03
CA ALA A 24 2.24 9.81 11.27
C ALA A 24 1.78 8.82 12.34
N GLY A 25 2.72 8.02 12.84
CA GLY A 25 2.39 7.04 13.86
C GLY A 25 2.10 5.65 13.30
N TYR A 26 2.30 5.49 11.99
CA TYR A 26 2.06 4.21 11.34
C TYR A 26 3.36 3.44 11.12
N GLN A 27 3.28 2.12 11.27
CA GLN A 27 4.45 1.27 11.07
C GLN A 27 4.49 0.77 9.65
N VAL A 28 5.65 0.85 9.01
CA VAL A 28 5.79 0.41 7.64
C VAL A 28 6.78 -0.73 7.50
N ILE A 29 6.37 -1.79 6.81
CA ILE A 29 7.22 -2.94 6.57
C ILE A 29 7.64 -2.94 5.09
N TRP A 30 8.94 -2.82 4.84
CA TRP A 30 9.43 -2.77 3.47
C TRP A 30 9.70 -4.16 2.90
N LEU A 31 9.13 -4.44 1.73
CA LEU A 31 9.30 -5.71 1.05
C LEU A 31 9.87 -5.48 -0.35
N VAL A 32 10.94 -6.19 -0.68
CA VAL A 32 11.58 -6.05 -1.99
C VAL A 32 11.32 -7.28 -2.87
N ASP A 33 10.11 -7.80 -2.83
CA ASP A 33 9.77 -9.00 -3.62
C ASP A 33 8.28 -9.09 -3.93
N GLY A 34 7.45 -8.67 -2.98
CA GLY A 34 6.00 -8.73 -3.19
C GLY A 34 5.44 -10.13 -3.01
N GLU A 35 6.19 -10.99 -2.31
CA GLU A 35 5.76 -12.36 -2.06
C GLU A 35 4.46 -12.38 -1.27
N VAL A 36 3.45 -13.00 -1.85
CA VAL A 36 2.13 -13.10 -1.26
C VAL A 36 2.15 -13.89 0.05
N GLU A 37 3.00 -14.90 0.15
CA GLU A 37 3.10 -15.68 1.38
C GLU A 37 3.58 -14.80 2.52
N ARG A 38 4.58 -13.98 2.23
CA ARG A 38 5.13 -13.04 3.21
C ARG A 38 4.10 -11.97 3.54
N LEU A 39 3.44 -11.46 2.50
CA LEU A 39 2.41 -10.43 2.67
C LEU A 39 1.24 -10.98 3.48
N LEU A 40 0.86 -12.22 3.19
CA LEU A 40 -0.22 -12.88 3.92
C LEU A 40 0.15 -13.11 5.38
N ALA A 41 1.39 -13.56 5.62
CA ALA A 41 1.87 -13.81 6.98
C ALA A 41 1.90 -12.54 7.82
N LEU A 42 2.31 -11.44 7.20
CA LEU A 42 2.40 -10.15 7.88
C LEU A 42 1.20 -9.28 7.55
N THR A 43 0.08 -9.93 7.26
CA THR A 43 -1.19 -9.29 6.89
C THR A 43 -1.41 -7.92 7.54
N PRO A 44 -1.24 -6.84 6.76
CA PRO A 44 -1.47 -5.47 7.20
C PRO A 44 -2.89 -5.01 6.90
N ILE A 45 -3.20 -3.76 7.22
CA ILE A 45 -4.51 -3.21 6.93
C ILE A 45 -4.57 -2.77 5.47
N ALA A 46 -3.40 -2.44 4.93
CA ALA A 46 -3.28 -1.99 3.56
C ALA A 46 -1.86 -2.17 3.05
N VAL A 47 -1.72 -2.31 1.73
CA VAL A 47 -0.42 -2.46 1.11
C VAL A 47 -0.18 -1.39 0.05
N LEU A 48 1.08 -1.00 -0.09
CA LEU A 48 1.46 0.00 -1.09
C LEU A 48 2.38 -0.65 -2.12
N LEU A 49 1.96 -0.67 -3.38
CA LEU A 49 2.78 -1.28 -4.43
C LEU A 49 3.40 -0.18 -5.28
N ALA A 50 4.72 -0.04 -5.22
CA ALA A 50 5.39 1.00 -5.98
C ALA A 50 6.06 0.46 -7.24
N GLU A 51 5.76 1.10 -8.37
CA GLU A 51 6.34 0.74 -9.65
C GLU A 51 7.83 1.13 -9.71
N PRO A 52 8.67 0.30 -10.35
CA PRO A 52 8.24 -0.95 -10.99
C PRO A 52 7.92 -2.03 -9.95
N PHE A 53 6.90 -2.82 -10.23
CA PHE A 53 6.49 -3.90 -9.34
C PHE A 53 7.54 -5.02 -9.33
N SER A 54 8.14 -5.26 -8.17
CA SER A 54 9.14 -6.31 -8.02
C SER A 54 8.53 -7.69 -8.25
N TYR A 55 7.29 -7.87 -7.82
CA TYR A 55 6.56 -9.13 -7.98
C TYR A 55 6.31 -9.44 -9.47
N GLY A 56 6.32 -8.40 -10.31
CA GLY A 56 6.07 -8.59 -11.72
C GLY A 56 4.67 -8.20 -12.10
N ASP A 57 3.79 -9.19 -12.31
CA ASP A 57 2.41 -8.91 -12.69
C ASP A 57 1.58 -8.54 -11.45
N VAL A 58 1.27 -7.25 -11.34
CA VAL A 58 0.50 -6.71 -10.22
C VAL A 58 -0.91 -7.29 -10.13
N GLN A 59 -1.53 -7.60 -11.28
CA GLN A 59 -2.89 -8.13 -11.29
C GLN A 59 -2.97 -9.48 -10.56
N GLU A 60 -1.97 -10.32 -10.79
CA GLU A 60 -1.90 -11.62 -10.17
C GLU A 60 -1.78 -11.49 -8.65
N LEU A 61 -0.94 -10.55 -8.22
CA LEU A 61 -0.73 -10.31 -6.79
C LEU A 61 -2.02 -9.81 -6.14
N VAL A 62 -2.69 -8.89 -6.81
CA VAL A 62 -3.94 -8.33 -6.32
C VAL A 62 -5.00 -9.43 -6.23
N ASP A 63 -5.07 -10.24 -7.29
CA ASP A 63 -6.01 -11.36 -7.33
C ASP A 63 -5.75 -12.33 -6.20
N GLN A 64 -4.48 -12.58 -5.91
CA GLN A 64 -4.12 -13.50 -4.84
C GLN A 64 -4.44 -12.91 -3.47
N LEU A 65 -4.17 -11.61 -3.30
CA LEU A 65 -4.44 -10.93 -2.04
C LEU A 65 -5.93 -10.81 -1.77
N ARG A 66 -6.71 -10.49 -2.82
CA ARG A 66 -8.15 -10.32 -2.66
C ARG A 66 -8.84 -11.68 -2.48
N GLN A 67 -8.22 -12.72 -3.03
CA GLN A 67 -8.74 -14.07 -2.93
C GLN A 67 -8.72 -14.54 -1.47
N ARG A 68 -7.65 -14.18 -0.76
CA ARG A 68 -7.49 -14.57 0.64
C ARG A 68 -8.15 -13.58 1.58
N CYS A 69 -7.98 -12.30 1.30
CA CYS A 69 -8.55 -11.26 2.15
C CYS A 69 -9.41 -10.30 1.33
N THR A 70 -10.58 -10.00 1.87
CA THR A 70 -11.51 -9.07 1.22
C THR A 70 -10.98 -7.64 1.31
N PRO A 71 -11.50 -6.72 0.46
CA PRO A 71 -11.06 -5.30 0.46
C PRO A 71 -11.15 -4.65 1.83
N GLU A 72 -12.15 -5.04 2.63
CA GLU A 72 -12.32 -4.49 3.97
C GLU A 72 -11.20 -4.97 4.89
N GLN A 73 -10.82 -6.24 4.72
CA GLN A 73 -9.76 -6.84 5.53
C GLN A 73 -8.38 -6.30 5.13
N LEU A 74 -8.17 -6.12 3.83
CA LEU A 74 -6.88 -5.64 3.33
C LEU A 74 -7.07 -4.68 2.16
N LYS A 75 -6.58 -3.45 2.31
CA LYS A 75 -6.68 -2.46 1.24
C LYS A 75 -5.41 -2.46 0.40
N ILE A 76 -5.59 -2.20 -0.88
CA ILE A 76 -4.46 -2.20 -1.81
C ILE A 76 -4.34 -0.86 -2.52
N PHE A 77 -3.17 -0.25 -2.38
CA PHE A 77 -2.89 1.03 -3.02
C PHE A 77 -1.65 0.91 -3.90
N ILE A 78 -1.63 1.65 -5.02
CA ILE A 78 -0.49 1.58 -5.95
C ILE A 78 0.15 2.96 -6.16
N LEU A 79 1.49 2.96 -6.13
CA LEU A 79 2.27 4.17 -6.32
C LEU A 79 2.93 4.14 -7.70
N GLY A 80 2.75 5.20 -8.47
CA GLY A 80 3.33 5.25 -9.79
C GLY A 80 2.74 6.36 -10.63
N SER A 81 3.14 6.41 -11.90
CA SER A 81 2.64 7.42 -12.81
C SER A 81 1.16 7.22 -13.12
N LYS A 82 0.75 5.96 -13.24
CA LYS A 82 -0.65 5.65 -13.51
C LYS A 82 -1.21 4.72 -12.45
N GLY A 83 -2.40 5.05 -11.98
CA GLY A 83 -3.06 4.24 -10.98
C GLY A 83 -4.29 3.54 -11.51
N ASN A 84 -4.38 3.41 -12.83
CA ASN A 84 -5.53 2.78 -13.47
C ASN A 84 -5.39 1.26 -13.46
N TYR A 85 -5.57 0.66 -12.28
CA TYR A 85 -5.50 -0.78 -12.12
C TYR A 85 -6.72 -1.28 -11.36
N GLN A 86 -7.18 -2.46 -11.72
CA GLN A 86 -8.35 -3.05 -11.07
C GLN A 86 -7.95 -3.77 -9.79
N GLY A 87 -8.83 -3.73 -8.80
CA GLY A 87 -8.56 -4.40 -7.54
C GLY A 87 -7.95 -3.49 -6.49
N VAL A 88 -7.83 -2.19 -6.77
CA VAL A 88 -7.27 -1.26 -5.82
C VAL A 88 -8.31 -0.20 -5.46
N ASP A 89 -8.19 0.36 -4.27
CA ASP A 89 -9.13 1.37 -3.80
C ASP A 89 -8.70 2.78 -4.19
N ARG A 90 -7.39 3.06 -4.10
CA ARG A 90 -6.86 4.39 -4.42
C ARG A 90 -5.49 4.26 -5.07
N TYR A 91 -5.07 5.33 -5.74
CA TYR A 91 -3.77 5.37 -6.38
C TYR A 91 -3.06 6.67 -6.04
N ILE A 92 -1.75 6.62 -5.95
CA ILE A 92 -0.96 7.80 -5.63
C ILE A 92 0.11 8.06 -6.68
N PRO A 93 -0.15 9.02 -7.59
CA PRO A 93 0.80 9.37 -8.66
C PRO A 93 2.01 10.16 -8.18
N LEU A 94 3.12 10.02 -8.89
CA LEU A 94 4.34 10.73 -8.55
C LEU A 94 4.59 11.89 -9.52
N PRO A 95 5.28 12.95 -9.06
CA PRO A 95 5.82 13.03 -7.70
C PRO A 95 4.71 13.10 -6.65
N ILE A 96 4.89 12.34 -5.58
CA ILE A 96 3.92 12.28 -4.50
C ILE A 96 4.07 13.48 -3.57
N HIS A 97 3.00 14.27 -3.46
CA HIS A 97 3.00 15.44 -2.59
C HIS A 97 2.64 15.03 -1.15
N PRO A 98 3.51 15.36 -0.18
CA PRO A 98 3.31 15.00 1.24
C PRO A 98 2.03 15.60 1.85
N GLU A 99 1.64 16.77 1.38
CA GLU A 99 0.45 17.46 1.89
C GLU A 99 -0.84 16.69 1.56
N SER A 100 -0.90 16.15 0.35
CA SER A 100 -2.09 15.42 -0.09
C SER A 100 -1.94 13.92 0.12
N PHE A 101 -0.71 13.47 0.34
CA PHE A 101 -0.44 12.05 0.56
C PHE A 101 -1.18 11.55 1.78
N LEU A 102 -1.04 12.27 2.88
CA LEU A 102 -1.71 11.90 4.13
C LEU A 102 -3.22 11.99 3.96
N GLN A 103 -3.68 12.99 3.22
CA GLN A 103 -5.11 13.17 2.98
C GLN A 103 -5.67 11.98 2.19
N GLN A 104 -4.92 11.52 1.18
CA GLN A 104 -5.35 10.38 0.36
C GLN A 104 -5.38 9.10 1.21
N VAL A 105 -4.38 8.94 2.08
CA VAL A 105 -4.31 7.77 2.95
C VAL A 105 -5.52 7.76 3.89
N THR A 106 -5.83 8.92 4.45
CA THR A 106 -6.96 9.07 5.35
C THR A 106 -8.28 8.74 4.63
N MET A 107 -8.44 9.26 3.42
CA MET A 107 -9.65 8.99 2.63
C MET A 107 -9.74 7.50 2.29
N GLY A 108 -8.61 6.90 1.95
CA GLY A 108 -8.60 5.48 1.65
C GLY A 108 -8.95 4.66 2.87
N LEU A 109 -8.38 5.05 4.01
CA LEU A 109 -8.61 4.40 5.30
C LEU A 109 -10.08 4.55 5.74
N THR A 110 -10.57 5.79 5.67
CA THR A 110 -11.94 6.18 6.03
C THR A 110 -12.56 5.39 7.20
N SER A 111 -13.35 4.35 6.88
CA SER A 111 -14.04 3.55 7.90
C SER A 111 -13.27 2.30 8.35
N LEU A 112 -12.11 2.04 7.75
CA LEU A 112 -11.32 0.87 8.12
C LEU A 112 -10.86 0.95 9.58
N ALA A 113 -10.36 2.13 9.97
CA ALA A 113 -9.88 2.34 11.33
C ALA A 113 -10.02 3.80 11.71
N THR A 114 -10.15 4.06 13.01
CA THR A 114 -10.28 5.43 13.50
C THR A 114 -9.27 5.70 14.61
N SER A 115 -8.99 6.98 14.85
CA SER A 115 -8.03 7.38 15.88
C SER A 115 -8.63 7.17 17.28
N ALA A 116 -7.75 7.08 18.27
CA ALA A 116 -8.18 6.87 19.66
C ALA A 116 -7.21 7.56 20.62
N GLN A 117 -7.71 7.92 21.79
CA GLN A 117 -6.89 8.58 22.79
C GLN A 117 -6.73 7.70 24.04
N GLU A 1 -0.19 2.95 15.78
CA GLU A 1 -1.56 3.25 15.27
C GLU A 1 -2.01 2.16 14.30
N GLY A 2 -1.07 1.69 13.49
CA GLY A 2 -1.38 0.66 12.51
C GLY A 2 -0.14 0.20 11.77
N ARG A 3 -0.26 -0.89 11.02
CA ARG A 3 0.86 -1.42 10.26
C ARG A 3 0.58 -1.38 8.76
N ILE A 4 1.55 -0.89 8.01
CA ILE A 4 1.45 -0.79 6.56
C ILE A 4 2.64 -1.50 5.90
N VAL A 5 2.38 -2.31 4.88
CA VAL A 5 3.45 -3.01 4.21
C VAL A 5 3.71 -2.37 2.85
N LEU A 6 4.97 -2.01 2.61
CA LEU A 6 5.37 -1.36 1.38
C LEU A 6 6.20 -2.30 0.52
N VAL A 7 5.78 -2.48 -0.73
CA VAL A 7 6.49 -3.36 -1.65
C VAL A 7 7.00 -2.55 -2.83
N SER A 8 8.31 -2.54 -3.01
CA SER A 8 8.92 -1.78 -4.10
C SER A 8 10.36 -2.17 -4.31
N GLU A 9 10.76 -2.27 -5.57
CA GLU A 9 12.13 -2.62 -5.94
C GLU A 9 13.06 -1.41 -5.77
N ASP A 10 12.53 -0.21 -5.90
CA ASP A 10 13.32 1.02 -5.79
C ASP A 10 13.50 1.42 -4.33
N GLU A 11 14.73 1.28 -3.84
CA GLU A 11 15.08 1.62 -2.46
C GLU A 11 14.91 3.11 -2.17
N ALA A 12 15.27 3.96 -3.12
CA ALA A 12 15.17 5.40 -2.96
C ALA A 12 13.74 5.87 -2.74
N THR A 13 12.81 5.32 -3.50
CA THR A 13 11.40 5.67 -3.37
C THR A 13 10.85 5.12 -2.06
N SER A 14 11.24 3.88 -1.74
CA SER A 14 10.77 3.21 -0.55
C SER A 14 11.18 3.93 0.74
N THR A 15 12.43 4.40 0.78
CA THR A 15 12.93 5.10 1.97
C THR A 15 12.25 6.45 2.18
N LEU A 16 12.03 7.20 1.08
CA LEU A 16 11.40 8.52 1.17
C LEU A 16 9.96 8.43 1.67
N ILE A 17 9.19 7.50 1.11
CA ILE A 17 7.79 7.33 1.49
C ILE A 17 7.64 6.73 2.89
N CYS A 18 8.58 5.85 3.27
CA CYS A 18 8.55 5.19 4.58
C CYS A 18 8.63 6.21 5.72
N SER A 19 9.54 7.17 5.57
CA SER A 19 9.72 8.21 6.60
C SER A 19 8.44 9.03 6.78
N ILE A 20 7.80 9.38 5.68
CA ILE A 20 6.57 10.17 5.72
C ILE A 20 5.47 9.41 6.48
N LEU A 21 5.28 8.14 6.13
CA LEU A 21 4.27 7.31 6.78
C LEU A 21 4.59 7.05 8.25
N THR A 22 5.87 6.83 8.55
CA THR A 22 6.30 6.58 9.92
C THR A 22 6.07 7.81 10.79
N THR A 23 6.36 8.99 10.24
CA THR A 23 6.17 10.25 10.94
C THR A 23 4.70 10.42 11.35
N ALA A 24 3.80 10.01 10.47
CA ALA A 24 2.37 10.08 10.71
C ALA A 24 1.96 9.20 11.91
N GLY A 25 2.83 8.27 12.28
CA GLY A 25 2.56 7.38 13.41
C GLY A 25 2.27 5.95 12.99
N TYR A 26 2.42 5.67 11.70
CA TYR A 26 2.18 4.32 11.19
C TYR A 26 3.48 3.57 10.98
N GLN A 27 3.47 2.26 11.27
CA GLN A 27 4.65 1.43 11.07
C GLN A 27 4.68 0.92 9.64
N VAL A 28 5.85 0.98 9.02
CA VAL A 28 5.99 0.54 7.65
C VAL A 28 6.97 -0.63 7.52
N ILE A 29 6.53 -1.68 6.83
CA ILE A 29 7.35 -2.85 6.59
C ILE A 29 7.71 -2.88 5.10
N TRP A 30 9.00 -2.79 4.79
CA TRP A 30 9.44 -2.77 3.39
C TRP A 30 9.78 -4.16 2.87
N LEU A 31 9.19 -4.51 1.73
CA LEU A 31 9.41 -5.79 1.09
C LEU A 31 9.94 -5.59 -0.34
N VAL A 32 10.98 -6.34 -0.70
CA VAL A 32 11.56 -6.24 -2.03
C VAL A 32 11.30 -7.50 -2.85
N ASP A 33 10.12 -8.10 -2.68
CA ASP A 33 9.79 -9.33 -3.40
C ASP A 33 8.29 -9.49 -3.65
N GLY A 34 7.48 -9.03 -2.71
CA GLY A 34 6.03 -9.13 -2.85
C GLY A 34 5.49 -10.54 -2.64
N GLU A 35 6.17 -11.34 -1.82
CA GLU A 35 5.73 -12.71 -1.55
C GLU A 35 4.39 -12.70 -0.81
N VAL A 36 3.40 -13.33 -1.43
CA VAL A 36 2.05 -13.42 -0.89
C VAL A 36 2.02 -14.14 0.44
N GLU A 37 2.78 -15.23 0.56
CA GLU A 37 2.81 -15.99 1.80
C GLU A 37 3.31 -15.11 2.95
N ARG A 38 4.35 -14.33 2.67
CA ARG A 38 4.90 -13.41 3.66
C ARG A 38 3.94 -12.26 3.91
N LEU A 39 3.33 -11.74 2.85
CA LEU A 39 2.36 -10.64 2.95
C LEU A 39 1.15 -11.08 3.74
N LEU A 40 0.69 -12.30 3.49
CA LEU A 40 -0.46 -12.85 4.20
C LEU A 40 -0.15 -13.02 5.69
N ALA A 41 1.04 -13.52 5.98
CA ALA A 41 1.47 -13.74 7.37
C ALA A 41 1.55 -12.42 8.14
N LEU A 42 2.05 -11.38 7.46
CA LEU A 42 2.20 -10.06 8.05
C LEU A 42 1.06 -9.16 7.59
N THR A 43 -0.09 -9.78 7.34
CA THR A 43 -1.27 -9.08 6.85
C THR A 43 -1.58 -7.78 7.61
N PRO A 44 -1.36 -6.64 6.93
CA PRO A 44 -1.61 -5.30 7.47
C PRO A 44 -3.02 -4.82 7.14
N ILE A 45 -3.32 -3.57 7.50
CA ILE A 45 -4.62 -3.00 7.19
C ILE A 45 -4.66 -2.53 5.74
N ALA A 46 -3.47 -2.23 5.21
CA ALA A 46 -3.33 -1.76 3.85
C ALA A 46 -1.92 -2.01 3.31
N VAL A 47 -1.82 -2.19 2.00
CA VAL A 47 -0.53 -2.41 1.36
C VAL A 47 -0.26 -1.34 0.31
N LEU A 48 1.01 -0.96 0.18
CA LEU A 48 1.41 0.05 -0.79
C LEU A 48 2.34 -0.57 -1.83
N LEU A 49 1.94 -0.53 -3.10
CA LEU A 49 2.77 -1.11 -4.16
C LEU A 49 3.36 0.02 -5.01
N ALA A 50 4.68 0.17 -4.97
CA ALA A 50 5.33 1.22 -5.75
C ALA A 50 6.13 0.66 -6.91
N GLU A 51 5.73 1.02 -8.13
CA GLU A 51 6.43 0.57 -9.33
C GLU A 51 7.82 1.22 -9.43
N PRO A 52 8.80 0.52 -10.02
CA PRO A 52 8.61 -0.83 -10.57
C PRO A 52 8.33 -1.87 -9.48
N PHE A 53 7.42 -2.78 -9.77
CA PHE A 53 7.03 -3.82 -8.83
C PHE A 53 8.05 -4.97 -8.86
N SER A 54 8.60 -5.28 -7.69
CA SER A 54 9.56 -6.36 -7.56
C SER A 54 8.94 -7.71 -7.89
N TYR A 55 7.67 -7.88 -7.53
CA TYR A 55 6.93 -9.11 -7.80
C TYR A 55 6.71 -9.30 -9.31
N GLY A 56 6.76 -8.21 -10.06
CA GLY A 56 6.54 -8.28 -11.50
C GLY A 56 5.15 -7.83 -11.89
N ASP A 57 4.27 -8.77 -12.21
CA ASP A 57 2.91 -8.43 -12.61
C ASP A 57 2.04 -8.13 -11.40
N VAL A 58 1.69 -6.85 -11.24
CA VAL A 58 0.87 -6.40 -10.12
C VAL A 58 -0.54 -6.99 -10.13
N GLN A 59 -1.10 -7.28 -11.30
CA GLN A 59 -2.44 -7.82 -11.40
C GLN A 59 -2.56 -9.18 -10.72
N GLU A 60 -1.56 -10.03 -10.92
CA GLU A 60 -1.52 -11.35 -10.31
C GLU A 60 -1.42 -11.25 -8.79
N LEU A 61 -0.60 -10.30 -8.33
CA LEU A 61 -0.40 -10.08 -6.91
C LEU A 61 -1.70 -9.62 -6.26
N VAL A 62 -2.38 -8.69 -6.92
CA VAL A 62 -3.65 -8.16 -6.44
C VAL A 62 -4.70 -9.26 -6.42
N ASP A 63 -4.76 -10.03 -7.51
CA ASP A 63 -5.71 -11.14 -7.61
C ASP A 63 -5.49 -12.15 -6.50
N GLN A 64 -4.23 -12.45 -6.20
CA GLN A 64 -3.92 -13.42 -5.16
C GLN A 64 -4.29 -12.89 -3.79
N LEU A 65 -4.01 -11.61 -3.55
CA LEU A 65 -4.33 -11.00 -2.26
C LEU A 65 -5.83 -10.83 -2.09
N ARG A 66 -6.50 -10.42 -3.16
CA ARG A 66 -7.96 -10.21 -3.14
C ARG A 66 -8.68 -11.53 -2.92
N GLN A 67 -8.17 -12.58 -3.53
CA GLN A 67 -8.74 -13.91 -3.40
C GLN A 67 -8.66 -14.39 -1.95
N ARG A 68 -7.55 -14.06 -1.29
CA ARG A 68 -7.34 -14.46 0.09
C ARG A 68 -7.96 -13.48 1.09
N CYS A 69 -7.96 -12.21 0.75
CA CYS A 69 -8.51 -11.19 1.62
C CYS A 69 -9.41 -10.23 0.86
N THR A 70 -10.55 -9.92 1.44
CA THR A 70 -11.49 -9.00 0.83
C THR A 70 -10.97 -7.57 0.90
N PRO A 71 -11.48 -6.67 0.04
CA PRO A 71 -11.07 -5.26 0.03
C PRO A 71 -11.24 -4.58 1.39
N GLU A 72 -12.25 -5.02 2.13
CA GLU A 72 -12.52 -4.46 3.46
C GLU A 72 -11.45 -4.89 4.45
N GLN A 73 -10.99 -6.14 4.33
CA GLN A 73 -9.97 -6.68 5.22
C GLN A 73 -8.60 -6.05 4.97
N LEU A 74 -8.26 -5.87 3.70
CA LEU A 74 -6.98 -5.29 3.33
C LEU A 74 -7.12 -4.24 2.24
N LYS A 75 -6.70 -3.01 2.53
CA LYS A 75 -6.76 -1.94 1.55
C LYS A 75 -5.53 -1.99 0.66
N ILE A 76 -5.70 -1.68 -0.60
CA ILE A 76 -4.60 -1.71 -1.55
C ILE A 76 -4.42 -0.38 -2.24
N PHE A 77 -3.23 0.19 -2.06
CA PHE A 77 -2.87 1.46 -2.68
C PHE A 77 -1.71 1.24 -3.66
N ILE A 78 -1.73 1.92 -4.80
CA ILE A 78 -0.68 1.77 -5.80
C ILE A 78 -0.01 3.10 -6.11
N LEU A 79 1.32 3.07 -6.18
CA LEU A 79 2.11 4.27 -6.46
C LEU A 79 2.64 4.25 -7.88
N GLY A 80 2.39 5.33 -8.60
CA GLY A 80 2.84 5.44 -9.96
C GLY A 80 2.24 6.60 -10.70
N SER A 81 2.63 6.75 -11.95
CA SER A 81 2.12 7.84 -12.80
C SER A 81 0.68 7.56 -13.22
N LYS A 82 0.29 6.30 -13.16
CA LYS A 82 -1.06 5.89 -13.54
C LYS A 82 -1.71 5.09 -12.40
N GLY A 83 -2.89 5.52 -11.99
CA GLY A 83 -3.59 4.84 -10.91
C GLY A 83 -4.82 4.08 -11.40
N ASN A 84 -4.96 3.95 -12.72
CA ASN A 84 -6.12 3.26 -13.28
C ASN A 84 -5.89 1.75 -13.33
N TYR A 85 -5.95 1.12 -12.17
CA TYR A 85 -5.76 -0.32 -12.05
C TYR A 85 -6.90 -0.92 -11.23
N GLN A 86 -7.26 -2.14 -11.55
CA GLN A 86 -8.34 -2.82 -10.85
C GLN A 86 -7.83 -3.51 -9.59
N GLY A 87 -8.68 -3.57 -8.57
CA GLY A 87 -8.29 -4.22 -7.33
C GLY A 87 -7.70 -3.27 -6.30
N VAL A 88 -7.65 -1.98 -6.61
CA VAL A 88 -7.10 -1.02 -5.66
C VAL A 88 -8.17 0.01 -5.29
N ASP A 89 -8.10 0.49 -4.06
CA ASP A 89 -9.06 1.47 -3.57
C ASP A 89 -8.69 2.89 -4.01
N ARG A 90 -7.41 3.21 -3.96
CA ARG A 90 -6.94 4.54 -4.32
C ARG A 90 -5.61 4.45 -5.07
N TYR A 91 -5.18 5.57 -5.64
CA TYR A 91 -3.92 5.63 -6.37
C TYR A 91 -3.09 6.81 -5.88
N ILE A 92 -1.78 6.64 -5.89
CA ILE A 92 -0.87 7.68 -5.44
C ILE A 92 0.10 8.08 -6.55
N PRO A 93 -0.18 9.20 -7.24
CA PRO A 93 0.68 9.68 -8.33
C PRO A 93 1.96 10.36 -7.84
N LEU A 94 3.02 10.26 -8.63
CA LEU A 94 4.30 10.88 -8.32
C LEU A 94 4.59 12.00 -9.31
N PRO A 95 5.35 13.05 -8.90
CA PRO A 95 5.93 13.16 -7.55
C PRO A 95 4.87 13.19 -6.46
N ILE A 96 5.12 12.43 -5.39
CA ILE A 96 4.21 12.38 -4.25
C ILE A 96 4.19 13.67 -3.46
N HIS A 97 2.99 14.18 -3.23
CA HIS A 97 2.81 15.38 -2.44
C HIS A 97 2.39 14.97 -1.04
N PRO A 98 3.22 15.26 -0.02
CA PRO A 98 2.96 14.85 1.37
C PRO A 98 1.66 15.41 1.95
N GLU A 99 1.25 16.59 1.48
CA GLU A 99 0.02 17.23 1.97
C GLU A 99 -1.24 16.48 1.52
N SER A 100 -1.18 15.88 0.34
CA SER A 100 -2.33 15.16 -0.20
C SER A 100 -2.18 13.65 0.00
N PHE A 101 -0.95 13.19 0.15
CA PHE A 101 -0.66 11.78 0.35
C PHE A 101 -1.34 11.24 1.60
N LEU A 102 -1.17 11.96 2.71
CA LEU A 102 -1.77 11.56 3.98
C LEU A 102 -3.29 11.59 3.89
N GLN A 103 -3.79 12.63 3.22
CA GLN A 103 -5.23 12.80 3.03
C GLN A 103 -5.83 11.63 2.24
N GLN A 104 -5.14 11.23 1.17
CA GLN A 104 -5.60 10.11 0.34
C GLN A 104 -5.55 8.79 1.11
N VAL A 105 -4.49 8.59 1.88
CA VAL A 105 -4.35 7.36 2.66
C VAL A 105 -5.44 7.28 3.72
N THR A 106 -5.67 8.40 4.42
CA THR A 106 -6.69 8.48 5.46
C THR A 106 -8.08 8.19 4.87
N MET A 107 -8.35 8.76 3.71
CA MET A 107 -9.62 8.55 3.03
C MET A 107 -9.83 7.07 2.70
N GLY A 108 -8.77 6.41 2.26
CA GLY A 108 -8.85 5.00 1.94
C GLY A 108 -8.94 4.10 3.17
N LEU A 109 -8.58 4.64 4.34
CA LEU A 109 -8.62 3.88 5.59
C LEU A 109 -10.01 3.91 6.21
N THR A 110 -10.88 4.77 5.69
CA THR A 110 -12.23 4.90 6.21
C THR A 110 -13.06 3.64 5.89
N SER A 111 -14.18 3.50 6.62
CA SER A 111 -15.06 2.34 6.47
C SER A 111 -14.34 1.04 6.84
N LEU A 112 -13.38 1.15 7.75
CA LEU A 112 -12.61 0.01 8.22
C LEU A 112 -12.45 0.06 9.74
N ALA A 113 -11.63 1.01 10.20
CA ALA A 113 -11.37 1.18 11.62
C ALA A 113 -10.99 2.63 11.93
N THR A 114 -11.19 3.05 13.17
CA THR A 114 -10.85 4.40 13.57
C THR A 114 -9.36 4.53 13.88
N SER A 115 -8.85 5.76 13.84
CA SER A 115 -7.43 6.01 14.11
C SER A 115 -7.25 7.40 14.69
N ALA A 116 -6.28 7.55 15.58
CA ALA A 116 -6.00 8.83 16.22
C ALA A 116 -4.52 8.96 16.55
N GLN A 117 -4.04 10.20 16.59
CA GLN A 117 -2.63 10.45 16.90
C GLN A 117 -2.46 10.90 18.35
N GLU A 1 -2.31 -1.72 15.29
CA GLU A 1 -2.93 -2.29 14.06
C GLU A 1 -2.58 -1.44 12.85
N GLY A 2 -1.85 -0.34 13.08
CA GLY A 2 -1.46 0.55 12.01
C GLY A 2 -0.21 0.09 11.29
N ARG A 3 -0.30 -1.06 10.63
CA ARG A 3 0.82 -1.62 9.90
C ARG A 3 0.58 -1.58 8.39
N ILE A 4 1.55 -1.06 7.66
CA ILE A 4 1.46 -0.96 6.21
C ILE A 4 2.65 -1.66 5.56
N VAL A 5 2.39 -2.47 4.55
CA VAL A 5 3.46 -3.20 3.87
C VAL A 5 3.71 -2.59 2.49
N LEU A 6 4.97 -2.26 2.22
CA LEU A 6 5.34 -1.64 0.96
C LEU A 6 6.15 -2.61 0.10
N VAL A 7 5.75 -2.74 -1.16
CA VAL A 7 6.43 -3.60 -2.10
C VAL A 7 6.98 -2.80 -3.26
N SER A 8 8.30 -2.82 -3.41
CA SER A 8 8.96 -2.07 -4.45
C SER A 8 10.42 -2.50 -4.59
N GLU A 9 11.02 -2.10 -5.70
CA GLU A 9 12.43 -2.40 -5.96
C GLU A 9 13.30 -1.16 -5.77
N ASP A 10 12.67 0.00 -5.60
CA ASP A 10 13.41 1.26 -5.45
C ASP A 10 13.56 1.65 -3.98
N GLU A 11 14.79 1.52 -3.49
CA GLU A 11 15.12 1.85 -2.11
C GLU A 11 14.98 3.36 -1.84
N ALA A 12 15.36 4.18 -2.82
CA ALA A 12 15.31 5.63 -2.69
C ALA A 12 13.90 6.17 -2.43
N THR A 13 12.91 5.66 -3.17
CA THR A 13 11.54 6.11 -2.96
C THR A 13 10.99 5.57 -1.67
N SER A 14 11.44 4.37 -1.31
CA SER A 14 11.00 3.71 -0.10
C SER A 14 11.42 4.47 1.15
N THR A 15 12.65 4.98 1.16
CA THR A 15 13.14 5.73 2.33
C THR A 15 12.37 7.03 2.55
N LEU A 16 12.07 7.73 1.45
CA LEU A 16 11.33 8.99 1.51
C LEU A 16 9.87 8.76 1.92
N ILE A 17 9.25 7.74 1.34
CA ILE A 17 7.85 7.42 1.61
C ILE A 17 7.64 6.87 3.02
N CYS A 18 8.59 6.06 3.51
CA CYS A 18 8.50 5.46 4.84
C CYS A 18 8.54 6.52 5.94
N SER A 19 9.38 7.53 5.75
CA SER A 19 9.53 8.60 6.74
C SER A 19 8.21 9.35 6.93
N ILE A 20 7.53 9.64 5.81
CA ILE A 20 6.25 10.34 5.87
C ILE A 20 5.19 9.51 6.61
N LEU A 21 5.11 8.24 6.24
CA LEU A 21 4.14 7.31 6.84
C LEU A 21 4.44 7.04 8.31
N THR A 22 5.73 6.88 8.64
CA THR A 22 6.13 6.61 10.02
C THR A 22 5.82 7.80 10.93
N THR A 23 6.06 9.01 10.42
CA THR A 23 5.79 10.23 11.17
C THR A 23 4.32 10.30 11.58
N ALA A 24 3.44 9.86 10.68
CA ALA A 24 2.00 9.85 10.95
C ALA A 24 1.63 8.82 12.03
N GLY A 25 2.60 7.98 12.41
CA GLY A 25 2.35 6.98 13.44
C GLY A 25 2.13 5.59 12.88
N TYR A 26 2.34 5.41 11.59
CA TYR A 26 2.15 4.11 10.96
C TYR A 26 3.47 3.38 10.75
N GLN A 27 3.45 2.07 10.93
CA GLN A 27 4.65 1.26 10.74
C GLN A 27 4.69 0.74 9.31
N VAL A 28 5.84 0.83 8.68
CA VAL A 28 5.97 0.37 7.30
C VAL A 28 6.97 -0.76 7.16
N ILE A 29 6.55 -1.82 6.47
CA ILE A 29 7.41 -2.98 6.21
C ILE A 29 7.70 -3.02 4.72
N TRP A 30 8.97 -2.92 4.35
CA TRP A 30 9.35 -2.90 2.94
C TRP A 30 9.84 -4.27 2.45
N LEU A 31 9.25 -4.72 1.35
CA LEU A 31 9.62 -5.99 0.73
C LEU A 31 10.12 -5.77 -0.69
N VAL A 32 11.20 -6.45 -1.05
CA VAL A 32 11.79 -6.32 -2.38
C VAL A 32 11.44 -7.54 -3.27
N ASP A 33 10.36 -8.22 -2.93
CA ASP A 33 9.97 -9.42 -3.69
C ASP A 33 8.45 -9.58 -3.84
N GLY A 34 7.70 -9.14 -2.83
CA GLY A 34 6.25 -9.23 -2.89
C GLY A 34 5.68 -10.63 -2.70
N GLU A 35 6.38 -11.49 -1.94
CA GLU A 35 5.90 -12.84 -1.70
C GLU A 35 4.57 -12.83 -0.94
N VAL A 36 3.60 -13.52 -1.51
CA VAL A 36 2.26 -13.64 -0.95
C VAL A 36 2.28 -14.32 0.41
N GLU A 37 3.11 -15.35 0.57
CA GLU A 37 3.20 -16.06 1.83
C GLU A 37 3.64 -15.11 2.94
N ARG A 38 4.62 -14.26 2.62
CA ARG A 38 5.12 -13.28 3.57
C ARG A 38 4.08 -12.19 3.79
N LEU A 39 3.42 -11.77 2.72
CA LEU A 39 2.38 -10.73 2.81
C LEU A 39 1.20 -11.24 3.64
N LEU A 40 0.84 -12.50 3.42
CA LEU A 40 -0.26 -13.12 4.16
C LEU A 40 0.10 -13.25 5.65
N ALA A 41 1.33 -13.67 5.93
CA ALA A 41 1.80 -13.83 7.31
C ALA A 41 1.81 -12.50 8.06
N LEU A 42 2.21 -11.44 7.38
CA LEU A 42 2.28 -10.10 7.98
C LEU A 42 1.09 -9.26 7.59
N THR A 43 -0.04 -9.94 7.35
CA THR A 43 -1.31 -9.31 6.93
C THR A 43 -1.54 -7.93 7.57
N PRO A 44 -1.36 -6.86 6.78
CA PRO A 44 -1.57 -5.48 7.22
C PRO A 44 -2.98 -4.99 6.92
N ILE A 45 -3.24 -3.72 7.21
CA ILE A 45 -4.54 -3.14 6.92
C ILE A 45 -4.61 -2.69 5.47
N ALA A 46 -3.43 -2.38 4.92
CA ALA A 46 -3.31 -1.93 3.55
C ALA A 46 -1.91 -2.16 3.02
N VAL A 47 -1.80 -2.32 1.71
CA VAL A 47 -0.50 -2.53 1.07
C VAL A 47 -0.24 -1.46 0.01
N LEU A 48 1.02 -1.09 -0.11
CA LEU A 48 1.44 -0.09 -1.09
C LEU A 48 2.34 -0.73 -2.15
N LEU A 49 1.92 -0.69 -3.40
CA LEU A 49 2.72 -1.25 -4.47
C LEU A 49 3.34 -0.12 -5.28
N ALA A 50 4.66 0.02 -5.19
CA ALA A 50 5.34 1.09 -5.90
C ALA A 50 6.14 0.60 -7.10
N GLU A 51 5.94 1.26 -8.23
CA GLU A 51 6.66 0.94 -9.47
C GLU A 51 8.15 1.30 -9.33
N PRO A 52 9.05 0.44 -9.85
CA PRO A 52 8.69 -0.83 -10.48
C PRO A 52 8.32 -1.92 -9.48
N PHE A 53 7.32 -2.72 -9.81
CA PHE A 53 6.88 -3.79 -8.93
C PHE A 53 7.86 -4.96 -8.94
N SER A 54 8.29 -5.37 -7.75
CA SER A 54 9.22 -6.49 -7.60
C SER A 54 8.57 -7.82 -7.96
N TYR A 55 7.29 -7.97 -7.58
CA TYR A 55 6.54 -9.18 -7.86
C TYR A 55 6.25 -9.34 -9.36
N GLY A 56 6.25 -8.22 -10.08
CA GLY A 56 5.98 -8.25 -11.50
C GLY A 56 4.55 -7.85 -11.83
N ASP A 57 3.72 -8.83 -12.15
CA ASP A 57 2.32 -8.56 -12.49
C ASP A 57 1.48 -8.42 -11.21
N VAL A 58 1.06 -7.19 -10.94
CA VAL A 58 0.26 -6.90 -9.75
C VAL A 58 -1.16 -7.46 -9.80
N GLN A 59 -1.69 -7.69 -11.01
CA GLN A 59 -3.06 -8.22 -11.13
C GLN A 59 -3.17 -9.58 -10.46
N GLU A 60 -2.16 -10.43 -10.68
CA GLU A 60 -2.12 -11.75 -10.07
C GLU A 60 -1.96 -11.63 -8.55
N LEU A 61 -1.13 -10.68 -8.13
CA LEU A 61 -0.88 -10.44 -6.72
C LEU A 61 -2.17 -9.98 -6.03
N VAL A 62 -2.88 -9.06 -6.69
CA VAL A 62 -4.14 -8.54 -6.18
C VAL A 62 -5.16 -9.65 -6.08
N ASP A 63 -5.22 -10.48 -7.12
CA ASP A 63 -6.15 -11.61 -7.14
C ASP A 63 -5.86 -12.54 -5.97
N GLN A 64 -4.59 -12.78 -5.70
CA GLN A 64 -4.20 -13.65 -4.60
C GLN A 64 -4.50 -13.01 -3.25
N LEU A 65 -4.23 -11.71 -3.14
CA LEU A 65 -4.49 -10.98 -1.91
C LEU A 65 -5.98 -10.87 -1.64
N ARG A 66 -6.74 -10.60 -2.71
CA ARG A 66 -8.20 -10.47 -2.61
C ARG A 66 -8.84 -11.81 -2.26
N GLN A 67 -8.29 -12.87 -2.82
CA GLN A 67 -8.77 -14.22 -2.59
C GLN A 67 -8.62 -14.60 -1.12
N ARG A 68 -7.51 -14.18 -0.51
CA ARG A 68 -7.26 -14.48 0.90
C ARG A 68 -7.94 -13.47 1.81
N CYS A 69 -7.85 -12.20 1.45
CA CYS A 69 -8.46 -11.14 2.24
C CYS A 69 -9.33 -10.25 1.35
N THR A 70 -10.56 -10.02 1.79
CA THR A 70 -11.48 -9.20 1.01
C THR A 70 -11.08 -7.72 1.07
N PRO A 71 -11.56 -6.91 0.11
CA PRO A 71 -11.24 -5.47 0.05
C PRO A 71 -11.57 -4.74 1.36
N GLU A 72 -12.59 -5.22 2.06
CA GLU A 72 -13.01 -4.61 3.32
C GLU A 72 -12.03 -4.97 4.45
N GLN A 73 -11.19 -5.96 4.20
CA GLN A 73 -10.22 -6.41 5.19
C GLN A 73 -8.82 -5.86 4.89
N LEU A 74 -8.46 -5.84 3.61
CA LEU A 74 -7.14 -5.35 3.19
C LEU A 74 -7.25 -4.36 2.04
N LYS A 75 -6.72 -3.15 2.24
CA LYS A 75 -6.75 -2.14 1.18
C LYS A 75 -5.48 -2.19 0.34
N ILE A 76 -5.63 -1.89 -0.93
CA ILE A 76 -4.51 -1.92 -1.86
C ILE A 76 -4.34 -0.57 -2.53
N PHE A 77 -3.16 0.00 -2.37
CA PHE A 77 -2.83 1.30 -2.96
C PHE A 77 -1.61 1.17 -3.88
N ILE A 78 -1.56 1.96 -4.95
CA ILE A 78 -0.44 1.89 -5.88
C ILE A 78 0.26 3.25 -6.04
N LEU A 79 1.60 3.20 -6.04
CA LEU A 79 2.44 4.39 -6.18
C LEU A 79 3.14 4.37 -7.53
N GLY A 80 3.03 5.48 -8.26
CA GLY A 80 3.66 5.57 -9.55
C GLY A 80 3.10 6.70 -10.39
N SER A 81 3.60 6.83 -11.61
CA SER A 81 3.14 7.87 -12.53
C SER A 81 1.69 7.62 -12.94
N LYS A 82 1.34 6.35 -13.10
CA LYS A 82 -0.01 5.97 -13.49
C LYS A 82 -0.58 4.96 -12.48
N GLY A 83 -1.71 5.29 -11.89
CA GLY A 83 -2.33 4.41 -10.92
C GLY A 83 -3.64 3.84 -11.41
N ASN A 84 -3.87 3.89 -12.72
CA ASN A 84 -5.11 3.37 -13.29
C ASN A 84 -5.03 1.86 -13.49
N TYR A 85 -5.12 1.13 -12.38
CA TYR A 85 -5.07 -0.32 -12.40
C TYR A 85 -6.21 -0.87 -11.56
N GLN A 86 -6.69 -2.04 -11.93
CA GLN A 86 -7.80 -2.67 -11.21
C GLN A 86 -7.31 -3.35 -9.94
N GLY A 87 -8.18 -3.41 -8.94
CA GLY A 87 -7.81 -4.05 -7.69
C GLY A 87 -7.25 -3.10 -6.65
N VAL A 88 -7.19 -1.80 -6.95
CA VAL A 88 -6.67 -0.85 -5.99
C VAL A 88 -7.75 0.16 -5.60
N ASP A 89 -7.75 0.52 -4.33
CA ASP A 89 -8.74 1.47 -3.79
C ASP A 89 -8.45 2.91 -4.22
N ARG A 90 -7.18 3.31 -4.13
CA ARG A 90 -6.78 4.68 -4.48
C ARG A 90 -5.43 4.66 -5.21
N TYR A 91 -5.18 5.72 -5.97
CA TYR A 91 -3.92 5.84 -6.70
C TYR A 91 -3.17 7.09 -6.25
N ILE A 92 -1.86 6.95 -6.05
CA ILE A 92 -1.04 8.07 -5.62
C ILE A 92 0.09 8.32 -6.62
N PRO A 93 -0.08 9.30 -7.52
CA PRO A 93 0.91 9.65 -8.54
C PRO A 93 2.12 10.39 -7.97
N LEU A 94 3.25 10.28 -8.65
CA LEU A 94 4.47 10.94 -8.25
C LEU A 94 4.96 11.90 -9.34
N PRO A 95 5.73 12.95 -8.98
CA PRO A 95 6.14 13.22 -7.58
C PRO A 95 4.95 13.41 -6.65
N ILE A 96 5.01 12.77 -5.49
CA ILE A 96 3.97 12.84 -4.49
C ILE A 96 3.90 14.20 -3.82
N HIS A 97 2.70 14.55 -3.41
CA HIS A 97 2.46 15.79 -2.69
C HIS A 97 2.15 15.41 -1.24
N PRO A 98 3.04 15.75 -0.30
CA PRO A 98 2.87 15.37 1.12
C PRO A 98 1.58 15.90 1.75
N GLU A 99 1.11 17.05 1.27
CA GLU A 99 -0.11 17.65 1.79
C GLU A 99 -1.34 16.79 1.51
N SER A 100 -1.41 16.25 0.30
CA SER A 100 -2.55 15.43 -0.11
C SER A 100 -2.28 13.93 0.07
N PHE A 101 -1.01 13.57 0.25
CA PHE A 101 -0.64 12.17 0.43
C PHE A 101 -1.32 11.59 1.67
N LEU A 102 -1.22 12.32 2.77
CA LEU A 102 -1.84 11.91 4.03
C LEU A 102 -3.36 11.94 3.89
N GLN A 103 -3.86 12.92 3.15
CA GLN A 103 -5.30 13.05 2.93
C GLN A 103 -5.84 11.84 2.18
N GLN A 104 -5.11 11.37 1.17
CA GLN A 104 -5.52 10.21 0.38
C GLN A 104 -5.57 8.94 1.22
N VAL A 105 -4.59 8.73 2.10
CA VAL A 105 -4.58 7.55 2.94
C VAL A 105 -5.71 7.62 3.98
N THR A 106 -6.02 8.84 4.43
CA THR A 106 -7.10 9.06 5.38
C THR A 106 -8.44 8.62 4.79
N MET A 107 -8.67 8.99 3.53
CA MET A 107 -9.91 8.62 2.84
C MET A 107 -10.01 7.09 2.75
N GLY A 108 -8.90 6.45 2.41
CA GLY A 108 -8.87 5.00 2.34
C GLY A 108 -9.09 4.37 3.69
N LEU A 109 -8.49 4.98 4.72
CA LEU A 109 -8.61 4.52 6.10
C LEU A 109 -10.06 4.58 6.58
N THR A 110 -10.75 5.68 6.28
CA THR A 110 -12.15 5.84 6.69
C THR A 110 -13.03 4.83 5.97
N SER A 111 -12.64 4.46 4.75
CA SER A 111 -13.38 3.46 3.99
C SER A 111 -13.22 2.09 4.66
N LEU A 112 -12.00 1.83 5.11
CA LEU A 112 -11.66 0.58 5.81
C LEU A 112 -12.39 0.45 7.13
N ALA A 113 -12.39 1.53 7.93
CA ALA A 113 -13.05 1.53 9.23
C ALA A 113 -13.53 2.93 9.59
N THR A 114 -14.57 2.99 10.43
CA THR A 114 -15.15 4.26 10.86
C THR A 114 -14.24 4.99 11.84
N SER A 115 -13.30 4.28 12.44
CA SER A 115 -12.36 4.88 13.39
C SER A 115 -11.35 5.79 12.69
N ALA A 116 -10.79 6.73 13.44
CA ALA A 116 -9.81 7.65 12.89
C ALA A 116 -8.86 8.15 13.97
N GLN A 117 -7.69 8.65 13.56
CA GLN A 117 -6.70 9.15 14.50
C GLN A 117 -7.16 10.45 15.13
N GLU A 1 -1.21 3.19 14.86
CA GLU A 1 -2.64 2.77 14.83
C GLU A 1 -2.82 1.55 13.91
N GLY A 2 -1.79 1.25 13.14
CA GLY A 2 -1.86 0.12 12.24
C GLY A 2 -0.53 -0.14 11.55
N ARG A 3 -0.48 -1.21 10.75
CA ARG A 3 0.72 -1.58 10.03
C ARG A 3 0.51 -1.50 8.51
N ILE A 4 1.48 -0.93 7.82
CA ILE A 4 1.42 -0.81 6.37
C ILE A 4 2.63 -1.48 5.74
N VAL A 5 2.41 -2.31 4.72
CA VAL A 5 3.52 -2.99 4.06
C VAL A 5 3.78 -2.36 2.69
N LEU A 6 5.03 -1.97 2.46
CA LEU A 6 5.41 -1.34 1.21
C LEU A 6 6.27 -2.28 0.37
N VAL A 7 5.90 -2.47 -0.89
CA VAL A 7 6.64 -3.34 -1.79
C VAL A 7 7.17 -2.54 -2.96
N SER A 8 8.50 -2.55 -3.09
CA SER A 8 9.16 -1.82 -4.16
C SER A 8 10.60 -2.27 -4.31
N GLU A 9 11.18 -1.97 -5.46
CA GLU A 9 12.57 -2.31 -5.73
C GLU A 9 13.51 -1.11 -5.51
N ASP A 10 12.92 0.08 -5.38
CA ASP A 10 13.71 1.29 -5.20
C ASP A 10 13.75 1.71 -3.73
N GLU A 11 14.92 1.53 -3.11
CA GLU A 11 15.13 1.89 -1.70
C GLU A 11 15.03 3.40 -1.46
N ALA A 12 15.40 4.20 -2.46
CA ALA A 12 15.37 5.66 -2.35
C ALA A 12 13.96 6.18 -2.13
N THR A 13 13.01 5.63 -2.88
CA THR A 13 11.61 6.04 -2.77
C THR A 13 11.06 5.59 -1.42
N SER A 14 11.44 4.38 -1.02
CA SER A 14 10.98 3.79 0.23
C SER A 14 11.38 4.62 1.44
N THR A 15 12.61 5.14 1.45
CA THR A 15 13.09 5.95 2.58
C THR A 15 12.31 7.25 2.75
N LEU A 16 11.91 7.85 1.63
CA LEU A 16 11.15 9.11 1.67
C LEU A 16 9.71 8.90 2.13
N ILE A 17 9.04 7.92 1.52
CA ILE A 17 7.64 7.63 1.84
C ILE A 17 7.47 7.03 3.24
N CYS A 18 8.43 6.19 3.66
CA CYS A 18 8.38 5.56 4.98
C CYS A 18 8.40 6.60 6.09
N SER A 19 9.26 7.61 5.92
CA SER A 19 9.39 8.68 6.91
C SER A 19 8.07 9.43 7.07
N ILE A 20 7.40 9.70 5.96
CA ILE A 20 6.13 10.41 5.96
C ILE A 20 5.05 9.61 6.72
N LEU A 21 4.94 8.33 6.38
CA LEU A 21 3.97 7.44 7.00
C LEU A 21 4.28 7.18 8.48
N THR A 22 5.56 7.01 8.79
CA THR A 22 5.98 6.74 10.18
C THR A 22 5.65 7.94 11.07
N THR A 23 5.88 9.14 10.55
CA THR A 23 5.60 10.37 11.30
C THR A 23 4.13 10.43 11.69
N ALA A 24 3.26 9.99 10.79
CA ALA A 24 1.82 9.95 11.05
C ALA A 24 1.47 9.00 12.19
N GLY A 25 2.41 8.10 12.51
CA GLY A 25 2.20 7.14 13.59
C GLY A 25 1.99 5.73 13.09
N TYR A 26 2.13 5.52 11.79
CA TYR A 26 1.95 4.19 11.21
C TYR A 26 3.28 3.51 10.94
N GLN A 27 3.33 2.20 11.18
CA GLN A 27 4.55 1.43 10.95
C GLN A 27 4.60 0.93 9.52
N VAL A 28 5.76 1.04 8.90
CA VAL A 28 5.91 0.59 7.52
C VAL A 28 6.93 -0.53 7.39
N ILE A 29 6.53 -1.60 6.71
CA ILE A 29 7.41 -2.75 6.47
C ILE A 29 7.75 -2.80 4.98
N TRP A 30 9.03 -2.70 4.65
CA TRP A 30 9.46 -2.70 3.26
C TRP A 30 9.82 -4.10 2.76
N LEU A 31 9.21 -4.48 1.64
CA LEU A 31 9.44 -5.78 1.02
C LEU A 31 10.00 -5.59 -0.39
N VAL A 32 11.09 -6.28 -0.70
CA VAL A 32 11.72 -6.16 -2.02
C VAL A 32 11.48 -7.43 -2.85
N ASP A 33 10.30 -8.02 -2.74
CA ASP A 33 10.01 -9.25 -3.48
C ASP A 33 8.52 -9.39 -3.83
N GLY A 34 7.65 -8.96 -2.91
CA GLY A 34 6.21 -9.06 -3.15
C GLY A 34 5.67 -10.46 -3.03
N GLU A 35 6.30 -11.30 -2.20
CA GLU A 35 5.85 -12.67 -2.02
C GLU A 35 4.54 -12.70 -1.23
N VAL A 36 3.56 -13.40 -1.78
CA VAL A 36 2.24 -13.53 -1.18
C VAL A 36 2.32 -14.20 0.18
N GLU A 37 3.17 -15.22 0.31
CA GLU A 37 3.31 -15.92 1.58
C GLU A 37 3.80 -14.97 2.67
N ARG A 38 4.77 -14.14 2.33
CA ARG A 38 5.31 -13.16 3.27
C ARG A 38 4.28 -12.07 3.55
N LEU A 39 3.59 -11.62 2.49
CA LEU A 39 2.58 -10.58 2.62
C LEU A 39 1.40 -11.09 3.46
N LEU A 40 1.01 -12.34 3.22
CA LEU A 40 -0.08 -12.96 3.97
C LEU A 40 0.28 -13.13 5.45
N ALA A 41 1.51 -13.59 5.70
CA ALA A 41 1.99 -13.80 7.07
C ALA A 41 2.03 -12.50 7.87
N LEU A 42 2.45 -11.43 7.21
CA LEU A 42 2.54 -10.12 7.84
C LEU A 42 1.36 -9.26 7.42
N THR A 43 0.24 -9.93 7.14
CA THR A 43 -0.99 -9.27 6.68
C THR A 43 -1.32 -7.99 7.44
N PRO A 44 -1.18 -6.84 6.75
CA PRO A 44 -1.46 -5.52 7.29
C PRO A 44 -2.89 -5.07 6.98
N ILE A 45 -3.21 -3.83 7.32
CA ILE A 45 -4.53 -3.30 7.03
C ILE A 45 -4.59 -2.83 5.59
N ALA A 46 -3.41 -2.51 5.05
CA ALA A 46 -3.30 -2.06 3.67
C ALA A 46 -1.88 -2.26 3.15
N VAL A 47 -1.76 -2.45 1.84
CA VAL A 47 -0.46 -2.63 1.21
C VAL A 47 -0.22 -1.57 0.16
N LEU A 48 1.03 -1.15 0.04
CA LEU A 48 1.40 -0.14 -0.92
C LEU A 48 2.41 -0.72 -1.91
N LEU A 49 2.03 -0.78 -3.18
CA LEU A 49 2.91 -1.33 -4.19
C LEU A 49 3.49 -0.19 -5.01
N ALA A 50 4.79 0.04 -4.87
CA ALA A 50 5.45 1.12 -5.59
C ALA A 50 6.28 0.63 -6.77
N GLU A 51 6.08 1.24 -7.92
CA GLU A 51 6.83 0.89 -9.12
C GLU A 51 8.25 1.46 -9.03
N PRO A 52 9.26 0.74 -9.57
CA PRO A 52 9.06 -0.57 -10.22
C PRO A 52 8.75 -1.68 -9.21
N PHE A 53 7.82 -2.54 -9.59
CA PHE A 53 7.40 -3.66 -8.75
C PHE A 53 8.31 -4.89 -8.95
N SER A 54 8.41 -5.72 -7.91
CA SER A 54 9.23 -6.92 -7.97
C SER A 54 8.39 -8.19 -8.11
N TYR A 55 7.13 -8.12 -7.67
CA TYR A 55 6.21 -9.26 -7.77
C TYR A 55 5.83 -9.58 -9.21
N GLY A 56 5.99 -8.60 -10.10
CA GLY A 56 5.66 -8.81 -11.50
C GLY A 56 4.30 -8.25 -11.89
N ASP A 57 3.32 -9.12 -12.09
CA ASP A 57 1.99 -8.69 -12.49
C ASP A 57 1.15 -8.29 -11.27
N VAL A 58 0.84 -7.00 -11.17
CA VAL A 58 0.06 -6.46 -10.04
C VAL A 58 -1.36 -7.00 -9.98
N GLN A 59 -1.97 -7.25 -11.14
CA GLN A 59 -3.35 -7.74 -11.20
C GLN A 59 -3.46 -9.12 -10.52
N GLU A 60 -2.48 -9.98 -10.80
CA GLU A 60 -2.45 -11.32 -10.22
C GLU A 60 -2.23 -11.26 -8.72
N LEU A 61 -1.37 -10.34 -8.28
CA LEU A 61 -1.10 -10.15 -6.85
C LEU A 61 -2.37 -9.72 -6.14
N VAL A 62 -3.10 -8.81 -6.77
CA VAL A 62 -4.35 -8.30 -6.24
C VAL A 62 -5.35 -9.44 -6.12
N ASP A 63 -5.43 -10.25 -7.17
CA ASP A 63 -6.33 -11.39 -7.19
C ASP A 63 -6.00 -12.37 -6.06
N GLN A 64 -4.70 -12.56 -5.82
CA GLN A 64 -4.26 -13.47 -4.77
C GLN A 64 -4.56 -12.89 -3.39
N LEU A 65 -4.33 -11.59 -3.24
CA LEU A 65 -4.58 -10.90 -1.97
C LEU A 65 -6.07 -10.86 -1.65
N ARG A 66 -6.88 -10.58 -2.67
CA ARG A 66 -8.35 -10.51 -2.48
C ARG A 66 -8.95 -11.89 -2.28
N GLN A 67 -8.26 -12.89 -2.81
CA GLN A 67 -8.69 -14.27 -2.70
C GLN A 67 -8.70 -14.71 -1.24
N ARG A 68 -7.71 -14.27 -0.48
CA ARG A 68 -7.60 -14.61 0.93
C ARG A 68 -8.21 -13.54 1.83
N CYS A 69 -7.95 -12.28 1.51
CA CYS A 69 -8.49 -11.18 2.29
C CYS A 69 -9.34 -10.27 1.43
N THR A 70 -10.53 -9.94 1.90
CA THR A 70 -11.43 -9.08 1.16
C THR A 70 -10.93 -7.63 1.16
N PRO A 71 -11.39 -6.81 0.20
CA PRO A 71 -10.97 -5.39 0.10
C PRO A 71 -11.22 -4.62 1.40
N GLU A 72 -12.25 -5.00 2.13
CA GLU A 72 -12.57 -4.34 3.39
C GLU A 72 -11.52 -4.67 4.46
N GLN A 73 -11.06 -5.93 4.44
CA GLN A 73 -10.06 -6.41 5.38
C GLN A 73 -8.66 -5.87 5.05
N LEU A 74 -8.34 -5.82 3.76
CA LEU A 74 -7.03 -5.36 3.32
C LEU A 74 -7.13 -4.40 2.13
N LYS A 75 -6.63 -3.18 2.31
CA LYS A 75 -6.65 -2.19 1.24
C LYS A 75 -5.39 -2.30 0.40
N ILE A 76 -5.53 -2.03 -0.88
CA ILE A 76 -4.40 -2.10 -1.81
C ILE A 76 -4.22 -0.78 -2.53
N PHE A 77 -3.03 -0.21 -2.37
CA PHE A 77 -2.69 1.05 -3.02
C PHE A 77 -1.48 0.87 -3.95
N ILE A 78 -1.47 1.57 -5.07
CA ILE A 78 -0.35 1.47 -6.01
C ILE A 78 0.28 2.83 -6.29
N LEU A 79 1.62 2.85 -6.33
CA LEU A 79 2.38 4.05 -6.58
C LEU A 79 3.06 4.01 -7.94
N GLY A 80 2.87 5.06 -8.71
CA GLY A 80 3.47 5.14 -10.03
C GLY A 80 3.07 6.40 -10.76
N SER A 81 3.55 6.55 -11.99
CA SER A 81 3.22 7.73 -12.79
C SER A 81 1.74 7.75 -13.15
N LYS A 82 1.19 6.57 -13.41
CA LYS A 82 -0.22 6.44 -13.74
C LYS A 82 -0.80 5.22 -13.05
N GLY A 83 -1.90 5.43 -12.34
CA GLY A 83 -2.55 4.33 -11.64
C GLY A 83 -3.44 3.51 -12.56
N ASN A 84 -3.16 2.21 -12.65
CA ASN A 84 -3.95 1.30 -13.49
C ASN A 84 -5.40 1.21 -13.00
N TYR A 85 -5.55 1.22 -11.68
CA TYR A 85 -6.86 1.15 -11.03
C TYR A 85 -7.57 -0.18 -11.30
N GLN A 86 -6.81 -1.27 -11.31
CA GLN A 86 -7.39 -2.58 -11.54
C GLN A 86 -7.22 -3.44 -10.29
N GLY A 87 -8.24 -3.45 -9.45
CA GLY A 87 -8.19 -4.22 -8.23
C GLY A 87 -7.64 -3.45 -7.04
N VAL A 88 -7.43 -2.15 -7.22
CA VAL A 88 -6.92 -1.32 -6.13
C VAL A 88 -7.94 -0.25 -5.76
N ASP A 89 -7.93 0.12 -4.49
CA ASP A 89 -8.86 1.13 -3.98
C ASP A 89 -8.53 2.53 -4.47
N ARG A 90 -7.25 2.89 -4.43
CA ARG A 90 -6.81 4.22 -4.85
C ARG A 90 -5.44 4.15 -5.54
N TYR A 91 -5.09 5.20 -6.27
CA TYR A 91 -3.81 5.26 -6.96
C TYR A 91 -3.06 6.50 -6.53
N ILE A 92 -1.73 6.40 -6.48
CA ILE A 92 -0.91 7.52 -6.07
C ILE A 92 0.09 7.90 -7.17
N PRO A 93 -0.23 8.93 -7.96
CA PRO A 93 0.64 9.39 -9.06
C PRO A 93 1.79 10.27 -8.58
N LEU A 94 2.95 10.08 -9.21
CA LEU A 94 4.14 10.87 -8.91
C LEU A 94 4.10 12.21 -9.63
N PRO A 95 4.73 13.25 -9.07
CA PRO A 95 5.44 13.17 -7.79
C PRO A 95 4.49 13.12 -6.59
N ILE A 96 4.87 12.33 -5.59
CA ILE A 96 4.07 12.22 -4.37
C ILE A 96 4.12 13.50 -3.54
N HIS A 97 3.02 14.25 -3.53
CA HIS A 97 2.96 15.47 -2.74
C HIS A 97 2.59 15.10 -1.30
N PRO A 98 3.44 15.46 -0.32
CA PRO A 98 3.22 15.11 1.09
C PRO A 98 1.92 15.67 1.67
N GLU A 99 1.49 16.82 1.17
CA GLU A 99 0.27 17.46 1.66
C GLU A 99 -0.98 16.65 1.34
N SER A 100 -1.03 16.07 0.15
CA SER A 100 -2.19 15.29 -0.28
C SER A 100 -1.96 13.80 -0.11
N PHE A 101 -0.70 13.38 0.03
CA PHE A 101 -0.37 11.97 0.19
C PHE A 101 -1.03 11.41 1.45
N LEU A 102 -0.88 12.13 2.56
CA LEU A 102 -1.47 11.71 3.82
C LEU A 102 -2.99 11.68 3.71
N GLN A 103 -3.55 12.67 3.01
CA GLN A 103 -5.00 12.75 2.82
C GLN A 103 -5.49 11.55 2.02
N GLN A 104 -4.73 11.14 1.00
CA GLN A 104 -5.11 10.01 0.16
C GLN A 104 -5.12 8.72 0.98
N VAL A 105 -4.14 8.54 1.87
CA VAL A 105 -4.10 7.33 2.69
C VAL A 105 -5.17 7.39 3.79
N THR A 106 -5.43 8.59 4.33
CA THR A 106 -6.45 8.74 5.37
C THR A 106 -7.84 8.42 4.85
N MET A 107 -8.11 8.79 3.60
CA MET A 107 -9.41 8.50 2.99
C MET A 107 -9.61 6.98 2.89
N GLY A 108 -8.54 6.29 2.49
CA GLY A 108 -8.58 4.84 2.38
C GLY A 108 -8.73 4.17 3.73
N LEU A 109 -8.03 4.71 4.73
CA LEU A 109 -8.07 4.18 6.09
C LEU A 109 -9.45 4.27 6.70
N THR A 110 -10.15 5.37 6.44
CA THR A 110 -11.50 5.57 6.95
C THR A 110 -12.50 4.66 6.25
N SER A 111 -12.06 4.03 5.17
CA SER A 111 -12.92 3.12 4.41
C SER A 111 -12.77 1.69 4.92
N LEU A 112 -11.90 1.48 5.90
CA LEU A 112 -11.67 0.16 6.47
C LEU A 112 -12.85 -0.27 7.35
N ALA A 113 -13.20 -1.56 7.28
CA ALA A 113 -14.30 -2.11 8.07
C ALA A 113 -14.00 -2.00 9.56
N THR A 114 -12.74 -2.25 9.92
CA THR A 114 -12.32 -2.17 11.31
C THR A 114 -11.19 -1.16 11.46
N SER A 115 -11.34 -0.24 12.41
CA SER A 115 -10.32 0.78 12.64
C SER A 115 -9.84 0.75 14.09
N ALA A 116 -8.58 1.12 14.29
CA ALA A 116 -8.00 1.13 15.63
C ALA A 116 -7.31 2.46 15.91
N GLN A 117 -7.36 2.89 17.16
CA GLN A 117 -6.74 4.16 17.55
C GLN A 117 -5.68 3.91 18.63
N GLU A 1 -3.18 2.34 16.36
CA GLU A 1 -3.36 2.62 14.91
C GLU A 1 -3.32 1.32 14.10
N GLY A 2 -2.21 1.09 13.39
CA GLY A 2 -2.08 -0.11 12.59
C GLY A 2 -0.76 -0.15 11.86
N ARG A 3 -0.52 -1.23 11.12
CA ARG A 3 0.72 -1.38 10.36
C ARG A 3 0.45 -1.45 8.87
N ILE A 4 1.41 -0.95 8.09
CA ILE A 4 1.33 -0.91 6.64
C ILE A 4 2.53 -1.61 6.02
N VAL A 5 2.29 -2.43 5.00
CA VAL A 5 3.38 -3.13 4.34
C VAL A 5 3.66 -2.49 2.98
N LEU A 6 4.91 -2.14 2.75
CA LEU A 6 5.31 -1.49 1.52
C LEU A 6 6.17 -2.40 0.67
N VAL A 7 5.77 -2.61 -0.58
CA VAL A 7 6.52 -3.46 -1.49
C VAL A 7 6.98 -2.63 -2.67
N SER A 8 8.30 -2.53 -2.82
CA SER A 8 8.86 -1.74 -3.91
C SER A 8 10.33 -2.07 -4.15
N GLU A 9 10.69 -2.10 -5.42
CA GLU A 9 12.07 -2.38 -5.83
C GLU A 9 12.96 -1.14 -5.65
N ASP A 10 12.36 0.05 -5.73
CA ASP A 10 13.11 1.29 -5.62
C ASP A 10 13.27 1.70 -4.15
N GLU A 11 14.50 1.58 -3.65
CA GLU A 11 14.84 1.93 -2.28
C GLU A 11 14.67 3.43 -2.01
N ALA A 12 15.02 4.25 -3.00
CA ALA A 12 14.95 5.71 -2.86
C ALA A 12 13.54 6.20 -2.59
N THR A 13 12.55 5.70 -3.33
CA THR A 13 11.17 6.12 -3.13
C THR A 13 10.61 5.52 -1.84
N SER A 14 11.02 4.30 -1.55
CA SER A 14 10.56 3.61 -0.36
C SER A 14 11.01 4.33 0.90
N THR A 15 12.27 4.79 0.92
CA THR A 15 12.82 5.50 2.07
C THR A 15 12.07 6.80 2.34
N LEU A 16 11.85 7.59 1.28
CA LEU A 16 11.14 8.86 1.39
C LEU A 16 9.69 8.69 1.82
N ILE A 17 9.01 7.73 1.21
CA ILE A 17 7.60 7.48 1.50
C ILE A 17 7.37 6.95 2.94
N CYS A 18 8.34 6.19 3.45
CA CYS A 18 8.23 5.60 4.79
C CYS A 18 8.19 6.67 5.89
N SER A 19 8.98 7.74 5.72
CA SER A 19 9.03 8.79 6.73
C SER A 19 7.68 9.48 6.90
N ILE A 20 6.96 9.68 5.79
CA ILE A 20 5.65 10.32 5.82
C ILE A 20 4.64 9.45 6.57
N LEU A 21 4.61 8.16 6.23
CA LEU A 21 3.69 7.22 6.86
C LEU A 21 4.03 6.98 8.32
N THR A 22 5.32 6.87 8.63
CA THR A 22 5.76 6.62 10.00
C THR A 22 5.46 7.81 10.92
N THR A 23 5.69 9.03 10.41
CA THR A 23 5.43 10.24 11.19
C THR A 23 3.94 10.36 11.57
N ALA A 24 3.09 9.62 10.84
CA ALA A 24 1.66 9.62 11.12
C ALA A 24 1.32 8.65 12.25
N GLY A 25 2.34 7.94 12.74
CA GLY A 25 2.14 6.99 13.82
C GLY A 25 1.94 5.57 13.34
N TYR A 26 2.06 5.36 12.03
CA TYR A 26 1.88 4.04 11.45
C TYR A 26 3.23 3.37 11.16
N GLN A 27 3.32 2.08 11.44
CA GLN A 27 4.55 1.33 11.19
C GLN A 27 4.57 0.83 9.76
N VAL A 28 5.73 0.93 9.12
CA VAL A 28 5.86 0.49 7.75
C VAL A 28 6.85 -0.65 7.60
N ILE A 29 6.41 -1.71 6.91
CA ILE A 29 7.27 -2.87 6.67
C ILE A 29 7.67 -2.87 5.20
N TRP A 30 8.96 -2.71 4.91
CA TRP A 30 9.42 -2.67 3.53
C TRP A 30 9.87 -4.04 3.01
N LEU A 31 9.26 -4.45 1.91
CA LEU A 31 9.58 -5.73 1.27
C LEU A 31 9.89 -5.54 -0.20
N VAL A 32 10.81 -6.33 -0.74
CA VAL A 32 11.14 -6.24 -2.15
C VAL A 32 11.12 -7.63 -2.80
N ASP A 33 9.91 -8.09 -3.15
CA ASP A 33 9.73 -9.41 -3.76
C ASP A 33 8.26 -9.69 -4.08
N GLY A 34 7.37 -9.15 -3.25
CA GLY A 34 5.94 -9.36 -3.46
C GLY A 34 5.48 -10.77 -3.09
N GLU A 35 6.18 -11.41 -2.15
CA GLU A 35 5.83 -12.75 -1.72
C GLU A 35 4.51 -12.76 -0.96
N VAL A 36 3.53 -13.44 -1.53
CA VAL A 36 2.20 -13.55 -0.96
C VAL A 36 2.24 -14.26 0.40
N GLU A 37 3.06 -15.30 0.52
CA GLU A 37 3.17 -16.03 1.77
C GLU A 37 3.65 -15.10 2.88
N ARG A 38 4.64 -14.26 2.57
CA ARG A 38 5.16 -13.30 3.53
C ARG A 38 4.14 -12.20 3.80
N LEU A 39 3.48 -11.73 2.73
CA LEU A 39 2.47 -10.69 2.85
C LEU A 39 1.28 -11.17 3.67
N LEU A 40 0.87 -12.41 3.42
CA LEU A 40 -0.25 -13.01 4.15
C LEU A 40 0.09 -13.18 5.63
N ALA A 41 1.30 -13.66 5.92
CA ALA A 41 1.75 -13.88 7.29
C ALA A 41 1.81 -12.57 8.07
N LEU A 42 2.28 -11.52 7.40
CA LEU A 42 2.41 -10.20 8.00
C LEU A 42 1.25 -9.32 7.57
N THR A 43 0.10 -9.97 7.33
CA THR A 43 -1.12 -9.28 6.87
C THR A 43 -1.42 -7.98 7.63
N PRO A 44 -1.25 -6.84 6.93
CA PRO A 44 -1.51 -5.49 7.46
C PRO A 44 -2.92 -5.03 7.18
N ILE A 45 -3.23 -3.78 7.52
CA ILE A 45 -4.54 -3.23 7.23
C ILE A 45 -4.61 -2.77 5.78
N ALA A 46 -3.44 -2.46 5.24
CA ALA A 46 -3.33 -2.00 3.87
C ALA A 46 -1.93 -2.23 3.33
N VAL A 47 -1.82 -2.39 2.01
CA VAL A 47 -0.54 -2.60 1.37
C VAL A 47 -0.25 -1.52 0.35
N LEU A 48 1.02 -1.15 0.23
CA LEU A 48 1.44 -0.14 -0.72
C LEU A 48 2.36 -0.75 -1.77
N LEU A 49 1.94 -0.69 -3.03
CA LEU A 49 2.74 -1.26 -4.12
C LEU A 49 3.32 -0.12 -4.95
N ALA A 50 4.64 0.04 -4.92
CA ALA A 50 5.27 1.12 -5.66
C ALA A 50 6.10 0.64 -6.84
N GLU A 51 5.89 1.27 -7.99
CA GLU A 51 6.63 0.96 -9.20
C GLU A 51 8.07 1.48 -9.10
N PRO A 52 9.05 0.78 -9.71
CA PRO A 52 8.80 -0.46 -10.45
C PRO A 52 8.52 -1.65 -9.52
N PHE A 53 7.61 -2.52 -9.96
CA PHE A 53 7.25 -3.70 -9.19
C PHE A 53 8.31 -4.79 -9.33
N SER A 54 8.65 -5.44 -8.22
CA SER A 54 9.64 -6.50 -8.23
C SER A 54 9.00 -7.87 -8.44
N TYR A 55 7.71 -7.98 -8.11
CA TYR A 55 6.98 -9.23 -8.27
C TYR A 55 6.52 -9.44 -9.72
N GLY A 56 6.53 -8.37 -10.51
CA GLY A 56 6.12 -8.48 -11.90
C GLY A 56 4.70 -8.00 -12.16
N ASP A 57 3.78 -8.94 -12.40
CA ASP A 57 2.39 -8.61 -12.71
C ASP A 57 1.57 -8.36 -11.44
N VAL A 58 1.17 -7.11 -11.25
CA VAL A 58 0.38 -6.69 -10.09
C VAL A 58 -1.02 -7.30 -10.06
N GLN A 59 -1.61 -7.58 -11.23
CA GLN A 59 -2.95 -8.15 -11.28
C GLN A 59 -3.01 -9.52 -10.60
N GLU A 60 -1.98 -10.33 -10.83
CA GLU A 60 -1.89 -11.65 -10.22
C GLU A 60 -1.75 -11.55 -8.71
N LEU A 61 -0.95 -10.59 -8.27
CA LEU A 61 -0.73 -10.35 -6.85
C LEU A 61 -2.03 -9.93 -6.17
N VAL A 62 -2.74 -9.01 -6.82
CA VAL A 62 -4.02 -8.50 -6.31
C VAL A 62 -5.03 -9.64 -6.24
N ASP A 63 -5.06 -10.46 -7.29
CA ASP A 63 -5.97 -11.60 -7.34
C ASP A 63 -5.69 -12.55 -6.20
N GLN A 64 -4.41 -12.76 -5.91
CA GLN A 64 -4.02 -13.66 -4.82
C GLN A 64 -4.34 -13.03 -3.46
N LEU A 65 -4.08 -11.74 -3.33
CA LEU A 65 -4.34 -11.03 -2.09
C LEU A 65 -5.83 -10.93 -1.79
N ARG A 66 -6.64 -10.64 -2.82
CA ARG A 66 -8.09 -10.51 -2.62
C ARG A 66 -8.73 -11.88 -2.42
N GLN A 67 -8.06 -12.91 -2.94
CA GLN A 67 -8.54 -14.27 -2.80
C GLN A 67 -8.50 -14.70 -1.34
N ARG A 68 -7.44 -14.27 -0.64
CA ARG A 68 -7.28 -14.62 0.77
C ARG A 68 -7.95 -13.60 1.68
N CYS A 69 -7.76 -12.33 1.37
CA CYS A 69 -8.34 -11.26 2.16
C CYS A 69 -9.21 -10.36 1.29
N THR A 70 -10.42 -10.09 1.76
CA THR A 70 -11.36 -9.25 1.01
C THR A 70 -10.89 -7.79 1.03
N PRO A 71 -11.37 -6.96 0.07
CA PRO A 71 -11.00 -5.55 -0.01
C PRO A 71 -11.37 -4.77 1.26
N GLU A 72 -12.35 -5.26 2.01
CA GLU A 72 -12.76 -4.60 3.24
C GLU A 72 -11.79 -4.95 4.38
N GLN A 73 -10.98 -5.98 4.16
CA GLN A 73 -10.01 -6.43 5.15
C GLN A 73 -8.61 -5.90 4.84
N LEU A 74 -8.29 -5.83 3.55
CA LEU A 74 -6.98 -5.36 3.11
C LEU A 74 -7.10 -4.25 2.06
N LYS A 75 -6.64 -3.04 2.40
CA LYS A 75 -6.68 -1.94 1.44
C LYS A 75 -5.44 -2.00 0.55
N ILE A 76 -5.62 -1.69 -0.72
CA ILE A 76 -4.52 -1.73 -1.66
C ILE A 76 -4.30 -0.37 -2.32
N PHE A 77 -3.10 0.17 -2.11
CA PHE A 77 -2.72 1.45 -2.68
C PHE A 77 -1.54 1.23 -3.64
N ILE A 78 -1.53 1.97 -4.75
CA ILE A 78 -0.44 1.83 -5.72
C ILE A 78 0.25 3.17 -5.99
N LEU A 79 1.58 3.14 -6.03
CA LEU A 79 2.37 4.33 -6.27
C LEU A 79 3.01 4.26 -7.65
N GLY A 80 2.78 5.29 -8.44
CA GLY A 80 3.33 5.33 -9.79
C GLY A 80 2.86 6.52 -10.57
N SER A 81 3.31 6.62 -11.81
CA SER A 81 2.93 7.74 -12.67
C SER A 81 1.44 7.69 -13.03
N LYS A 82 0.92 6.49 -13.22
CA LYS A 82 -0.48 6.32 -13.55
C LYS A 82 -1.18 5.42 -12.55
N GLY A 83 -2.38 5.82 -12.18
CA GLY A 83 -3.17 5.06 -11.23
C GLY A 83 -4.27 4.26 -11.90
N ASN A 84 -4.20 4.11 -13.22
CA ASN A 84 -5.22 3.37 -13.96
C ASN A 84 -4.97 1.86 -13.88
N TYR A 85 -5.18 1.30 -12.71
CA TYR A 85 -5.02 -0.12 -12.47
C TYR A 85 -6.22 -0.68 -11.73
N GLN A 86 -6.57 -1.91 -12.04
CA GLN A 86 -7.70 -2.56 -11.41
C GLN A 86 -7.25 -3.37 -10.20
N GLY A 87 -8.12 -3.44 -9.20
CA GLY A 87 -7.80 -4.18 -7.99
C GLY A 87 -7.23 -3.32 -6.89
N VAL A 88 -7.18 -2.01 -7.09
CA VAL A 88 -6.67 -1.11 -6.08
C VAL A 88 -7.76 -0.11 -5.66
N ASP A 89 -7.70 0.30 -4.41
CA ASP A 89 -8.68 1.23 -3.86
C ASP A 89 -8.36 2.68 -4.24
N ARG A 90 -7.08 3.05 -4.16
CA ARG A 90 -6.66 4.41 -4.46
C ARG A 90 -5.33 4.41 -5.22
N TYR A 91 -5.00 5.54 -5.83
CA TYR A 91 -3.75 5.67 -6.56
C TYR A 91 -3.02 6.94 -6.16
N ILE A 92 -1.69 6.87 -6.13
CA ILE A 92 -0.88 8.02 -5.77
C ILE A 92 0.11 8.32 -6.91
N PRO A 93 -0.19 9.35 -7.73
CA PRO A 93 0.67 9.71 -8.86
C PRO A 93 1.97 10.40 -8.44
N LEU A 94 3.02 10.13 -9.21
CA LEU A 94 4.33 10.72 -8.98
C LEU A 94 4.53 11.93 -9.92
N PRO A 95 5.27 12.95 -9.47
CA PRO A 95 5.90 13.01 -8.15
C PRO A 95 4.87 13.05 -7.01
N ILE A 96 5.14 12.30 -5.95
CA ILE A 96 4.26 12.26 -4.80
C ILE A 96 4.25 13.58 -4.04
N HIS A 97 3.07 13.99 -3.64
CA HIS A 97 2.91 15.21 -2.86
C HIS A 97 2.57 14.82 -1.42
N PRO A 98 3.51 15.06 -0.48
CA PRO A 98 3.34 14.69 0.94
C PRO A 98 2.05 15.21 1.58
N GLU A 99 1.65 16.43 1.21
CA GLU A 99 0.45 17.05 1.76
C GLU A 99 -0.83 16.28 1.40
N SER A 100 -0.92 15.84 0.15
CA SER A 100 -2.10 15.12 -0.31
C SER A 100 -1.97 13.61 -0.12
N PHE A 101 -0.74 13.11 -0.09
CA PHE A 101 -0.50 11.67 0.07
C PHE A 101 -1.10 11.16 1.38
N LEU A 102 -0.79 11.84 2.47
CA LEU A 102 -1.32 11.46 3.78
C LEU A 102 -2.84 11.59 3.81
N GLN A 103 -3.35 12.67 3.21
CA GLN A 103 -4.78 12.92 3.16
C GLN A 103 -5.51 11.83 2.36
N GLN A 104 -4.94 11.42 1.23
CA GLN A 104 -5.55 10.39 0.38
C GLN A 104 -5.62 9.04 1.12
N VAL A 105 -4.54 8.70 1.83
CA VAL A 105 -4.51 7.46 2.60
C VAL A 105 -5.56 7.49 3.71
N THR A 106 -5.64 8.64 4.39
CA THR A 106 -6.59 8.82 5.48
C THR A 106 -8.04 8.71 4.96
N MET A 107 -8.32 9.35 3.82
CA MET A 107 -9.66 9.30 3.25
C MET A 107 -10.05 7.87 2.90
N GLY A 108 -9.11 7.12 2.31
CA GLY A 108 -9.37 5.73 1.97
C GLY A 108 -9.61 4.90 3.21
N LEU A 109 -8.81 5.16 4.24
CA LEU A 109 -8.91 4.46 5.52
C LEU A 109 -10.25 4.74 6.21
N THR A 110 -10.66 6.00 6.21
CA THR A 110 -11.92 6.40 6.84
C THR A 110 -13.14 5.90 6.06
N SER A 111 -12.94 5.56 4.80
CA SER A 111 -14.01 5.05 3.96
C SER A 111 -14.53 3.72 4.49
N LEU A 112 -13.61 2.88 4.97
CA LEU A 112 -13.96 1.57 5.52
C LEU A 112 -14.82 1.72 6.78
N ALA A 113 -14.38 2.61 7.68
CA ALA A 113 -15.10 2.85 8.93
C ALA A 113 -14.79 4.25 9.45
N THR A 114 -15.78 4.87 10.10
CA THR A 114 -15.61 6.21 10.65
C THR A 114 -16.51 6.40 11.87
N SER A 115 -16.08 7.27 12.78
CA SER A 115 -16.84 7.55 13.99
C SER A 115 -17.86 8.66 13.78
N ALA A 116 -17.75 9.36 12.64
CA ALA A 116 -18.65 10.44 12.30
C ALA A 116 -18.84 10.56 10.79
N GLN A 117 -20.00 11.03 10.37
CA GLN A 117 -20.29 11.18 8.95
C GLN A 117 -20.89 12.55 8.67
N GLU A 1 -0.47 0.50 16.42
CA GLU A 1 -0.59 1.87 15.85
C GLU A 1 -0.88 1.81 14.35
N GLY A 2 -1.03 0.59 13.84
CA GLY A 2 -1.30 0.40 12.43
C GLY A 2 -0.12 -0.17 11.68
N ARG A 3 -0.35 -1.21 10.88
CA ARG A 3 0.71 -1.85 10.12
C ARG A 3 0.47 -1.73 8.62
N ILE A 4 1.47 -1.18 7.92
CA ILE A 4 1.40 -1.02 6.47
C ILE A 4 2.63 -1.66 5.82
N VAL A 5 2.42 -2.44 4.76
CA VAL A 5 3.54 -3.09 4.08
C VAL A 5 3.82 -2.40 2.75
N LEU A 6 5.08 -2.03 2.54
CA LEU A 6 5.50 -1.35 1.33
C LEU A 6 6.35 -2.26 0.47
N VAL A 7 5.98 -2.41 -0.79
CA VAL A 7 6.71 -3.26 -1.72
C VAL A 7 7.27 -2.43 -2.86
N SER A 8 8.59 -2.43 -2.99
CA SER A 8 9.26 -1.67 -4.03
C SER A 8 10.75 -2.01 -4.09
N GLU A 9 11.26 -2.16 -5.30
CA GLU A 9 12.68 -2.46 -5.50
C GLU A 9 13.54 -1.20 -5.45
N ASP A 10 12.91 -0.03 -5.50
CA ASP A 10 13.64 1.23 -5.48
C ASP A 10 13.80 1.74 -4.05
N GLU A 11 15.03 1.69 -3.54
CA GLU A 11 15.35 2.11 -2.18
C GLU A 11 15.07 3.59 -1.94
N ALA A 12 15.39 4.43 -2.92
CA ALA A 12 15.22 5.89 -2.78
C ALA A 12 13.76 6.28 -2.56
N THR A 13 12.85 5.70 -3.33
CA THR A 13 11.43 6.02 -3.19
C THR A 13 10.88 5.41 -1.90
N SER A 14 11.30 4.19 -1.60
CA SER A 14 10.84 3.47 -0.43
C SER A 14 11.22 4.18 0.88
N THR A 15 12.45 4.68 0.96
CA THR A 15 12.92 5.36 2.17
C THR A 15 12.19 6.68 2.41
N LEU A 16 11.94 7.43 1.34
CA LEU A 16 11.26 8.71 1.44
C LEU A 16 9.81 8.57 1.94
N ILE A 17 9.07 7.63 1.35
CA ILE A 17 7.68 7.41 1.71
C ILE A 17 7.52 6.76 3.09
N CYS A 18 8.43 5.85 3.44
CA CYS A 18 8.36 5.15 4.74
C CYS A 18 8.51 6.14 5.89
N SER A 19 9.40 7.11 5.73
CA SER A 19 9.63 8.12 6.75
C SER A 19 8.36 8.93 7.01
N ILE A 20 7.66 9.28 5.93
CA ILE A 20 6.42 10.05 6.04
C ILE A 20 5.35 9.26 6.81
N LEU A 21 5.19 7.99 6.44
CA LEU A 21 4.20 7.12 7.08
C LEU A 21 4.55 6.83 8.54
N THR A 22 5.84 6.61 8.82
CA THR A 22 6.27 6.31 10.18
C THR A 22 6.05 7.53 11.10
N THR A 23 6.34 8.72 10.56
CA THR A 23 6.16 9.97 11.31
C THR A 23 4.69 10.12 11.74
N ALA A 24 3.79 9.73 10.84
CA ALA A 24 2.35 9.79 11.12
C ALA A 24 1.97 8.86 12.26
N GLY A 25 2.84 7.90 12.58
CA GLY A 25 2.58 6.96 13.65
C GLY A 25 2.29 5.56 13.17
N TYR A 26 2.44 5.32 11.87
CA TYR A 26 2.19 4.01 11.30
C TYR A 26 3.48 3.23 11.07
N GLN A 27 3.44 1.92 11.32
CA GLN A 27 4.61 1.08 11.12
C GLN A 27 4.64 0.58 9.68
N VAL A 28 5.81 0.67 9.05
CA VAL A 28 5.94 0.23 7.68
C VAL A 28 6.95 -0.89 7.51
N ILE A 29 6.55 -1.93 6.79
CA ILE A 29 7.40 -3.06 6.49
C ILE A 29 7.75 -3.02 5.01
N TRP A 30 9.03 -2.84 4.70
CA TRP A 30 9.48 -2.73 3.32
C TRP A 30 9.98 -4.06 2.75
N LEU A 31 9.40 -4.46 1.62
CA LEU A 31 9.78 -5.71 0.95
C LEU A 31 10.22 -5.41 -0.49
N VAL A 32 11.22 -6.15 -0.96
CA VAL A 32 11.74 -5.97 -2.32
C VAL A 32 11.40 -7.14 -3.24
N ASP A 33 10.34 -7.89 -2.92
CA ASP A 33 9.98 -9.06 -3.73
C ASP A 33 8.48 -9.18 -3.98
N GLY A 34 7.67 -8.80 -3.00
CA GLY A 34 6.22 -8.88 -3.15
C GLY A 34 5.67 -10.27 -2.90
N GLU A 35 6.40 -11.11 -2.16
CA GLU A 35 5.94 -12.47 -1.88
C GLU A 35 4.65 -12.46 -1.07
N VAL A 36 3.62 -13.06 -1.66
CA VAL A 36 2.30 -13.14 -1.05
C VAL A 36 2.32 -13.95 0.25
N GLU A 37 3.20 -14.94 0.34
CA GLU A 37 3.28 -15.76 1.54
C GLU A 37 3.69 -14.90 2.73
N ARG A 38 4.67 -14.03 2.52
CA ARG A 38 5.14 -13.13 3.56
C ARG A 38 4.09 -12.04 3.82
N LEU A 39 3.48 -11.55 2.74
CA LEU A 39 2.44 -10.52 2.87
C LEU A 39 1.25 -11.06 3.65
N LEU A 40 0.88 -12.31 3.34
CA LEU A 40 -0.23 -12.95 4.04
C LEU A 40 0.10 -13.15 5.53
N ALA A 41 1.32 -13.59 5.81
CA ALA A 41 1.77 -13.81 7.19
C ALA A 41 1.78 -12.51 8.00
N LEU A 42 2.21 -11.44 7.35
CA LEU A 42 2.28 -10.13 8.00
C LEU A 42 1.09 -9.26 7.62
N THR A 43 -0.04 -9.93 7.36
CA THR A 43 -1.30 -9.27 6.99
C THR A 43 -1.48 -7.88 7.60
N PRO A 44 -1.29 -6.83 6.78
CA PRO A 44 -1.44 -5.44 7.21
C PRO A 44 -2.83 -4.88 6.94
N ILE A 45 -3.04 -3.64 7.34
CA ILE A 45 -4.31 -2.97 7.10
C ILE A 45 -4.39 -2.62 5.61
N ALA A 46 -3.24 -2.21 5.08
CA ALA A 46 -3.13 -1.81 3.68
C ALA A 46 -1.73 -2.07 3.15
N VAL A 47 -1.63 -2.23 1.83
CA VAL A 47 -0.34 -2.46 1.18
C VAL A 47 -0.08 -1.38 0.12
N LEU A 48 1.19 -1.05 -0.02
CA LEU A 48 1.62 -0.05 -1.00
C LEU A 48 2.55 -0.68 -2.03
N LEU A 49 2.12 -0.70 -3.29
CA LEU A 49 2.96 -1.27 -4.34
C LEU A 49 3.54 -0.13 -5.18
N ALA A 50 4.86 0.04 -5.13
CA ALA A 50 5.48 1.11 -5.89
C ALA A 50 6.23 0.60 -7.11
N GLU A 51 5.97 1.24 -8.25
CA GLU A 51 6.62 0.88 -9.50
C GLU A 51 8.08 1.36 -9.50
N PRO A 52 9.00 0.61 -10.14
CA PRO A 52 8.68 -0.67 -10.81
C PRO A 52 8.27 -1.76 -9.82
N PHE A 53 7.23 -2.51 -10.16
CA PHE A 53 6.75 -3.59 -9.31
C PHE A 53 7.72 -4.78 -9.35
N SER A 54 8.31 -5.09 -8.19
CA SER A 54 9.27 -6.20 -8.08
C SER A 54 8.61 -7.56 -8.34
N TYR A 55 7.38 -7.72 -7.85
CA TYR A 55 6.63 -8.97 -8.03
C TYR A 55 6.31 -9.22 -9.51
N GLY A 56 6.26 -8.16 -10.30
CA GLY A 56 5.94 -8.30 -11.71
C GLY A 56 4.50 -7.97 -12.00
N ASP A 57 3.67 -8.98 -12.21
CA ASP A 57 2.26 -8.76 -12.52
C ASP A 57 1.46 -8.53 -11.23
N VAL A 58 1.11 -7.27 -10.97
CA VAL A 58 0.37 -6.89 -9.76
C VAL A 58 -1.06 -7.47 -9.73
N GLN A 59 -1.62 -7.76 -10.90
CA GLN A 59 -2.97 -8.32 -10.98
C GLN A 59 -3.04 -9.67 -10.29
N GLU A 60 -2.01 -10.47 -10.45
CA GLU A 60 -1.93 -11.78 -9.82
C GLU A 60 -1.87 -11.62 -8.29
N LEU A 61 -1.13 -10.61 -7.85
CA LEU A 61 -0.97 -10.34 -6.42
C LEU A 61 -2.27 -9.85 -5.80
N VAL A 62 -2.93 -8.90 -6.47
CA VAL A 62 -4.18 -8.37 -5.96
C VAL A 62 -5.25 -9.45 -5.95
N ASP A 63 -5.23 -10.32 -6.97
CA ASP A 63 -6.16 -11.43 -7.04
C ASP A 63 -5.95 -12.36 -5.87
N GLN A 64 -4.68 -12.60 -5.53
CA GLN A 64 -4.35 -13.47 -4.40
C GLN A 64 -4.71 -12.81 -3.08
N LEU A 65 -4.43 -11.51 -2.99
CA LEU A 65 -4.74 -10.75 -1.78
C LEU A 65 -6.24 -10.67 -1.53
N ARG A 66 -7.01 -10.48 -2.60
CA ARG A 66 -8.47 -10.38 -2.48
C ARG A 66 -9.12 -11.76 -2.42
N GLN A 67 -8.37 -12.78 -2.79
CA GLN A 67 -8.86 -14.15 -2.77
C GLN A 67 -9.16 -14.62 -1.35
N ARG A 68 -8.29 -14.24 -0.41
CA ARG A 68 -8.47 -14.63 0.99
C ARG A 68 -8.92 -13.45 1.86
N CYS A 69 -8.52 -12.24 1.49
CA CYS A 69 -8.89 -11.06 2.24
C CYS A 69 -9.72 -10.11 1.38
N THR A 70 -10.85 -9.65 1.90
CA THR A 70 -11.70 -8.74 1.17
C THR A 70 -11.06 -7.35 1.10
N PRO A 71 -11.45 -6.52 0.11
CA PRO A 71 -10.90 -5.17 -0.02
C PRO A 71 -11.16 -4.31 1.21
N GLU A 72 -12.23 -4.63 1.93
CA GLU A 72 -12.57 -3.90 3.15
C GLU A 72 -11.57 -4.24 4.26
N GLN A 73 -11.18 -5.50 4.32
CA GLN A 73 -10.21 -5.98 5.31
C GLN A 73 -8.80 -5.49 5.02
N LEU A 74 -8.43 -5.51 3.75
CA LEU A 74 -7.09 -5.09 3.34
C LEU A 74 -7.15 -4.10 2.17
N LYS A 75 -6.63 -2.89 2.39
CA LYS A 75 -6.62 -1.89 1.33
C LYS A 75 -5.36 -2.01 0.48
N ILE A 76 -5.52 -1.72 -0.80
CA ILE A 76 -4.40 -1.82 -1.73
C ILE A 76 -4.18 -0.50 -2.45
N PHE A 77 -2.99 0.04 -2.29
CA PHE A 77 -2.61 1.30 -2.91
C PHE A 77 -1.42 1.08 -3.86
N ILE A 78 -1.38 1.81 -4.97
CA ILE A 78 -0.27 1.67 -5.93
C ILE A 78 0.36 3.03 -6.23
N LEU A 79 1.69 3.02 -6.34
CA LEU A 79 2.44 4.25 -6.63
C LEU A 79 3.03 4.18 -8.03
N GLY A 80 2.86 5.25 -8.78
CA GLY A 80 3.38 5.30 -10.13
C GLY A 80 2.83 6.48 -10.89
N SER A 81 3.20 6.58 -12.17
CA SER A 81 2.73 7.67 -13.02
C SER A 81 1.24 7.55 -13.29
N LYS A 82 0.75 6.32 -13.43
CA LYS A 82 -0.66 6.09 -13.68
C LYS A 82 -1.23 5.16 -12.63
N GLY A 83 -2.41 5.49 -12.15
CA GLY A 83 -3.08 4.68 -11.16
C GLY A 83 -4.20 3.83 -11.73
N ASN A 84 -4.26 3.73 -13.05
CA ASN A 84 -5.31 2.96 -13.72
C ASN A 84 -4.99 1.47 -13.73
N TYR A 85 -5.09 0.83 -12.57
CA TYR A 85 -4.84 -0.59 -12.43
C TYR A 85 -5.98 -1.26 -11.66
N GLN A 86 -6.29 -2.47 -12.04
CA GLN A 86 -7.36 -3.23 -11.39
C GLN A 86 -6.85 -3.89 -10.11
N GLY A 87 -7.72 -4.01 -9.12
CA GLY A 87 -7.34 -4.63 -7.87
C GLY A 87 -6.88 -3.66 -6.81
N VAL A 88 -6.92 -2.36 -7.10
CA VAL A 88 -6.50 -1.37 -6.12
C VAL A 88 -7.67 -0.43 -5.80
N ASP A 89 -7.67 0.09 -4.58
CA ASP A 89 -8.73 0.99 -4.14
C ASP A 89 -8.41 2.45 -4.48
N ARG A 90 -7.15 2.83 -4.32
CA ARG A 90 -6.73 4.21 -4.57
C ARG A 90 -5.36 4.24 -5.25
N TYR A 91 -5.03 5.37 -5.88
CA TYR A 91 -3.75 5.52 -6.55
C TYR A 91 -3.07 6.82 -6.12
N ILE A 92 -1.74 6.79 -6.06
CA ILE A 92 -0.97 7.97 -5.67
C ILE A 92 0.14 8.24 -6.69
N PRO A 93 -0.12 9.16 -7.63
CA PRO A 93 0.85 9.51 -8.69
C PRO A 93 2.02 10.37 -8.19
N LEU A 94 3.14 10.28 -8.90
CA LEU A 94 4.32 11.06 -8.57
C LEU A 94 4.40 12.31 -9.43
N PRO A 95 4.97 13.41 -8.90
CA PRO A 95 5.52 13.45 -7.53
C PRO A 95 4.43 13.37 -6.47
N ILE A 96 4.69 12.60 -5.43
CA ILE A 96 3.74 12.44 -4.33
C ILE A 96 3.84 13.62 -3.37
N HIS A 97 2.75 14.35 -3.22
CA HIS A 97 2.71 15.49 -2.31
C HIS A 97 2.27 15.04 -0.92
N PRO A 98 3.11 15.31 0.11
CA PRO A 98 2.83 14.91 1.51
C PRO A 98 1.47 15.35 2.05
N GLU A 99 1.03 16.56 1.69
CA GLU A 99 -0.24 17.10 2.16
C GLU A 99 -1.42 16.26 1.66
N SER A 100 -1.39 15.93 0.38
CA SER A 100 -2.46 15.14 -0.23
C SER A 100 -2.28 13.66 0.05
N PHE A 101 -1.04 13.25 0.27
CA PHE A 101 -0.74 11.84 0.56
C PHE A 101 -1.47 11.36 1.81
N LEU A 102 -1.34 12.13 2.89
CA LEU A 102 -1.99 11.78 4.15
C LEU A 102 -3.51 11.84 4.01
N GLN A 103 -3.98 12.90 3.35
CA GLN A 103 -5.41 13.09 3.14
C GLN A 103 -6.00 11.96 2.28
N GLN A 104 -5.26 11.58 1.24
CA GLN A 104 -5.68 10.52 0.34
C GLN A 104 -5.71 9.17 1.06
N VAL A 105 -4.69 8.92 1.89
CA VAL A 105 -4.63 7.68 2.67
C VAL A 105 -5.81 7.61 3.64
N THR A 106 -6.10 8.74 4.29
CA THR A 106 -7.22 8.84 5.22
C THR A 106 -8.54 8.53 4.52
N MET A 107 -8.71 9.11 3.33
CA MET A 107 -9.93 8.88 2.54
C MET A 107 -10.07 7.39 2.20
N GLY A 108 -8.96 6.78 1.76
CA GLY A 108 -8.95 5.37 1.44
C GLY A 108 -9.18 4.50 2.67
N LEU A 109 -8.61 4.92 3.79
CA LEU A 109 -8.72 4.22 5.07
C LEU A 109 -10.16 4.09 5.56
N THR A 110 -10.94 5.17 5.45
CA THR A 110 -12.33 5.15 5.90
C THR A 110 -13.18 4.18 5.06
N SER A 111 -14.33 3.80 5.62
CA SER A 111 -15.26 2.86 4.95
C SER A 111 -14.60 1.49 4.75
N LEU A 112 -13.96 0.98 5.81
CA LEU A 112 -13.30 -0.31 5.76
C LEU A 112 -13.91 -1.25 6.79
N ALA A 113 -13.40 -2.48 6.87
CA ALA A 113 -13.92 -3.47 7.82
C ALA A 113 -13.43 -3.22 9.24
N THR A 114 -12.14 -3.49 9.48
CA THR A 114 -11.55 -3.29 10.81
C THR A 114 -10.25 -2.51 10.71
N SER A 115 -9.94 -1.75 11.75
CA SER A 115 -8.71 -0.96 11.79
C SER A 115 -8.32 -0.65 13.23
N ALA A 116 -7.06 -0.29 13.44
CA ALA A 116 -6.56 0.04 14.77
C ALA A 116 -5.44 1.07 14.67
N GLN A 117 -5.35 1.94 15.67
CA GLN A 117 -4.33 2.97 15.70
C GLN A 117 -4.01 3.36 17.14
N GLU A 1 -0.37 3.03 15.40
CA GLU A 1 -1.74 3.25 14.91
C GLU A 1 -2.16 2.14 13.96
N GLY A 2 -1.20 1.57 13.24
CA GLY A 2 -1.49 0.50 12.32
C GLY A 2 -0.25 -0.02 11.62
N ARG A 3 -0.41 -1.10 10.86
CA ARG A 3 0.71 -1.70 10.14
C ARG A 3 0.48 -1.64 8.63
N ILE A 4 1.46 -1.10 7.92
CA ILE A 4 1.39 -0.99 6.47
C ILE A 4 2.64 -1.61 5.83
N VAL A 5 2.44 -2.42 4.79
CA VAL A 5 3.56 -3.05 4.10
C VAL A 5 3.83 -2.34 2.77
N LEU A 6 5.07 -1.95 2.56
CA LEU A 6 5.47 -1.24 1.36
C LEU A 6 6.38 -2.09 0.50
N VAL A 7 6.03 -2.24 -0.77
CA VAL A 7 6.82 -3.01 -1.71
C VAL A 7 7.35 -2.10 -2.79
N SER A 8 8.68 -2.01 -2.87
CA SER A 8 9.32 -1.13 -3.85
C SER A 8 10.78 -1.50 -4.04
N GLU A 9 11.23 -1.46 -5.30
CA GLU A 9 12.62 -1.76 -5.64
C GLU A 9 13.51 -0.53 -5.41
N ASP A 10 12.93 0.66 -5.51
CA ASP A 10 13.69 1.90 -5.36
C ASP A 10 13.80 2.30 -3.89
N GLU A 11 15.02 2.24 -3.37
CA GLU A 11 15.32 2.60 -1.98
C GLU A 11 15.01 4.07 -1.67
N ALA A 12 15.33 4.96 -2.61
CA ALA A 12 15.12 6.39 -2.42
C ALA A 12 13.65 6.75 -2.20
N THR A 13 12.76 6.18 -3.02
CA THR A 13 11.34 6.45 -2.88
C THR A 13 10.81 5.83 -1.60
N SER A 14 11.30 4.62 -1.30
CA SER A 14 10.88 3.89 -0.12
C SER A 14 11.21 4.64 1.16
N THR A 15 12.39 5.26 1.23
CA THR A 15 12.80 6.00 2.42
C THR A 15 11.96 7.26 2.64
N LEU A 16 11.56 7.91 1.54
CA LEU A 16 10.76 9.13 1.64
C LEU A 16 9.33 8.84 2.09
N ILE A 17 8.68 7.87 1.45
CA ILE A 17 7.31 7.52 1.78
C ILE A 17 7.19 6.88 3.17
N CYS A 18 8.18 6.05 3.53
CA CYS A 18 8.21 5.38 4.83
C CYS A 18 8.24 6.39 5.96
N SER A 19 9.08 7.42 5.81
CA SER A 19 9.23 8.45 6.82
C SER A 19 7.92 9.19 7.03
N ILE A 20 7.22 9.49 5.94
CA ILE A 20 5.95 10.20 6.00
C ILE A 20 4.91 9.38 6.78
N LEU A 21 4.79 8.11 6.44
CA LEU A 21 3.84 7.20 7.08
C LEU A 21 4.20 6.93 8.54
N THR A 22 5.49 6.75 8.82
CA THR A 22 5.94 6.48 10.18
C THR A 22 5.68 7.67 11.10
N THR A 23 5.90 8.88 10.58
CA THR A 23 5.67 10.11 11.34
C THR A 23 4.21 10.19 11.79
N ALA A 24 3.30 9.77 10.91
CA ALA A 24 1.88 9.77 11.20
C ALA A 24 1.54 8.80 12.33
N GLY A 25 2.46 7.89 12.63
CA GLY A 25 2.25 6.92 13.69
C GLY A 25 2.02 5.51 13.18
N TYR A 26 2.19 5.31 11.88
CA TYR A 26 1.98 3.99 11.29
C TYR A 26 3.31 3.28 11.06
N GLN A 27 3.34 1.97 11.29
CA GLN A 27 4.54 1.17 11.09
C GLN A 27 4.60 0.70 9.65
N VAL A 28 5.76 0.85 9.03
CA VAL A 28 5.91 0.43 7.65
C VAL A 28 6.96 -0.67 7.48
N ILE A 29 6.58 -1.73 6.77
CA ILE A 29 7.48 -2.84 6.48
C ILE A 29 7.83 -2.80 5.00
N TRP A 30 9.09 -2.57 4.71
CA TRP A 30 9.53 -2.46 3.32
C TRP A 30 10.06 -3.79 2.77
N LEU A 31 9.49 -4.21 1.65
CA LEU A 31 9.88 -5.46 0.99
C LEU A 31 10.37 -5.18 -0.43
N VAL A 32 11.39 -5.93 -0.86
CA VAL A 32 11.95 -5.79 -2.19
C VAL A 32 11.49 -6.90 -3.13
N ASP A 33 10.31 -7.47 -2.86
CA ASP A 33 9.79 -8.55 -3.69
C ASP A 33 8.27 -8.45 -3.87
N GLY A 34 7.53 -8.76 -2.81
CA GLY A 34 6.07 -8.69 -2.88
C GLY A 34 5.41 -10.05 -2.99
N GLU A 35 6.06 -11.09 -2.48
CA GLU A 35 5.50 -12.43 -2.50
C GLU A 35 4.32 -12.55 -1.55
N VAL A 36 3.34 -13.33 -1.99
CA VAL A 36 2.10 -13.54 -1.25
C VAL A 36 2.33 -14.21 0.10
N GLU A 37 3.24 -15.18 0.18
CA GLU A 37 3.49 -15.88 1.43
C GLU A 37 3.95 -14.91 2.52
N ARG A 38 4.88 -14.01 2.18
CA ARG A 38 5.36 -13.02 3.15
C ARG A 38 4.28 -11.98 3.45
N LEU A 39 3.58 -11.55 2.40
CA LEU A 39 2.52 -10.55 2.56
C LEU A 39 1.39 -11.11 3.42
N LEU A 40 1.04 -12.38 3.18
CA LEU A 40 -0.02 -13.04 3.95
C LEU A 40 0.40 -13.21 5.42
N ALA A 41 1.65 -13.63 5.63
CA ALA A 41 2.17 -13.84 6.99
C ALA A 41 2.19 -12.54 7.80
N LEU A 42 2.57 -11.45 7.15
CA LEU A 42 2.67 -10.15 7.80
C LEU A 42 1.45 -9.28 7.47
N THR A 43 0.33 -9.96 7.22
CA THR A 43 -0.95 -9.31 6.86
C THR A 43 -1.18 -7.95 7.54
N PRO A 44 -1.02 -6.87 6.76
CA PRO A 44 -1.23 -5.50 7.23
C PRO A 44 -2.65 -5.00 6.96
N ILE A 45 -2.91 -3.75 7.34
CA ILE A 45 -4.21 -3.13 7.10
C ILE A 45 -4.32 -2.82 5.61
N ALA A 46 -3.20 -2.41 5.05
CA ALA A 46 -3.10 -2.03 3.65
C ALA A 46 -1.70 -2.23 3.10
N VAL A 47 -1.59 -2.41 1.79
CA VAL A 47 -0.30 -2.59 1.13
C VAL A 47 -0.07 -1.52 0.07
N LEU A 48 1.18 -1.12 -0.07
CA LEU A 48 1.55 -0.14 -1.07
C LEU A 48 2.50 -0.78 -2.08
N LEU A 49 2.06 -0.88 -3.32
CA LEU A 49 2.88 -1.49 -4.35
C LEU A 49 3.47 -0.42 -5.26
N ALA A 50 4.78 -0.29 -5.25
CA ALA A 50 5.43 0.73 -6.07
C ALA A 50 6.18 0.14 -7.26
N GLU A 51 5.94 0.73 -8.42
CA GLU A 51 6.61 0.31 -9.65
C GLU A 51 8.05 0.84 -9.67
N PRO A 52 9.01 0.09 -10.25
CA PRO A 52 8.74 -1.22 -10.86
C PRO A 52 8.47 -2.31 -9.83
N PHE A 53 7.51 -3.16 -10.14
CA PHE A 53 7.12 -4.27 -9.26
C PHE A 53 8.02 -5.50 -9.44
N SER A 54 8.27 -6.21 -8.35
CA SER A 54 9.10 -7.41 -8.37
C SER A 54 8.23 -8.67 -8.42
N TYR A 55 7.07 -8.62 -7.77
CA TYR A 55 6.14 -9.74 -7.72
C TYR A 55 5.61 -10.14 -9.11
N GLY A 56 5.78 -9.26 -10.09
CA GLY A 56 5.34 -9.55 -11.44
C GLY A 56 4.02 -8.88 -11.80
N ASP A 57 3.02 -9.68 -12.13
CA ASP A 57 1.73 -9.16 -12.55
C ASP A 57 0.91 -8.66 -11.35
N VAL A 58 0.60 -7.37 -11.38
CA VAL A 58 -0.17 -6.72 -10.31
C VAL A 58 -1.58 -7.30 -10.16
N GLN A 59 -2.25 -7.55 -11.28
CA GLN A 59 -3.61 -8.07 -11.26
C GLN A 59 -3.68 -9.43 -10.57
N GLU A 60 -2.71 -10.29 -10.87
CA GLU A 60 -2.66 -11.63 -10.26
C GLU A 60 -2.42 -11.53 -8.76
N LEU A 61 -1.55 -10.62 -8.35
CA LEU A 61 -1.24 -10.40 -6.94
C LEU A 61 -2.50 -9.92 -6.22
N VAL A 62 -3.20 -9.00 -6.87
CA VAL A 62 -4.43 -8.45 -6.33
C VAL A 62 -5.47 -9.54 -6.16
N ASP A 63 -5.60 -10.39 -7.18
CA ASP A 63 -6.55 -11.50 -7.14
C ASP A 63 -6.21 -12.44 -5.99
N GLN A 64 -4.92 -12.67 -5.78
CA GLN A 64 -4.49 -13.56 -4.70
C GLN A 64 -4.72 -12.91 -3.35
N LEU A 65 -4.42 -11.62 -3.26
CA LEU A 65 -4.60 -10.88 -2.01
C LEU A 65 -6.08 -10.78 -1.64
N ARG A 66 -6.93 -10.52 -2.64
CA ARG A 66 -8.38 -10.41 -2.41
C ARG A 66 -8.98 -11.77 -2.09
N GLN A 67 -8.45 -12.80 -2.72
CA GLN A 67 -8.91 -14.16 -2.49
C GLN A 67 -8.65 -14.57 -1.05
N ARG A 68 -7.51 -14.15 -0.51
CA ARG A 68 -7.14 -14.48 0.86
C ARG A 68 -7.78 -13.50 1.85
N CYS A 69 -7.69 -12.22 1.53
CA CYS A 69 -8.26 -11.18 2.38
C CYS A 69 -9.16 -10.27 1.57
N THR A 70 -10.35 -10.01 2.08
CA THR A 70 -11.30 -9.14 1.41
C THR A 70 -10.78 -7.71 1.37
N PRO A 71 -11.26 -6.88 0.42
CA PRO A 71 -10.82 -5.47 0.31
C PRO A 71 -11.12 -4.69 1.59
N GLU A 72 -12.13 -5.12 2.32
CA GLU A 72 -12.50 -4.48 3.58
C GLU A 72 -11.44 -4.78 4.64
N GLN A 73 -10.95 -6.02 4.62
CA GLN A 73 -9.94 -6.48 5.56
C GLN A 73 -8.58 -5.85 5.27
N LEU A 74 -8.23 -5.76 3.99
CA LEU A 74 -6.95 -5.21 3.57
C LEU A 74 -7.09 -4.32 2.34
N LYS A 75 -6.57 -3.10 2.45
CA LYS A 75 -6.63 -2.15 1.33
C LYS A 75 -5.37 -2.25 0.48
N ILE A 76 -5.53 -2.04 -0.81
CA ILE A 76 -4.42 -2.12 -1.74
C ILE A 76 -4.24 -0.81 -2.50
N PHE A 77 -3.05 -0.25 -2.40
CA PHE A 77 -2.71 1.00 -3.09
C PHE A 77 -1.49 0.80 -4.00
N ILE A 78 -1.44 1.50 -5.12
CA ILE A 78 -0.34 1.37 -6.07
C ILE A 78 0.31 2.72 -6.40
N LEU A 79 1.64 2.71 -6.50
CA LEU A 79 2.41 3.91 -6.82
C LEU A 79 3.04 3.78 -8.19
N GLY A 80 3.04 4.87 -8.95
CA GLY A 80 3.60 4.85 -10.27
C GLY A 80 3.47 6.19 -10.96
N SER A 81 3.73 6.22 -12.26
CA SER A 81 3.63 7.46 -13.02
C SER A 81 2.20 8.01 -13.02
N LYS A 82 1.24 7.10 -13.08
CA LYS A 82 -0.17 7.46 -13.07
C LYS A 82 -0.99 6.44 -12.29
N GLY A 83 -0.76 5.16 -12.57
CA GLY A 83 -1.49 4.10 -11.90
C GLY A 83 -2.37 3.33 -12.87
N ASN A 84 -2.25 2.00 -12.86
CA ASN A 84 -3.04 1.16 -13.75
C ASN A 84 -4.46 0.94 -13.23
N TYR A 85 -4.66 1.24 -11.95
CA TYR A 85 -5.97 1.08 -11.28
C TYR A 85 -6.62 -0.28 -11.55
N GLN A 86 -5.86 -1.36 -11.39
CA GLN A 86 -6.39 -2.69 -11.60
C GLN A 86 -6.49 -3.46 -10.29
N GLY A 87 -7.69 -3.45 -9.71
CA GLY A 87 -7.90 -4.17 -8.46
C GLY A 87 -7.45 -3.40 -7.23
N VAL A 88 -7.18 -2.10 -7.38
CA VAL A 88 -6.74 -1.31 -6.25
C VAL A 88 -7.76 -0.24 -5.91
N ASP A 89 -7.79 0.15 -4.65
CA ASP A 89 -8.74 1.16 -4.16
C ASP A 89 -8.39 2.55 -4.68
N ARG A 90 -7.12 2.89 -4.67
CA ARG A 90 -6.68 4.21 -5.12
C ARG A 90 -5.32 4.14 -5.80
N TYR A 91 -5.02 5.14 -6.62
CA TYR A 91 -3.74 5.22 -7.32
C TYR A 91 -3.05 6.51 -6.92
N ILE A 92 -1.75 6.43 -6.64
CA ILE A 92 -1.01 7.62 -6.24
C ILE A 92 0.21 7.87 -7.12
N PRO A 93 0.08 8.78 -8.10
CA PRO A 93 1.16 9.14 -9.03
C PRO A 93 2.38 9.74 -8.33
N LEU A 94 3.57 9.40 -8.83
CA LEU A 94 4.82 9.90 -8.29
C LEU A 94 5.32 11.08 -9.14
N PRO A 95 6.04 12.03 -8.53
CA PRO A 95 6.37 11.99 -7.10
C PRO A 95 5.17 12.29 -6.20
N ILE A 96 5.08 11.54 -5.10
CA ILE A 96 4.01 11.72 -4.14
C ILE A 96 4.05 13.08 -3.47
N HIS A 97 2.88 13.61 -3.20
CA HIS A 97 2.74 14.89 -2.51
C HIS A 97 2.38 14.61 -1.06
N PRO A 98 3.28 14.90 -0.12
CA PRO A 98 3.06 14.62 1.32
C PRO A 98 1.84 15.30 1.91
N GLU A 99 1.48 16.47 1.38
CA GLU A 99 0.33 17.23 1.87
C GLU A 99 -0.99 16.51 1.61
N SER A 100 -1.12 15.92 0.43
CA SER A 100 -2.35 15.22 0.05
C SER A 100 -2.25 13.71 0.24
N PHE A 101 -1.03 13.20 0.35
CA PHE A 101 -0.81 11.76 0.53
C PHE A 101 -1.47 11.29 1.82
N LEU A 102 -1.21 12.00 2.92
CA LEU A 102 -1.78 11.66 4.21
C LEU A 102 -3.31 11.82 4.18
N GLN A 103 -3.77 12.85 3.48
CA GLN A 103 -5.20 13.11 3.36
C GLN A 103 -5.91 11.97 2.63
N GLN A 104 -5.30 11.48 1.56
CA GLN A 104 -5.87 10.38 0.78
C GLN A 104 -5.94 9.10 1.61
N VAL A 105 -4.88 8.83 2.38
CA VAL A 105 -4.84 7.65 3.23
C VAL A 105 -5.95 7.72 4.28
N THR A 106 -6.10 8.90 4.88
CA THR A 106 -7.12 9.14 5.89
C THR A 106 -8.52 8.96 5.31
N MET A 107 -8.75 9.53 4.12
CA MET A 107 -10.05 9.41 3.46
C MET A 107 -10.37 7.95 3.15
N GLY A 108 -9.38 7.22 2.64
CA GLY A 108 -9.57 5.81 2.35
C GLY A 108 -9.86 5.02 3.62
N LEU A 109 -9.15 5.35 4.68
CA LEU A 109 -9.30 4.71 5.98
C LEU A 109 -10.71 4.96 6.54
N THR A 110 -11.17 6.21 6.47
CA THR A 110 -12.49 6.57 6.98
C THR A 110 -13.60 5.97 6.12
N SER A 111 -13.30 5.68 4.87
CA SER A 111 -14.27 5.07 3.96
C SER A 111 -14.68 3.69 4.46
N LEU A 112 -13.69 2.95 4.98
CA LEU A 112 -13.93 1.61 5.51
C LEU A 112 -14.87 1.65 6.71
N ALA A 113 -14.60 2.56 7.64
CA ALA A 113 -15.43 2.70 8.84
C ALA A 113 -15.32 4.11 9.41
N THR A 114 -16.41 4.59 10.01
CA THR A 114 -16.45 5.92 10.58
C THR A 114 -15.60 6.01 11.85
N SER A 115 -15.46 4.87 12.54
CA SER A 115 -14.67 4.79 13.77
C SER A 115 -15.19 5.74 14.84
N ALA A 116 -16.51 5.88 14.91
CA ALA A 116 -17.15 6.76 15.88
C ALA A 116 -18.49 6.21 16.31
N GLN A 117 -18.92 6.56 17.52
CA GLN A 117 -20.20 6.09 18.05
C GLN A 117 -21.28 7.15 17.88
#